data_6W46
# 
_entry.id   6W46 
# 
_audit_conform.dict_name       mmcif_pdbx.dic 
_audit_conform.dict_version    5.403 
_audit_conform.dict_location   http://mmcif.pdb.org/dictionaries/ascii/mmcif_pdbx.dic 
# 
loop_
_database_2.database_id 
_database_2.database_code 
_database_2.pdbx_database_accession 
_database_2.pdbx_DOI 
PDB   6W46         pdb_00006w46 10.2210/pdb6w46/pdb 
WWPDB D_1000247559 ?            ?                   
# 
loop_
_pdbx_audit_revision_history.ordinal 
_pdbx_audit_revision_history.data_content_type 
_pdbx_audit_revision_history.major_revision 
_pdbx_audit_revision_history.minor_revision 
_pdbx_audit_revision_history.revision_date 
_pdbx_audit_revision_history.part_number 
1 'Structure model' 1 0 2020-08-12 ? 
2 'Structure model' 1 1 2021-07-28 ? 
3 'Structure model' 1 2 2025-04-02 ? 
# 
_pdbx_audit_revision_details.ordinal             1 
_pdbx_audit_revision_details.revision_ordinal    1 
_pdbx_audit_revision_details.data_content_type   'Structure model' 
_pdbx_audit_revision_details.provider            repository 
_pdbx_audit_revision_details.type                'Initial release' 
_pdbx_audit_revision_details.description         ? 
_pdbx_audit_revision_details.details             ? 
# 
loop_
_pdbx_audit_revision_group.ordinal 
_pdbx_audit_revision_group.revision_ordinal 
_pdbx_audit_revision_group.data_content_type 
_pdbx_audit_revision_group.group 
1 2 'Structure model' 'Database references' 
2 3 'Structure model' 'Data collection'     
3 3 'Structure model' 'Database references' 
4 3 'Structure model' 'Structure summary'   
# 
loop_
_pdbx_audit_revision_category.ordinal 
_pdbx_audit_revision_category.revision_ordinal 
_pdbx_audit_revision_category.data_content_type 
_pdbx_audit_revision_category.category 
1 2 'Structure model' citation                  
2 2 'Structure model' citation_author           
3 3 'Structure model' chem_comp_atom            
4 3 'Structure model' chem_comp_bond            
5 3 'Structure model' database_2                
6 3 'Structure model' pdbx_entry_details        
7 3 'Structure model' pdbx_modification_feature 
# 
loop_
_pdbx_audit_revision_item.ordinal 
_pdbx_audit_revision_item.revision_ordinal 
_pdbx_audit_revision_item.data_content_type 
_pdbx_audit_revision_item.item 
1  2 'Structure model' '_citation.journal_id_ISSN'                    
2  2 'Structure model' '_citation.journal_volume'                     
3  2 'Structure model' '_citation.page_first'                         
4  2 'Structure model' '_citation.page_last'                          
5  2 'Structure model' '_citation.pdbx_database_id_DOI'               
6  2 'Structure model' '_citation.pdbx_database_id_PubMed'            
7  2 'Structure model' '_citation.title'                              
8  2 'Structure model' '_citation_author.identifier_ORCID'            
9  3 'Structure model' '_database_2.pdbx_DOI'                         
10 3 'Structure model' '_database_2.pdbx_database_accession'          
11 3 'Structure model' '_pdbx_entry_details.has_protein_modification' 
# 
_pdbx_database_status.status_code                     REL 
_pdbx_database_status.status_code_sf                  REL 
_pdbx_database_status.status_code_mr                  ? 
_pdbx_database_status.entry_id                        6W46 
_pdbx_database_status.recvd_initial_deposition_date   2020-03-10 
_pdbx_database_status.SG_entry                        N 
_pdbx_database_status.deposit_site                    RCSB 
_pdbx_database_status.process_site                    RCSB 
_pdbx_database_status.status_code_cs                  ? 
_pdbx_database_status.status_code_nmr_data            ? 
_pdbx_database_status.methods_development_category    ? 
_pdbx_database_status.pdb_format_compatible           Y 
# 
loop_
_audit_author.name 
_audit_author.pdbx_ordinal 
_audit_author.identifier_ORCID 
'Chenoweth, D.M.' 1 0000-0002-0819-4669 
'Melton, S.D.'    2 0000-0003-0756-9470 
# 
_citation.abstract                  ? 
_citation.abstract_id_CAS           ? 
_citation.book_id_ISBN              ? 
_citation.book_publisher            ? 
_citation.book_publisher_city       ? 
_citation.book_title                ? 
_citation.coordinate_linkage        ? 
_citation.country                   UK 
_citation.database_id_Medline       ? 
_citation.details                   ? 
_citation.id                        primary 
_citation.journal_abbrev            'Chem Sci' 
_citation.journal_id_ASTM           ? 
_citation.journal_id_CSD            ? 
_citation.journal_id_ISSN           2041-6520 
_citation.journal_full              ? 
_citation.journal_issue             ? 
_citation.journal_volume            11 
_citation.language                  ? 
_citation.page_first                10638 
_citation.page_last                 10646 
_citation.title                     'Rules for the design of aza-glycine stabilized triple-helical collagen peptides.' 
_citation.year                      2020 
_citation.database_id_CSD           ? 
_citation.pdbx_database_id_DOI      10.1039/d0sc03003a 
_citation.pdbx_database_id_PubMed   34094319 
_citation.unpublished_flag          ? 
# 
loop_
_citation_author.citation_id 
_citation_author.name 
_citation_author.ordinal 
_citation_author.identifier_ORCID 
primary 'Melton, S.D.'      1 0000-0003-0756-9470 
primary 'Brackhahn, E.A.E.' 2 0000-0002-3775-1989 
primary 'Orlin, S.J.'       3 0000-0001-8543-5027 
primary 'Jin, P.'           4 0000-0002-7723-3051 
primary 'Chenoweth, D.M.'   5 0000-0002-0819-4669 
# 
loop_
_entity.id 
_entity.type 
_entity.src_method 
_entity.pdbx_description 
_entity.formula_weight 
_entity.pdbx_number_of_molecules 
_entity.pdbx_ec 
_entity.pdbx_mutation 
_entity.pdbx_fragment 
_entity.details 
1 polymer     syn 'Collagen-like peptide' 2847.886 3   ? ? ? ? 
2 non-polymer syn 1,2-ETHANEDIOL          62.068   4   ? ? ? ? 
3 water       nat water                   18.015   136 ? ? ? ? 
# 
_entity_poly.entity_id                      1 
_entity_poly.type                           'polypeptide(L)' 
_entity_poly.nstd_linkage                   no 
_entity_poly.nstd_monomer                   yes 
_entity_poly.pdbx_seq_one_letter_code       'P(HYP)GP(HYP)GPRGP(HYP)GP(HYP)GV(HYP)GP(HYP)GP(HYP)G(4BF)(HYP)GP(HYP)(GLZ)(NH2)' 
_entity_poly.pdbx_seq_one_letter_code_can   PPGPPGPRGPPGPPGVPGPPGPPGYPGPPGX 
_entity_poly.pdbx_strand_id                 A,B,C 
_entity_poly.pdbx_target_identifier         ? 
# 
loop_
_pdbx_entity_nonpoly.entity_id 
_pdbx_entity_nonpoly.name 
_pdbx_entity_nonpoly.comp_id 
2 1,2-ETHANEDIOL EDO 
3 water          HOH 
# 
loop_
_entity_poly_seq.entity_id 
_entity_poly_seq.num 
_entity_poly_seq.mon_id 
_entity_poly_seq.hetero 
1 1  PRO n 
1 2  HYP n 
1 3  GLY n 
1 4  PRO n 
1 5  HYP n 
1 6  GLY n 
1 7  PRO n 
1 8  ARG n 
1 9  GLY n 
1 10 PRO n 
1 11 HYP n 
1 12 GLY n 
1 13 PRO n 
1 14 HYP n 
1 15 GLY n 
1 16 VAL n 
1 17 HYP n 
1 18 GLY n 
1 19 PRO n 
1 20 HYP n 
1 21 GLY n 
1 22 PRO n 
1 23 HYP n 
1 24 GLY n 
1 25 4BF n 
1 26 HYP n 
1 27 GLY n 
1 28 PRO n 
1 29 HYP n 
1 30 GLZ n 
1 31 NH2 n 
# 
_pdbx_entity_src_syn.entity_id              1 
_pdbx_entity_src_syn.pdbx_src_id            1 
_pdbx_entity_src_syn.pdbx_alt_source_flag   sample 
_pdbx_entity_src_syn.pdbx_beg_seq_num       1 
_pdbx_entity_src_syn.pdbx_end_seq_num       31 
_pdbx_entity_src_syn.organism_scientific    'synthetic construct' 
_pdbx_entity_src_syn.organism_common_name   ? 
_pdbx_entity_src_syn.ncbi_taxonomy_id       32630 
_pdbx_entity_src_syn.details                ? 
# 
loop_
_chem_comp.id 
_chem_comp.type 
_chem_comp.mon_nstd_flag 
_chem_comp.name 
_chem_comp.pdbx_synonyms 
_chem_comp.formula 
_chem_comp.formula_weight 
4BF 'L-peptide linking' n 4-BROMO-L-PHENYLALANINE P-BROMO-L-PHENYLALANINE 'C9 H10 Br N O2' 244.085 
ARG 'L-peptide linking' y ARGININE                ?                       'C6 H15 N4 O2 1' 175.209 
EDO non-polymer         . 1,2-ETHANEDIOL          'ETHYLENE GLYCOL'       'C2 H6 O2'       62.068  
GLY 'peptide linking'   y GLYCINE                 ?                       'C2 H5 N O2'     75.067  
GLZ 'L-peptide linking' n AMINO-ACETALDEHYDE      ?                       'C2 H5 N O'      59.067  
HOH non-polymer         . WATER                   ?                       'H2 O'           18.015  
HYP 'L-peptide linking' n 4-HYDROXYPROLINE        HYDROXYPROLINE          'C5 H9 N O3'     131.130 
NH2 non-polymer         . 'AMINO GROUP'           ?                       'H2 N'           16.023  
PRO 'L-peptide linking' y PROLINE                 ?                       'C5 H9 N O2'     115.130 
VAL 'L-peptide linking' y VALINE                  ?                       'C5 H11 N O2'    117.146 
# 
loop_
_pdbx_poly_seq_scheme.asym_id 
_pdbx_poly_seq_scheme.entity_id 
_pdbx_poly_seq_scheme.seq_id 
_pdbx_poly_seq_scheme.mon_id 
_pdbx_poly_seq_scheme.ndb_seq_num 
_pdbx_poly_seq_scheme.pdb_seq_num 
_pdbx_poly_seq_scheme.auth_seq_num 
_pdbx_poly_seq_scheme.pdb_mon_id 
_pdbx_poly_seq_scheme.auth_mon_id 
_pdbx_poly_seq_scheme.pdb_strand_id 
_pdbx_poly_seq_scheme.pdb_ins_code 
_pdbx_poly_seq_scheme.hetero 
A 1 1  PRO 1  1  1  PRO PRO A . n 
A 1 2  HYP 2  2  2  HYP HYP A . n 
A 1 3  GLY 3  3  3  GLY GLY A . n 
A 1 4  PRO 4  4  4  PRO PRO A . n 
A 1 5  HYP 5  5  5  HYP HYP A . n 
A 1 6  GLY 6  6  6  GLY GLY A . n 
A 1 7  PRO 7  7  7  PRO PRO A . n 
A 1 8  ARG 8  8  8  ARG ARG A . n 
A 1 9  GLY 9  9  9  GLY GLY A . n 
A 1 10 PRO 10 10 10 PRO PRO A . n 
A 1 11 HYP 11 11 11 HYP HYP A . n 
A 1 12 GLY 12 12 12 GLY GLY A . n 
A 1 13 PRO 13 13 13 PRO PRO A . n 
A 1 14 HYP 14 14 14 HYP HYP A . n 
A 1 15 GLY 15 15 15 GLY GLY A . n 
A 1 16 VAL 16 16 16 VAL VAL A . n 
A 1 17 HYP 17 17 17 HYP HYP A . n 
A 1 18 GLY 18 18 18 GLY GLY A . n 
A 1 19 PRO 19 19 19 PRO PRO A . n 
A 1 20 HYP 20 20 20 HYP HYP A . n 
A 1 21 GLY 21 21 21 GLY GLY A . n 
A 1 22 PRO 22 22 22 PRO PRO A . n 
A 1 23 HYP 23 23 23 HYP HYP A . n 
A 1 24 GLY 24 24 24 GLY GLY A . n 
A 1 25 4BF 25 25 25 4BF 4BF A . n 
A 1 26 HYP 26 26 26 HYP HYP A . n 
A 1 27 GLY 27 27 27 GLY GLY A . n 
A 1 28 PRO 28 28 28 PRO PRO A . n 
A 1 29 HYP 29 29 29 HYP HYP A . n 
A 1 30 GLZ 30 30 30 GLZ GLZ A . n 
A 1 31 NH2 31 31 31 NH2 NH2 A . n 
B 1 1  PRO 1  1  1  PRO PRO B . n 
B 1 2  HYP 2  2  2  HYP HYP B . n 
B 1 3  GLY 3  3  3  GLY GLY B . n 
B 1 4  PRO 4  4  4  PRO PRO B . n 
B 1 5  HYP 5  5  5  HYP HYP B . n 
B 1 6  GLY 6  6  6  GLY GLY B . n 
B 1 7  PRO 7  7  7  PRO PRO B . n 
B 1 8  ARG 8  8  8  ARG ARG B . n 
B 1 9  GLY 9  9  9  GLY GLY B . n 
B 1 10 PRO 10 10 10 PRO PRO B . n 
B 1 11 HYP 11 11 11 HYP HYP B . n 
B 1 12 GLY 12 12 12 GLY GLY B . n 
B 1 13 PRO 13 13 13 PRO PRO B . n 
B 1 14 HYP 14 14 14 HYP HYP B . n 
B 1 15 GLY 15 15 15 GLY GLY B . n 
B 1 16 VAL 16 16 16 VAL VAL B . n 
B 1 17 HYP 17 17 17 HYP HYP B . n 
B 1 18 GLY 18 18 18 GLY GLY B . n 
B 1 19 PRO 19 19 19 PRO PRO B . n 
B 1 20 HYP 20 20 20 HYP HYP B . n 
B 1 21 GLY 21 21 21 GLY GLY B . n 
B 1 22 PRO 22 22 22 PRO PRO B . n 
B 1 23 HYP 23 23 23 HYP HYP B . n 
B 1 24 GLY 24 24 24 GLY GLY B . n 
B 1 25 4BF 25 25 25 4BF 4BF B . n 
B 1 26 HYP 26 26 26 HYP HYP B . n 
B 1 27 GLY 27 27 27 GLY GLY B . n 
B 1 28 PRO 28 28 28 PRO PRO B . n 
B 1 29 HYP 29 29 29 HYP HYP B . n 
B 1 30 GLZ 30 30 30 GLZ GLZ B . n 
B 1 31 NH2 31 31 31 NH2 NH2 B . n 
C 1 1  PRO 1  1  1  PRO PRO C . n 
C 1 2  HYP 2  2  2  HYP HYP C . n 
C 1 3  GLY 3  3  3  GLY GLY C . n 
C 1 4  PRO 4  4  4  PRO PRO C . n 
C 1 5  HYP 5  5  5  HYP HYP C . n 
C 1 6  GLY 6  6  6  GLY GLY C . n 
C 1 7  PRO 7  7  7  PRO PRO C . n 
C 1 8  ARG 8  8  8  ARG ARG C . n 
C 1 9  GLY 9  9  9  GLY GLY C . n 
C 1 10 PRO 10 10 10 PRO PRO C . n 
C 1 11 HYP 11 11 11 HYP HYP C . n 
C 1 12 GLY 12 12 12 GLY GLY C . n 
C 1 13 PRO 13 13 13 PRO PRO C . n 
C 1 14 HYP 14 14 14 HYP HYP C . n 
C 1 15 GLY 15 15 15 GLY GLY C . n 
C 1 16 VAL 16 16 16 VAL VAL C . n 
C 1 17 HYP 17 17 17 HYP HYP C . n 
C 1 18 GLY 18 18 18 GLY GLY C . n 
C 1 19 PRO 19 19 19 PRO PRO C . n 
C 1 20 HYP 20 20 20 HYP HYP C . n 
C 1 21 GLY 21 21 21 GLY GLY C . n 
C 1 22 PRO 22 22 22 PRO PRO C . n 
C 1 23 HYP 23 23 23 HYP HYP C . n 
C 1 24 GLY 24 24 24 GLY GLY C . n 
C 1 25 4BF 25 25 25 4BF 4BF C . n 
C 1 26 HYP 26 26 26 HYP HYP C . n 
C 1 27 GLY 27 27 27 GLY GLY C . n 
C 1 28 PRO 28 28 28 PRO PRO C . n 
C 1 29 HYP 29 29 29 HYP HYP C . n 
C 1 30 GLZ 30 30 30 GLZ GLZ C . n 
C 1 31 NH2 31 31 31 NH2 NH2 C . n 
# 
loop_
_pdbx_nonpoly_scheme.asym_id 
_pdbx_nonpoly_scheme.entity_id 
_pdbx_nonpoly_scheme.mon_id 
_pdbx_nonpoly_scheme.ndb_seq_num 
_pdbx_nonpoly_scheme.pdb_seq_num 
_pdbx_nonpoly_scheme.auth_seq_num 
_pdbx_nonpoly_scheme.pdb_mon_id 
_pdbx_nonpoly_scheme.auth_mon_id 
_pdbx_nonpoly_scheme.pdb_strand_id 
_pdbx_nonpoly_scheme.pdb_ins_code 
D 2 EDO 1  101 1   EDO EDO A . 
E 2 EDO 1  101 4   EDO EDO B . 
F 2 EDO 1  101 2   EDO EDO C . 
G 2 EDO 1  102 3   EDO EDO C . 
H 3 HOH 1  201 58  HOH HOH A . 
H 3 HOH 2  202 48  HOH HOH A . 
H 3 HOH 3  203 80  HOH HOH A . 
H 3 HOH 4  204 18  HOH HOH A . 
H 3 HOH 5  205 45  HOH HOH A . 
H 3 HOH 6  206 64  HOH HOH A . 
H 3 HOH 7  207 90  HOH HOH A . 
H 3 HOH 8  208 44  HOH HOH A . 
H 3 HOH 9  209 24  HOH HOH A . 
H 3 HOH 10 210 107 HOH HOH A . 
H 3 HOH 11 211 4   HOH HOH A . 
H 3 HOH 12 212 7   HOH HOH A . 
H 3 HOH 13 213 23  HOH HOH A . 
H 3 HOH 14 214 53  HOH HOH A . 
H 3 HOH 15 215 129 HOH HOH A . 
H 3 HOH 16 216 21  HOH HOH A . 
H 3 HOH 17 217 42  HOH HOH A . 
H 3 HOH 18 218 126 HOH HOH A . 
H 3 HOH 19 219 19  HOH HOH A . 
H 3 HOH 20 220 105 HOH HOH A . 
H 3 HOH 21 221 57  HOH HOH A . 
H 3 HOH 22 222 74  HOH HOH A . 
H 3 HOH 23 223 117 HOH HOH A . 
H 3 HOH 24 224 36  HOH HOH A . 
H 3 HOH 25 225 76  HOH HOH A . 
H 3 HOH 26 226 27  HOH HOH A . 
H 3 HOH 27 227 114 HOH HOH A . 
H 3 HOH 28 228 123 HOH HOH A . 
H 3 HOH 29 229 135 HOH HOH A . 
H 3 HOH 30 230 108 HOH HOH A . 
H 3 HOH 31 231 120 HOH HOH A . 
H 3 HOH 32 232 35  HOH HOH A . 
H 3 HOH 33 233 100 HOH HOH A . 
H 3 HOH 34 234 55  HOH HOH A . 
H 3 HOH 35 235 98  HOH HOH A . 
H 3 HOH 36 236 86  HOH HOH A . 
H 3 HOH 37 237 16  HOH HOH A . 
H 3 HOH 38 238 41  HOH HOH A . 
H 3 HOH 39 239 78  HOH HOH A . 
H 3 HOH 40 240 97  HOH HOH A . 
H 3 HOH 41 241 136 HOH HOH A . 
H 3 HOH 42 242 130 HOH HOH A . 
H 3 HOH 43 243 92  HOH HOH A . 
H 3 HOH 44 244 72  HOH HOH A . 
H 3 HOH 45 245 37  HOH HOH A . 
I 3 HOH 1  201 122 HOH HOH B . 
I 3 HOH 2  202 71  HOH HOH B . 
I 3 HOH 3  203 125 HOH HOH B . 
I 3 HOH 4  204 77  HOH HOH B . 
I 3 HOH 5  205 93  HOH HOH B . 
I 3 HOH 6  206 96  HOH HOH B . 
I 3 HOH 7  207 68  HOH HOH B . 
I 3 HOH 8  208 52  HOH HOH B . 
I 3 HOH 9  209 69  HOH HOH B . 
I 3 HOH 10 210 82  HOH HOH B . 
I 3 HOH 11 211 59  HOH HOH B . 
I 3 HOH 12 212 38  HOH HOH B . 
I 3 HOH 13 213 66  HOH HOH B . 
I 3 HOH 14 214 1   HOH HOH B . 
I 3 HOH 15 215 121 HOH HOH B . 
I 3 HOH 16 216 75  HOH HOH B . 
I 3 HOH 17 217 46  HOH HOH B . 
I 3 HOH 18 218 62  HOH HOH B . 
I 3 HOH 19 219 54  HOH HOH B . 
I 3 HOH 20 220 61  HOH HOH B . 
I 3 HOH 21 221 31  HOH HOH B . 
I 3 HOH 22 222 5   HOH HOH B . 
I 3 HOH 23 223 28  HOH HOH B . 
I 3 HOH 24 224 6   HOH HOH B . 
I 3 HOH 25 225 65  HOH HOH B . 
I 3 HOH 26 226 51  HOH HOH B . 
I 3 HOH 27 227 111 HOH HOH B . 
I 3 HOH 28 228 39  HOH HOH B . 
I 3 HOH 29 229 30  HOH HOH B . 
I 3 HOH 30 230 10  HOH HOH B . 
I 3 HOH 31 231 43  HOH HOH B . 
I 3 HOH 32 232 119 HOH HOH B . 
I 3 HOH 33 233 94  HOH HOH B . 
I 3 HOH 34 234 70  HOH HOH B . 
I 3 HOH 35 235 104 HOH HOH B . 
I 3 HOH 36 236 47  HOH HOH B . 
I 3 HOH 37 237 40  HOH HOH B . 
I 3 HOH 38 238 95  HOH HOH B . 
I 3 HOH 39 239 106 HOH HOH B . 
I 3 HOH 40 240 115 HOH HOH B . 
I 3 HOH 41 241 110 HOH HOH B . 
I 3 HOH 42 242 79  HOH HOH B . 
I 3 HOH 43 243 22  HOH HOH B . 
I 3 HOH 44 244 32  HOH HOH B . 
I 3 HOH 45 245 63  HOH HOH B . 
I 3 HOH 46 246 84  HOH HOH B . 
I 3 HOH 47 247 99  HOH HOH B . 
I 3 HOH 48 248 127 HOH HOH B . 
J 3 HOH 1  201 109 HOH HOH C . 
J 3 HOH 2  202 89  HOH HOH C . 
J 3 HOH 3  203 91  HOH HOH C . 
J 3 HOH 4  204 29  HOH HOH C . 
J 3 HOH 5  205 128 HOH HOH C . 
J 3 HOH 6  206 26  HOH HOH C . 
J 3 HOH 7  207 2   HOH HOH C . 
J 3 HOH 8  208 87  HOH HOH C . 
J 3 HOH 9  209 113 HOH HOH C . 
J 3 HOH 10 210 8   HOH HOH C . 
J 3 HOH 11 211 13  HOH HOH C . 
J 3 HOH 12 212 20  HOH HOH C . 
J 3 HOH 13 213 15  HOH HOH C . 
J 3 HOH 14 214 3   HOH HOH C . 
J 3 HOH 15 215 49  HOH HOH C . 
J 3 HOH 16 216 112 HOH HOH C . 
J 3 HOH 17 217 33  HOH HOH C . 
J 3 HOH 18 218 9   HOH HOH C . 
J 3 HOH 19 219 11  HOH HOH C . 
J 3 HOH 20 220 131 HOH HOH C . 
J 3 HOH 21 221 12  HOH HOH C . 
J 3 HOH 22 222 118 HOH HOH C . 
J 3 HOH 23 223 116 HOH HOH C . 
J 3 HOH 24 224 17  HOH HOH C . 
J 3 HOH 25 225 103 HOH HOH C . 
J 3 HOH 26 226 50  HOH HOH C . 
J 3 HOH 27 227 14  HOH HOH C . 
J 3 HOH 28 228 73  HOH HOH C . 
J 3 HOH 29 229 81  HOH HOH C . 
J 3 HOH 30 230 60  HOH HOH C . 
J 3 HOH 31 231 83  HOH HOH C . 
J 3 HOH 32 232 124 HOH HOH C . 
J 3 HOH 33 233 133 HOH HOH C . 
J 3 HOH 34 234 101 HOH HOH C . 
J 3 HOH 35 235 67  HOH HOH C . 
J 3 HOH 36 236 132 HOH HOH C . 
J 3 HOH 37 237 85  HOH HOH C . 
J 3 HOH 38 238 134 HOH HOH C . 
J 3 HOH 39 239 56  HOH HOH C . 
J 3 HOH 40 240 34  HOH HOH C . 
J 3 HOH 41 241 88  HOH HOH C . 
J 3 HOH 42 242 25  HOH HOH C . 
J 3 HOH 43 243 102 HOH HOH C . 
# 
loop_
_software.citation_id 
_software.classification 
_software.compiler_name 
_software.compiler_version 
_software.contact_author 
_software.contact_author_email 
_software.date 
_software.description 
_software.dependencies 
_software.hardware 
_software.language 
_software.location 
_software.mods 
_software.name 
_software.os 
_software.os_version 
_software.type 
_software.version 
_software.pdbx_ordinal 
? refinement       ? ? ? ? ? ? ? ? ? ? ? PHENIX  ? ? ? 1.18RC2_3794 1 
? 'data reduction' ? ? ? ? ? ? ? ? ? ? ? MOSFLM  ? ? ? 7.2.2        2 
? 'data scaling'   ? ? ? ? ? ? ? ? ? ? ? Aimless ? ? ? 0.7.4        3 
? phasing          ? ? ? ? ? ? ? ? ? ? ? PHASER  ? ? ? 2.8.3        4 
? 'model building' ? ? ? ? ? ? ? ? ? ? ? Coot    ? ? ? '0.8.9.2 EL' 5 
# 
_cell.entry_id           6W46 
_cell.length_a           37.300 
_cell.length_b           19.680 
_cell.length_c           40.810 
_cell.angle_alpha        90.00 
_cell.angle_beta         93.26 
_cell.angle_gamma        90.00 
_cell.Z_PDB              6 
_cell.pdbx_unique_axis   ? 
# 
_symmetry.entry_id                         6W46 
_symmetry.space_group_name_H-M             'P 1 21 1' 
_symmetry.pdbx_full_space_group_name_H-M   ? 
_symmetry.cell_setting                     ? 
_symmetry.Int_Tables_number                4 
# 
_exptl.absorpt_coefficient_mu     ? 
_exptl.absorpt_correction_T_max   ? 
_exptl.absorpt_correction_T_min   ? 
_exptl.absorpt_correction_type    ? 
_exptl.absorpt_process_details    ? 
_exptl.entry_id                   6W46 
_exptl.crystals_number            1 
_exptl.details                    ? 
_exptl.method                     'X-RAY DIFFRACTION' 
_exptl.method_details             ? 
# 
_exptl_crystal.colour                      ? 
_exptl_crystal.density_diffrn              ? 
_exptl_crystal.density_Matthews            1.75 
_exptl_crystal.density_method              ? 
_exptl_crystal.density_percent_sol         29.73 
_exptl_crystal.description                 ? 
_exptl_crystal.F_000                       ? 
_exptl_crystal.id                          1 
_exptl_crystal.preparation                 ? 
_exptl_crystal.size_max                    ? 
_exptl_crystal.size_mid                    ? 
_exptl_crystal.size_min                    ? 
_exptl_crystal.size_rad                    ? 
_exptl_crystal.colour_lustre               ? 
_exptl_crystal.colour_modifier             ? 
_exptl_crystal.colour_primary              ? 
_exptl_crystal.density_meas                ? 
_exptl_crystal.density_meas_esd            ? 
_exptl_crystal.density_meas_gt             ? 
_exptl_crystal.density_meas_lt             ? 
_exptl_crystal.density_meas_temp           ? 
_exptl_crystal.density_meas_temp_esd       ? 
_exptl_crystal.density_meas_temp_gt        ? 
_exptl_crystal.density_meas_temp_lt        ? 
_exptl_crystal.pdbx_crystal_image_url      ? 
_exptl_crystal.pdbx_crystal_image_format   ? 
_exptl_crystal.pdbx_mosaicity              ? 
_exptl_crystal.pdbx_mosaicity_esd          ? 
# 
_exptl_crystal_grow.apparatus       ? 
_exptl_crystal_grow.atmosphere      ? 
_exptl_crystal_grow.crystal_id      1 
_exptl_crystal_grow.details         ? 
_exptl_crystal_grow.method          'VAPOR DIFFUSION, SITTING DROP' 
_exptl_crystal_grow.method_ref      ? 
_exptl_crystal_grow.pH              7.6 
_exptl_crystal_grow.pressure        ? 
_exptl_crystal_grow.pressure_esd    ? 
_exptl_crystal_grow.seeding         ? 
_exptl_crystal_grow.seeding_ref     ? 
_exptl_crystal_grow.temp            298 
_exptl_crystal_grow.temp_details    ? 
_exptl_crystal_grow.temp_esd        ? 
_exptl_crystal_grow.time            ? 
_exptl_crystal_grow.pdbx_details    
;Crystallization: 0.01 M Li2SO4 Monohydrate, 0.094 M Tris HCl, 30% PEG 4000

Cryoprotectant: 20% Glycerol
;
_exptl_crystal_grow.pdbx_pH_range   ? 
# 
_diffrn.ambient_environment              ? 
_diffrn.ambient_temp                     100 
_diffrn.ambient_temp_details             ? 
_diffrn.ambient_temp_esd                 ? 
_diffrn.crystal_id                       1 
_diffrn.crystal_support                  ? 
_diffrn.crystal_treatment                ? 
_diffrn.details                          ? 
_diffrn.id                               1 
_diffrn.ambient_pressure                 ? 
_diffrn.ambient_pressure_esd             ? 
_diffrn.ambient_pressure_gt              ? 
_diffrn.ambient_pressure_lt              ? 
_diffrn.ambient_temp_gt                  ? 
_diffrn.ambient_temp_lt                  ? 
_diffrn.pdbx_serial_crystal_experiment   N 
# 
_diffrn_detector.details                      ? 
_diffrn_detector.detector                     PIXEL 
_diffrn_detector.diffrn_id                    1 
_diffrn_detector.type                         'DECTRIS EIGER X 9M' 
_diffrn_detector.area_resol_mean              ? 
_diffrn_detector.dtime                        ? 
_diffrn_detector.pdbx_frames_total            ? 
_diffrn_detector.pdbx_collection_time_total   ? 
_diffrn_detector.pdbx_collection_date         2020-02-12 
_diffrn_detector.pdbx_frequency               ? 
# 
_diffrn_radiation.collimation                      ? 
_diffrn_radiation.diffrn_id                        1 
_diffrn_radiation.filter_edge                      ? 
_diffrn_radiation.inhomogeneity                    ? 
_diffrn_radiation.monochromator                    ? 
_diffrn_radiation.polarisn_norm                    ? 
_diffrn_radiation.polarisn_ratio                   ? 
_diffrn_radiation.probe                            ? 
_diffrn_radiation.type                             ? 
_diffrn_radiation.xray_symbol                      ? 
_diffrn_radiation.wavelength_id                    1 
_diffrn_radiation.pdbx_monochromatic_or_laue_m_l   M 
_diffrn_radiation.pdbx_wavelength_list             ? 
_diffrn_radiation.pdbx_wavelength                  ? 
_diffrn_radiation.pdbx_diffrn_protocol             'SINGLE WAVELENGTH' 
_diffrn_radiation.pdbx_analyzer                    ? 
_diffrn_radiation.pdbx_scattering_type             x-ray 
# 
_diffrn_radiation_wavelength.id           1 
_diffrn_radiation_wavelength.wavelength   0.9198 
_diffrn_radiation_wavelength.wt           1.0 
# 
_diffrn_source.current                     ? 
_diffrn_source.details                     ? 
_diffrn_source.diffrn_id                   1 
_diffrn_source.power                       ? 
_diffrn_source.size                        ? 
_diffrn_source.source                      SYNCHROTRON 
_diffrn_source.target                      ? 
_diffrn_source.type                        'NSLS-II BEAMLINE 17-ID-1' 
_diffrn_source.voltage                     ? 
_diffrn_source.take-off_angle              ? 
_diffrn_source.pdbx_wavelength_list        0.9198 
_diffrn_source.pdbx_wavelength             ? 
_diffrn_source.pdbx_synchrotron_beamline   17-ID-1 
_diffrn_source.pdbx_synchrotron_site       NSLS-II 
# 
_reflns.B_iso_Wilson_estimate            8.83 
_reflns.entry_id                         6W46 
_reflns.data_reduction_details           ? 
_reflns.data_reduction_method            ? 
_reflns.d_resolution_high                1.25 
_reflns.d_resolution_low                 37.24 
_reflns.details                          ? 
_reflns.limit_h_max                      ? 
_reflns.limit_h_min                      ? 
_reflns.limit_k_max                      ? 
_reflns.limit_k_min                      ? 
_reflns.limit_l_max                      ? 
_reflns.limit_l_min                      ? 
_reflns.number_all                       ? 
_reflns.number_obs                       16476 
_reflns.observed_criterion               ? 
_reflns.observed_criterion_F_max         ? 
_reflns.observed_criterion_F_min         ? 
_reflns.observed_criterion_I_max         ? 
_reflns.observed_criterion_I_min         ? 
_reflns.observed_criterion_sigma_F       ? 
_reflns.observed_criterion_sigma_I       ? 
_reflns.percent_possible_obs             97.47 
_reflns.R_free_details                   ? 
_reflns.Rmerge_F_all                     ? 
_reflns.Rmerge_F_obs                     ? 
_reflns.Friedel_coverage                 ? 
_reflns.number_gt                        ? 
_reflns.threshold_expression             ? 
_reflns.pdbx_redundancy                  2.9 
_reflns.pdbx_Rmerge_I_obs                0.115 
_reflns.pdbx_Rmerge_I_all                ? 
_reflns.pdbx_Rsym_value                  ? 
_reflns.pdbx_netI_over_av_sigmaI         ? 
_reflns.pdbx_netI_over_sigmaI            5.7 
_reflns.pdbx_res_netI_over_av_sigmaI_2   ? 
_reflns.pdbx_res_netI_over_sigmaI_2      ? 
_reflns.pdbx_chi_squared                 ? 
_reflns.pdbx_scaling_rejects             ? 
_reflns.pdbx_d_res_high_opt              ? 
_reflns.pdbx_d_res_low_opt               ? 
_reflns.pdbx_d_res_opt_method            ? 
_reflns.phase_calculation_details        ? 
_reflns.pdbx_Rrim_I_all                  0.141 
_reflns.pdbx_Rpim_I_all                  0.080 
_reflns.pdbx_d_opt                       ? 
_reflns.pdbx_number_measured_all         ? 
_reflns.pdbx_diffrn_id                   1 
_reflns.pdbx_ordinal                     1 
_reflns.pdbx_CC_half                     0.994 
_reflns.pdbx_CC_star                     ? 
_reflns.pdbx_R_split                     ? 
# 
_reflns_shell.d_res_high                  1.25 
_reflns_shell.d_res_low                   1.295 
_reflns_shell.meanI_over_sigI_all         ? 
_reflns_shell.meanI_over_sigI_obs         1.7 
_reflns_shell.number_measured_all         ? 
_reflns_shell.number_measured_obs         ? 
_reflns_shell.number_possible             ? 
_reflns_shell.number_unique_all           ? 
_reflns_shell.number_unique_obs           1611 
_reflns_shell.percent_possible_all        96.44 
_reflns_shell.percent_possible_obs        ? 
_reflns_shell.Rmerge_F_all                ? 
_reflns_shell.Rmerge_F_obs                ? 
_reflns_shell.Rmerge_I_all                ? 
_reflns_shell.Rmerge_I_obs                1.081 
_reflns_shell.meanI_over_sigI_gt          ? 
_reflns_shell.meanI_over_uI_all           ? 
_reflns_shell.meanI_over_uI_gt            ? 
_reflns_shell.number_measured_gt          ? 
_reflns_shell.number_unique_gt            ? 
_reflns_shell.percent_possible_gt         ? 
_reflns_shell.Rmerge_F_gt                 ? 
_reflns_shell.Rmerge_I_gt                 ? 
_reflns_shell.pdbx_redundancy             3.0 
_reflns_shell.pdbx_Rsym_value             ? 
_reflns_shell.pdbx_chi_squared            ? 
_reflns_shell.pdbx_netI_over_sigmaI_all   ? 
_reflns_shell.pdbx_netI_over_sigmaI_obs   ? 
_reflns_shell.pdbx_Rrim_I_all             1.314 
_reflns_shell.pdbx_Rpim_I_all             0.736 
_reflns_shell.pdbx_rejects                ? 
_reflns_shell.pdbx_ordinal                1 
_reflns_shell.pdbx_diffrn_id              1 
_reflns_shell.pdbx_CC_half                0.574 
_reflns_shell.pdbx_CC_star                ? 
_reflns_shell.pdbx_R_split                ? 
# 
_refine.pdbx_refine_id                           'X-RAY DIFFRACTION' 
_refine.entry_id                                 6W46 
_refine.pdbx_diffrn_id                           1 
_refine.pdbx_TLS_residual_ADP_flag               ? 
_refine.ls_number_reflns_obs                     16382 
_refine.ls_number_reflns_all                     ? 
_refine.pdbx_ls_sigma_I                          ? 
_refine.pdbx_ls_sigma_F                          1.350 
_refine.pdbx_data_cutoff_high_absF               ? 
_refine.pdbx_data_cutoff_low_absF                ? 
_refine.pdbx_data_cutoff_high_rms_absF           ? 
_refine.ls_d_res_low                             37.24 
_refine.ls_d_res_high                            1.25 
_refine.ls_percent_reflns_obs                    97.5 
_refine.ls_R_factor_obs                          0.192 
_refine.ls_R_factor_all                          ? 
_refine.ls_R_factor_R_work                       0.187 
_refine.ls_R_factor_R_free                       0.227 
_refine.ls_R_factor_R_free_error                 ? 
_refine.ls_R_factor_R_free_error_details         ? 
_refine.ls_percent_reflns_R_free                 9.970 
_refine.ls_number_reflns_R_free                  1633 
_refine.ls_number_parameters                     ? 
_refine.ls_number_restraints                     ? 
_refine.occupancy_min                            ? 
_refine.occupancy_max                            ? 
_refine.correlation_coeff_Fo_to_Fc               ? 
_refine.correlation_coeff_Fo_to_Fc_free          ? 
_refine.B_iso_mean                               16.20 
_refine.aniso_B[1][1]                            ? 
_refine.aniso_B[2][2]                            ? 
_refine.aniso_B[3][3]                            ? 
_refine.aniso_B[1][2]                            ? 
_refine.aniso_B[1][3]                            ? 
_refine.aniso_B[2][3]                            ? 
_refine.solvent_model_details                    ? 
_refine.solvent_model_param_ksol                 ? 
_refine.solvent_model_param_bsol                 ? 
_refine.pdbx_solvent_vdw_probe_radii             1.11 
_refine.pdbx_solvent_ion_probe_radii             ? 
_refine.pdbx_solvent_shrinkage_radii             0.90 
_refine.pdbx_ls_cross_valid_method               'FREE R-VALUE' 
_refine.details                                  ? 
_refine.pdbx_starting_model                      ? 
_refine.pdbx_method_to_determine_struct          'MOLECULAR REPLACEMENT' 
_refine.pdbx_isotropic_thermal_model             ? 
_refine.pdbx_stereochemistry_target_values       ? 
_refine.pdbx_stereochem_target_val_spec_case     ? 
_refine.pdbx_R_Free_selection_details            ? 
_refine.pdbx_overall_ESU_R                       ? 
_refine.pdbx_overall_ESU_R_Free                  ? 
_refine.overall_SU_ML                            0.166 
_refine.pdbx_overall_phase_error                 26.243 
_refine.overall_SU_B                             ? 
_refine.overall_SU_R_Cruickshank_DPI             ? 
_refine.pdbx_overall_SU_R_free_Cruickshank_DPI   ? 
_refine.pdbx_overall_SU_R_Blow_DPI               ? 
_refine.pdbx_overall_SU_R_free_Blow_DPI          ? 
# 
_refine_hist.pdbx_refine_id                   'X-RAY DIFFRACTION' 
_refine_hist.cycle_id                         LAST 
_refine_hist.pdbx_number_atoms_protein        597 
_refine_hist.pdbx_number_atoms_nucleic_acid   0 
_refine_hist.pdbx_number_atoms_ligand         16 
_refine_hist.number_atoms_solvent             136 
_refine_hist.number_atoms_total               749 
_refine_hist.d_res_high                       1.25 
_refine_hist.d_res_low                        37.24 
# 
loop_
_refine_ls_restr.type 
_refine_ls_restr.dev_ideal 
_refine_ls_restr.dev_ideal_target 
_refine_ls_restr.weight 
_refine_ls_restr.number 
_refine_ls_restr.pdbx_refine_id 
_refine_ls_restr.pdbx_restraint_function 
f_bond_d           0.010  ? ? 693 'X-RAY DIFFRACTION' ? 
f_angle_d          1.338  ? ? 967 'X-RAY DIFFRACTION' ? 
f_dihedral_angle_d 28.096 ? ? 136 'X-RAY DIFFRACTION' ? 
f_chiral_restr     0.068  ? ? 95  'X-RAY DIFFRACTION' ? 
f_plane_restr      0.006  ? ? 124 'X-RAY DIFFRACTION' ? 
# 
loop_
_refine_ls_restr_ncs.pdbx_refine_id 
_refine_ls_restr_ncs.dom_id 
_refine_ls_restr_ncs.pdbx_ens_id 
_refine_ls_restr_ncs.pdbx_ordinal 
_refine_ls_restr_ncs.ncs_model_details 
_refine_ls_restr_ncs.rms_dev_position 
_refine_ls_restr_ncs.weight_position 
_refine_ls_restr_ncs.rms_dev_B_iso 
_refine_ls_restr_ncs.weight_B_iso 
_refine_ls_restr_ncs.pdbx_auth_asym_id 
_refine_ls_restr_ncs.pdbx_number 
_refine_ls_restr_ncs.pdbx_type 
_refine_ls_restr_ncs.pdbx_asym_id 
_refine_ls_restr_ncs.pdbx_rms 
_refine_ls_restr_ncs.pdbx_weight 
'X-RAY DIFFRACTION' 1 1 1 ? ? ? ? ? A ? POSITIONAL ? ? ? 
'X-RAY DIFFRACTION' 2 1 2 ? ? ? ? ? B ? POSITIONAL ? ? ? 
'X-RAY DIFFRACTION' 3 1 3 ? ? ? ? ? C ? POSITIONAL ? ? ? 
# 
loop_
_refine_ls_shell.pdbx_refine_id 
_refine_ls_shell.pdbx_total_number_of_bins_used 
_refine_ls_shell.d_res_high 
_refine_ls_shell.d_res_low 
_refine_ls_shell.number_reflns_R_work 
_refine_ls_shell.R_factor_R_work 
_refine_ls_shell.percent_reflns_obs 
_refine_ls_shell.R_factor_R_free 
_refine_ls_shell.R_factor_R_free_error 
_refine_ls_shell.percent_reflns_R_free 
_refine_ls_shell.number_reflns_R_free 
_refine_ls_shell.number_reflns_all 
_refine_ls_shell.R_factor_all 
_refine_ls_shell.R_factor_obs 
_refine_ls_shell.number_reflns_obs 
'X-RAY DIFFRACTION' . 1.2500 1.2900  1220 0.2812 97.00 0.3165 . . 125 . . . . 
'X-RAY DIFFRACTION' . 1.2900 1.3300  1178 0.2639 95.00 0.3116 . . 141 . . . . 
'X-RAY DIFFRACTION' . 1.3300 1.3800  1196 0.2410 98.00 0.2952 . . 134 . . . . 
'X-RAY DIFFRACTION' . 1.3800 1.4300  1185 0.2258 94.00 0.2912 . . 138 . . . . 
'X-RAY DIFFRACTION' . 1.4300 1.5000  1244 0.2091 98.00 0.2798 . . 126 . . . . 
'X-RAY DIFFRACTION' . 1.5000 1.5700  1188 0.1917 97.00 0.2329 . . 136 . . . . 
'X-RAY DIFFRACTION' . 1.5700 1.6700  1246 0.1749 97.00 0.2395 . . 135 . . . . 
'X-RAY DIFFRACTION' . 1.6700 1.8000  1226 0.1644 98.00 0.2434 . . 133 . . . . 
'X-RAY DIFFRACTION' . 1.8000 1.9800  1256 0.1588 99.00 0.2252 . . 136 . . . . 
'X-RAY DIFFRACTION' . 1.9800 2.2700  1245 0.1535 99.00 0.2088 . . 144 . . . . 
'X-RAY DIFFRACTION' . 2.2700 2.8600  1262 0.1915 98.00 0.2113 . . 140 . . . . 
'X-RAY DIFFRACTION' . 2.8600 37.2400 1303 0.1790 99.00 0.1842 . . 145 . . . . 
# 
loop_
_struct_ncs_oper.id 
_struct_ncs_oper.code 
_struct_ncs_oper.matrix[1][1] 
_struct_ncs_oper.matrix[1][2] 
_struct_ncs_oper.matrix[1][3] 
_struct_ncs_oper.matrix[2][1] 
_struct_ncs_oper.matrix[2][2] 
_struct_ncs_oper.matrix[2][3] 
_struct_ncs_oper.matrix[3][1] 
_struct_ncs_oper.matrix[3][2] 
_struct_ncs_oper.matrix[3][3] 
_struct_ncs_oper.vector[1] 
_struct_ncs_oper.vector[2] 
_struct_ncs_oper.vector[3] 
_struct_ncs_oper.details 
1 given 0.787836075096 0.174576581404 -0.590624530478 0.60828279325  -0.070349538897 0.790596601192  0.096469488525  -0.982127262427 -0.161615835181 2.61071922058 1.254827831482 -0.43287114228 ? 
2 given 0.657746588967 0.72041963921  -0.219920367735 0.519096380159 -0.64510061864  -0.560699687834 -0.545809832091 0.254638440293  -0.798279958359 5.04873971369 2.17969804481  -1.24087525011 ? 
# 
loop_
_struct_ncs_dom.id 
_struct_ncs_dom.details 
_struct_ncs_dom.pdbx_ens_id 
1 ? 1 
2 ? 1 
3 ? 1 
# 
loop_
_struct_ncs_dom_lim.dom_id 
_struct_ncs_dom_lim.beg_auth_asym_id 
_struct_ncs_dom_lim.beg_auth_seq_id 
_struct_ncs_dom_lim.end_auth_asym_id 
_struct_ncs_dom_lim.end_auth_seq_id 
_struct_ncs_dom_lim.pdbx_component_id 
_struct_ncs_dom_lim.pdbx_refine_code 
_struct_ncs_dom_lim.beg_label_asym_id 
_struct_ncs_dom_lim.beg_label_comp_id 
_struct_ncs_dom_lim.beg_label_seq_id 
_struct_ncs_dom_lim.beg_label_alt_id 
_struct_ncs_dom_lim.end_label_asym_id 
_struct_ncs_dom_lim.end_label_comp_id 
_struct_ncs_dom_lim.end_label_seq_id 
_struct_ncs_dom_lim.end_label_alt_id 
_struct_ncs_dom_lim.pdbx_ens_id 
_struct_ncs_dom_lim.selection_details 
_struct_ncs_dom_lim.beg_auth_comp_id 
_struct_ncs_dom_lim.end_auth_comp_id 
1 ? ? ? ? 1 ? ? ? ? ? ? ? ? ? 1 
;(chain "A" and (resid 1 through 7 or
 resid 9 or resid 11 through 12 or resid
14 through 21 or resid 23 through 30))
;
? ? 
2 ? ? ? ? 1 ? ? ? ? ? ? ? ? ? 1 
;(chain "B" and (resid 1 through 7 or
 resid 9 or resid 11 through 12 or resid
 14 through 21 or resid 23 through 30))
;
? ? 
3 ? ? ? ? 1 ? ? ? ? ? ? ? ? ? 1 
;(chain "C" and (resid 1 through 7 or
 resid 9 or resid 11 through 12 or resid
14 through 21 or resid 23 through 30))
;
? ? 
# 
_struct_ncs_ens.id        1 
_struct_ncs_ens.details   ? 
# 
_struct.entry_id                     6W46 
_struct.title                        'Valine-Containing Collagen Peptide' 
_struct.pdbx_model_details           ? 
_struct.pdbx_formula_weight          ? 
_struct.pdbx_formula_weight_method   ? 
_struct.pdbx_model_type_details      ? 
_struct.pdbx_CASP_flag               N 
# 
_struct_keywords.entry_id        6W46 
_struct_keywords.text            'Collagen, Triple Helix, CMP, Structural Protein, BIOSYNTHETIC PROTEIN' 
_struct_keywords.pdbx_keywords   'BIOSYNTHETIC PROTEIN' 
# 
loop_
_struct_asym.id 
_struct_asym.pdbx_blank_PDB_chainid_flag 
_struct_asym.pdbx_modified 
_struct_asym.entity_id 
_struct_asym.details 
A N N 1 ? 
B N N 1 ? 
C N N 1 ? 
D N N 2 ? 
E N N 2 ? 
F N N 2 ? 
G N N 2 ? 
H N N 3 ? 
I N N 3 ? 
J N N 3 ? 
# 
_struct_ref.id                         1 
_struct_ref.db_name                    PDB 
_struct_ref.db_code                    6W46 
_struct_ref.pdbx_db_accession          6W46 
_struct_ref.pdbx_db_isoform            ? 
_struct_ref.entity_id                  1 
_struct_ref.pdbx_seq_one_letter_code   ? 
_struct_ref.pdbx_align_begin           1 
# 
loop_
_struct_ref_seq.align_id 
_struct_ref_seq.ref_id 
_struct_ref_seq.pdbx_PDB_id_code 
_struct_ref_seq.pdbx_strand_id 
_struct_ref_seq.seq_align_beg 
_struct_ref_seq.pdbx_seq_align_beg_ins_code 
_struct_ref_seq.seq_align_end 
_struct_ref_seq.pdbx_seq_align_end_ins_code 
_struct_ref_seq.pdbx_db_accession 
_struct_ref_seq.db_align_beg 
_struct_ref_seq.pdbx_db_align_beg_ins_code 
_struct_ref_seq.db_align_end 
_struct_ref_seq.pdbx_db_align_end_ins_code 
_struct_ref_seq.pdbx_auth_seq_align_beg 
_struct_ref_seq.pdbx_auth_seq_align_end 
1 1 6W46 A 1 ? 31 ? 6W46 1 ? 31 ? 1 31 
2 1 6W46 B 1 ? 31 ? 6W46 1 ? 31 ? 1 31 
3 1 6W46 C 1 ? 31 ? 6W46 1 ? 31 ? 1 31 
# 
_pdbx_struct_assembly.id                   1 
_pdbx_struct_assembly.details              author_defined_assembly 
_pdbx_struct_assembly.method_details       ? 
_pdbx_struct_assembly.oligomeric_details   trimeric 
_pdbx_struct_assembly.oligomeric_count     3 
# 
_pdbx_struct_assembly_gen.assembly_id       1 
_pdbx_struct_assembly_gen.oper_expression   1 
_pdbx_struct_assembly_gen.asym_id_list      A,B,C,D,E,F,G,H,I,J 
# 
_pdbx_struct_assembly_auth_evidence.id                     1 
_pdbx_struct_assembly_auth_evidence.assembly_id            1 
_pdbx_struct_assembly_auth_evidence.experimental_support   none 
_pdbx_struct_assembly_auth_evidence.details                ? 
# 
_pdbx_struct_oper_list.id                   1 
_pdbx_struct_oper_list.type                 'identity operation' 
_pdbx_struct_oper_list.name                 1_555 
_pdbx_struct_oper_list.symmetry_operation   x,y,z 
_pdbx_struct_oper_list.matrix[1][1]         1.0000000000 
_pdbx_struct_oper_list.matrix[1][2]         0.0000000000 
_pdbx_struct_oper_list.matrix[1][3]         0.0000000000 
_pdbx_struct_oper_list.vector[1]            0.0000000000 
_pdbx_struct_oper_list.matrix[2][1]         0.0000000000 
_pdbx_struct_oper_list.matrix[2][2]         1.0000000000 
_pdbx_struct_oper_list.matrix[2][3]         0.0000000000 
_pdbx_struct_oper_list.vector[2]            0.0000000000 
_pdbx_struct_oper_list.matrix[3][1]         0.0000000000 
_pdbx_struct_oper_list.matrix[3][2]         0.0000000000 
_pdbx_struct_oper_list.matrix[3][3]         1.0000000000 
_pdbx_struct_oper_list.vector[3]            0.0000000000 
# 
loop_
_struct_conn.id 
_struct_conn.conn_type_id 
_struct_conn.pdbx_leaving_atom_flag 
_struct_conn.pdbx_PDB_id 
_struct_conn.ptnr1_label_asym_id 
_struct_conn.ptnr1_label_comp_id 
_struct_conn.ptnr1_label_seq_id 
_struct_conn.ptnr1_label_atom_id 
_struct_conn.pdbx_ptnr1_label_alt_id 
_struct_conn.pdbx_ptnr1_PDB_ins_code 
_struct_conn.pdbx_ptnr1_standard_comp_id 
_struct_conn.ptnr1_symmetry 
_struct_conn.ptnr2_label_asym_id 
_struct_conn.ptnr2_label_comp_id 
_struct_conn.ptnr2_label_seq_id 
_struct_conn.ptnr2_label_atom_id 
_struct_conn.pdbx_ptnr2_label_alt_id 
_struct_conn.pdbx_ptnr2_PDB_ins_code 
_struct_conn.ptnr1_auth_asym_id 
_struct_conn.ptnr1_auth_comp_id 
_struct_conn.ptnr1_auth_seq_id 
_struct_conn.ptnr2_auth_asym_id 
_struct_conn.ptnr2_auth_comp_id 
_struct_conn.ptnr2_auth_seq_id 
_struct_conn.ptnr2_symmetry 
_struct_conn.pdbx_ptnr3_label_atom_id 
_struct_conn.pdbx_ptnr3_label_seq_id 
_struct_conn.pdbx_ptnr3_label_comp_id 
_struct_conn.pdbx_ptnr3_label_asym_id 
_struct_conn.pdbx_ptnr3_label_alt_id 
_struct_conn.pdbx_ptnr3_PDB_ins_code 
_struct_conn.details 
_struct_conn.pdbx_dist_value 
_struct_conn.pdbx_value_order 
_struct_conn.pdbx_role 
covale1  covale both ? A PRO 1  C ? ? ? 1_555 A HYP 2  N ? ? A PRO 1  A HYP 2  1_555 ? ? ? ? ? ? ? 1.327 ? ? 
covale2  covale both ? A HYP 2  C ? ? ? 1_555 A GLY 3  N ? ? A HYP 2  A GLY 3  1_555 ? ? ? ? ? ? ? 1.331 ? ? 
covale3  covale both ? A PRO 4  C ? ? ? 1_555 A HYP 5  N ? ? A PRO 4  A HYP 5  1_555 ? ? ? ? ? ? ? 1.325 ? ? 
covale4  covale both ? A HYP 5  C ? ? ? 1_555 A GLY 6  N ? ? A HYP 5  A GLY 6  1_555 ? ? ? ? ? ? ? 1.325 ? ? 
covale5  covale both ? A PRO 10 C ? ? ? 1_555 A HYP 11 N ? ? A PRO 10 A HYP 11 1_555 ? ? ? ? ? ? ? 1.326 ? ? 
covale6  covale both ? A HYP 11 C ? ? ? 1_555 A GLY 12 N ? ? A HYP 11 A GLY 12 1_555 ? ? ? ? ? ? ? 1.323 ? ? 
covale7  covale both ? A PRO 13 C ? ? ? 1_555 A HYP 14 N ? ? A PRO 13 A HYP 14 1_555 ? ? ? ? ? ? ? 1.325 ? ? 
covale8  covale both ? A HYP 14 C ? ? ? 1_555 A GLY 15 N ? ? A HYP 14 A GLY 15 1_555 ? ? ? ? ? ? ? 1.327 ? ? 
covale9  covale both ? A VAL 16 C ? ? ? 1_555 A HYP 17 N ? ? A VAL 16 A HYP 17 1_555 ? ? ? ? ? ? ? 1.325 ? ? 
covale10 covale both ? A HYP 17 C ? ? ? 1_555 A GLY 18 N ? ? A HYP 17 A GLY 18 1_555 ? ? ? ? ? ? ? 1.327 ? ? 
covale11 covale both ? A PRO 19 C ? ? ? 1_555 A HYP 20 N ? ? A PRO 19 A HYP 20 1_555 ? ? ? ? ? ? ? 1.325 ? ? 
covale12 covale both ? A HYP 20 C ? ? ? 1_555 A GLY 21 N ? ? A HYP 20 A GLY 21 1_555 ? ? ? ? ? ? ? 1.329 ? ? 
covale13 covale both ? A PRO 22 C ? ? ? 1_555 A HYP 23 N ? ? A PRO 22 A HYP 23 1_555 ? ? ? ? ? ? ? 1.329 ? ? 
covale14 covale both ? A HYP 23 C ? ? ? 1_555 A GLY 24 N ? ? A HYP 23 A GLY 24 1_555 ? ? ? ? ? ? ? 1.325 ? ? 
covale15 covale both ? A GLY 24 C ? ? ? 1_555 A 4BF 25 N ? ? A GLY 24 A 4BF 25 1_555 ? ? ? ? ? ? ? 1.325 ? ? 
covale16 covale both ? A 4BF 25 C ? ? ? 1_555 A HYP 26 N ? ? A 4BF 25 A HYP 26 1_555 ? ? ? ? ? ? ? 1.329 ? ? 
covale17 covale both ? A HYP 26 C ? ? ? 1_555 A GLY 27 N ? ? A HYP 26 A GLY 27 1_555 ? ? ? ? ? ? ? 1.325 ? ? 
covale18 covale both ? A PRO 28 C ? ? ? 1_555 A HYP 29 N ? ? A PRO 28 A HYP 29 1_555 ? ? ? ? ? ? ? 1.324 ? ? 
covale19 covale both ? A HYP 29 C ? ? ? 1_555 A GLZ 30 N ? ? A HYP 29 A GLZ 30 1_555 ? ? ? ? ? ? ? 1.430 ? ? 
covale20 covale both ? A GLZ 30 C ? ? ? 1_555 A NH2 31 N ? ? A GLZ 30 A NH2 31 1_555 ? ? ? ? ? ? ? 1.448 ? ? 
covale21 covale both ? B PRO 1  C ? ? ? 1_555 B HYP 2  N ? ? B PRO 1  B HYP 2  1_555 ? ? ? ? ? ? ? 1.326 ? ? 
covale22 covale both ? B HYP 2  C ? ? ? 1_555 B GLY 3  N ? ? B HYP 2  B GLY 3  1_555 ? ? ? ? ? ? ? 1.328 ? ? 
covale23 covale both ? B PRO 4  C ? ? ? 1_555 B HYP 5  N ? ? B PRO 4  B HYP 5  1_555 ? ? ? ? ? ? ? 1.325 ? ? 
covale24 covale both ? B HYP 5  C ? ? ? 1_555 B GLY 6  N ? ? B HYP 5  B GLY 6  1_555 ? ? ? ? ? ? ? 1.324 ? ? 
covale25 covale both ? B PRO 10 C ? ? ? 1_555 B HYP 11 N ? ? B PRO 10 B HYP 11 1_555 ? ? ? ? ? ? ? 1.328 ? ? 
covale26 covale both ? B HYP 11 C ? ? ? 1_555 B GLY 12 N ? ? B HYP 11 B GLY 12 1_555 ? ? ? ? ? ? ? 1.321 ? ? 
covale27 covale both ? B PRO 13 C ? ? ? 1_555 B HYP 14 N ? ? B PRO 13 B HYP 14 1_555 ? ? ? ? ? ? ? 1.321 ? ? 
covale28 covale both ? B HYP 14 C ? ? ? 1_555 B GLY 15 N ? ? B HYP 14 B GLY 15 1_555 ? ? ? ? ? ? ? 1.326 ? ? 
covale29 covale both ? B VAL 16 C ? ? ? 1_555 B HYP 17 N ? ? B VAL 16 B HYP 17 1_555 ? ? ? ? ? ? ? 1.322 ? ? 
covale30 covale both ? B HYP 17 C ? ? ? 1_555 B GLY 18 N ? ? B HYP 17 B GLY 18 1_555 ? ? ? ? ? ? ? 1.326 ? ? 
covale31 covale both ? B PRO 19 C ? ? ? 1_555 B HYP 20 N ? ? B PRO 19 B HYP 20 1_555 ? ? ? ? ? ? ? 1.325 ? ? 
covale32 covale both ? B HYP 20 C ? ? ? 1_555 B GLY 21 N ? ? B HYP 20 B GLY 21 1_555 ? ? ? ? ? ? ? 1.325 ? ? 
covale33 covale both ? B PRO 22 C ? ? ? 1_555 B HYP 23 N ? ? B PRO 22 B HYP 23 1_555 ? ? ? ? ? ? ? 1.322 ? ? 
covale34 covale both ? B HYP 23 C ? ? ? 1_555 B GLY 24 N ? ? B HYP 23 B GLY 24 1_555 ? ? ? ? ? ? ? 1.326 ? ? 
covale35 covale both ? B GLY 24 C ? ? ? 1_555 B 4BF 25 N ? ? B GLY 24 B 4BF 25 1_555 ? ? ? ? ? ? ? 1.323 ? ? 
covale36 covale both ? B 4BF 25 C ? ? ? 1_555 B HYP 26 N ? ? B 4BF 25 B HYP 26 1_555 ? ? ? ? ? ? ? 1.329 ? ? 
covale37 covale both ? B HYP 26 C ? ? ? 1_555 B GLY 27 N ? ? B HYP 26 B GLY 27 1_555 ? ? ? ? ? ? ? 1.324 ? ? 
covale38 covale both ? B PRO 28 C ? ? ? 1_555 B HYP 29 N ? ? B PRO 28 B HYP 29 1_555 ? ? ? ? ? ? ? 1.328 ? ? 
covale39 covale both ? B HYP 29 C ? ? ? 1_555 B GLZ 30 N ? ? B HYP 29 B GLZ 30 1_555 ? ? ? ? ? ? ? 1.429 ? ? 
covale40 covale both ? B GLZ 30 C ? ? ? 1_555 B NH2 31 N ? ? B GLZ 30 B NH2 31 1_555 ? ? ? ? ? ? ? 1.452 ? ? 
covale41 covale both ? C PRO 1  C ? ? ? 1_555 C HYP 2  N ? ? C PRO 1  C HYP 2  1_555 ? ? ? ? ? ? ? 1.327 ? ? 
covale42 covale both ? C HYP 2  C ? ? ? 1_555 C GLY 3  N ? ? C HYP 2  C GLY 3  1_555 ? ? ? ? ? ? ? 1.326 ? ? 
covale43 covale both ? C PRO 4  C ? ? ? 1_555 C HYP 5  N ? ? C PRO 4  C HYP 5  1_555 ? ? ? ? ? ? ? 1.322 ? ? 
covale44 covale both ? C HYP 5  C ? ? ? 1_555 C GLY 6  N ? ? C HYP 5  C GLY 6  1_555 ? ? ? ? ? ? ? 1.328 ? ? 
covale45 covale both ? C PRO 10 C ? ? ? 1_555 C HYP 11 N ? ? C PRO 10 C HYP 11 1_555 ? ? ? ? ? ? ? 1.319 ? ? 
covale46 covale both ? C HYP 11 C ? ? ? 1_555 C GLY 12 N ? ? C HYP 11 C GLY 12 1_555 ? ? ? ? ? ? ? 1.326 ? ? 
covale47 covale both ? C PRO 13 C ? ? ? 1_555 C HYP 14 N ? ? C PRO 13 C HYP 14 1_555 ? ? ? ? ? ? ? 1.322 ? ? 
covale48 covale both ? C HYP 14 C ? ? ? 1_555 C GLY 15 N ? ? C HYP 14 C GLY 15 1_555 ? ? ? ? ? ? ? 1.327 ? ? 
covale49 covale both ? C VAL 16 C ? ? ? 1_555 C HYP 17 N ? ? C VAL 16 C HYP 17 1_555 ? ? ? ? ? ? ? 1.328 ? ? 
covale50 covale both ? C HYP 17 C ? ? ? 1_555 C GLY 18 N ? ? C HYP 17 C GLY 18 1_555 ? ? ? ? ? ? ? 1.327 ? ? 
covale51 covale both ? C PRO 19 C ? ? ? 1_555 C HYP 20 N ? ? C PRO 19 C HYP 20 1_555 ? ? ? ? ? ? ? 1.328 ? ? 
covale52 covale both ? C HYP 20 C ? ? ? 1_555 C GLY 21 N ? ? C HYP 20 C GLY 21 1_555 ? ? ? ? ? ? ? 1.325 ? ? 
covale53 covale both ? C PRO 22 C ? ? ? 1_555 C HYP 23 N ? ? C PRO 22 C HYP 23 1_555 ? ? ? ? ? ? ? 1.321 ? ? 
covale54 covale both ? C HYP 23 C ? ? ? 1_555 C GLY 24 N ? ? C HYP 23 C GLY 24 1_555 ? ? ? ? ? ? ? 1.324 ? ? 
covale55 covale both ? C GLY 24 C ? ? ? 1_555 C 4BF 25 N ? ? C GLY 24 C 4BF 25 1_555 ? ? ? ? ? ? ? 1.328 ? ? 
covale56 covale both ? C 4BF 25 C ? ? ? 1_555 C HYP 26 N ? ? C 4BF 25 C HYP 26 1_555 ? ? ? ? ? ? ? 1.328 ? ? 
covale57 covale both ? C HYP 26 C ? ? ? 1_555 C GLY 27 N ? ? C HYP 26 C GLY 27 1_555 ? ? ? ? ? ? ? 1.326 ? ? 
covale58 covale both ? C PRO 28 C ? ? ? 1_555 C HYP 29 N ? ? C PRO 28 C HYP 29 1_555 ? ? ? ? ? ? ? 1.326 ? ? 
covale59 covale both ? C HYP 29 C ? ? ? 1_555 C GLZ 30 N ? ? C HYP 29 C GLZ 30 1_555 ? ? ? ? ? ? ? 1.429 ? ? 
covale60 covale both ? C GLZ 30 C ? ? ? 1_555 C NH2 31 N ? ? C GLZ 30 C NH2 31 1_555 ? ? ? ? ? ? ? 1.450 ? ? 
# 
_struct_conn_type.id          covale 
_struct_conn_type.criteria    ? 
_struct_conn_type.reference   ? 
# 
loop_
_pdbx_modification_feature.ordinal 
_pdbx_modification_feature.label_comp_id 
_pdbx_modification_feature.label_asym_id 
_pdbx_modification_feature.label_seq_id 
_pdbx_modification_feature.label_alt_id 
_pdbx_modification_feature.modified_residue_label_comp_id 
_pdbx_modification_feature.modified_residue_label_asym_id 
_pdbx_modification_feature.modified_residue_label_seq_id 
_pdbx_modification_feature.modified_residue_label_alt_id 
_pdbx_modification_feature.auth_comp_id 
_pdbx_modification_feature.auth_asym_id 
_pdbx_modification_feature.auth_seq_id 
_pdbx_modification_feature.PDB_ins_code 
_pdbx_modification_feature.symmetry 
_pdbx_modification_feature.modified_residue_auth_comp_id 
_pdbx_modification_feature.modified_residue_auth_asym_id 
_pdbx_modification_feature.modified_residue_auth_seq_id 
_pdbx_modification_feature.modified_residue_PDB_ins_code 
_pdbx_modification_feature.modified_residue_symmetry 
_pdbx_modification_feature.comp_id_linking_atom 
_pdbx_modification_feature.modified_residue_id_linking_atom 
_pdbx_modification_feature.modified_residue_id 
_pdbx_modification_feature.ref_pcm_id 
_pdbx_modification_feature.ref_comp_id 
_pdbx_modification_feature.type 
_pdbx_modification_feature.category 
1  HYP A 2  ? .   . .  . HYP A 2  ? 1_555 .   . .  . .     . . PRO 1  HYP Hydroxylation   'Named protein modification' 
2  HYP A 5  ? .   . .  . HYP A 5  ? 1_555 .   . .  . .     . . PRO 1  HYP Hydroxylation   'Named protein modification' 
3  HYP A 11 ? .   . .  . HYP A 11 ? 1_555 .   . .  . .     . . PRO 1  HYP Hydroxylation   'Named protein modification' 
4  HYP A 14 ? .   . .  . HYP A 14 ? 1_555 .   . .  . .     . . PRO 1  HYP Hydroxylation   'Named protein modification' 
5  HYP A 17 ? .   . .  . HYP A 17 ? 1_555 .   . .  . .     . . PRO 1  HYP Hydroxylation   'Named protein modification' 
6  HYP A 20 ? .   . .  . HYP A 20 ? 1_555 .   . .  . .     . . PRO 1  HYP Hydroxylation   'Named protein modification' 
7  HYP A 23 ? .   . .  . HYP A 23 ? 1_555 .   . .  . .     . . PRO 1  HYP Hydroxylation   'Named protein modification' 
8  4BF A 25 ? .   . .  . 4BF A 25 ? 1_555 .   . .  . .     . . PHE 1  4BF Bromination     'Named protein modification' 
9  HYP A 26 ? .   . .  . HYP A 26 ? 1_555 .   . .  . .     . . PRO 1  HYP Hydroxylation   'Named protein modification' 
10 HYP A 29 ? .   . .  . HYP A 29 ? 1_555 .   . .  . .     . . PRO 1  HYP Hydroxylation   'Named protein modification' 
11 GLZ A 30 ? .   . .  . GLZ A 30 ? 1_555 .   . .  . .     . . GLY 1  GLZ Dehydroxylation 'Named protein modification' 
12 HYP B 2  ? .   . .  . HYP B 2  ? 1_555 .   . .  . .     . . PRO 1  HYP Hydroxylation   'Named protein modification' 
13 HYP B 5  ? .   . .  . HYP B 5  ? 1_555 .   . .  . .     . . PRO 1  HYP Hydroxylation   'Named protein modification' 
14 HYP B 11 ? .   . .  . HYP B 11 ? 1_555 .   . .  . .     . . PRO 1  HYP Hydroxylation   'Named protein modification' 
15 HYP B 14 ? .   . .  . HYP B 14 ? 1_555 .   . .  . .     . . PRO 1  HYP Hydroxylation   'Named protein modification' 
16 HYP B 17 ? .   . .  . HYP B 17 ? 1_555 .   . .  . .     . . PRO 1  HYP Hydroxylation   'Named protein modification' 
17 HYP B 20 ? .   . .  . HYP B 20 ? 1_555 .   . .  . .     . . PRO 1  HYP Hydroxylation   'Named protein modification' 
18 HYP B 23 ? .   . .  . HYP B 23 ? 1_555 .   . .  . .     . . PRO 1  HYP Hydroxylation   'Named protein modification' 
19 4BF B 25 ? .   . .  . 4BF B 25 ? 1_555 .   . .  . .     . . PHE 1  4BF Bromination     'Named protein modification' 
20 HYP B 26 ? .   . .  . HYP B 26 ? 1_555 .   . .  . .     . . PRO 1  HYP Hydroxylation   'Named protein modification' 
21 HYP B 29 ? .   . .  . HYP B 29 ? 1_555 .   . .  . .     . . PRO 1  HYP Hydroxylation   'Named protein modification' 
22 GLZ B 30 ? .   . .  . GLZ B 30 ? 1_555 .   . .  . .     . . GLY 1  GLZ Dehydroxylation 'Named protein modification' 
23 HYP C 2  ? .   . .  . HYP C 2  ? 1_555 .   . .  . .     . . PRO 1  HYP Hydroxylation   'Named protein modification' 
24 HYP C 5  ? .   . .  . HYP C 5  ? 1_555 .   . .  . .     . . PRO 1  HYP Hydroxylation   'Named protein modification' 
25 HYP C 11 ? .   . .  . HYP C 11 ? 1_555 .   . .  . .     . . PRO 1  HYP Hydroxylation   'Named protein modification' 
26 HYP C 14 ? .   . .  . HYP C 14 ? 1_555 .   . .  . .     . . PRO 1  HYP Hydroxylation   'Named protein modification' 
27 HYP C 17 ? .   . .  . HYP C 17 ? 1_555 .   . .  . .     . . PRO 1  HYP Hydroxylation   'Named protein modification' 
28 HYP C 20 ? .   . .  . HYP C 20 ? 1_555 .   . .  . .     . . PRO 1  HYP Hydroxylation   'Named protein modification' 
29 HYP C 23 ? .   . .  . HYP C 23 ? 1_555 .   . .  . .     . . PRO 1  HYP Hydroxylation   'Named protein modification' 
30 4BF C 25 ? .   . .  . 4BF C 25 ? 1_555 .   . .  . .     . . PHE 1  4BF Bromination     'Named protein modification' 
31 HYP C 26 ? .   . .  . HYP C 26 ? 1_555 .   . .  . .     . . PRO 1  HYP Hydroxylation   'Named protein modification' 
32 HYP C 29 ? .   . .  . HYP C 29 ? 1_555 .   . .  . .     . . PRO 1  HYP Hydroxylation   'Named protein modification' 
33 GLZ C 30 ? .   . .  . GLZ C 30 ? 1_555 .   . .  . .     . . GLY 1  GLZ Dehydroxylation 'Named protein modification' 
34 NH2 A 31 ? GLZ A 30 ? NH2 A 31 ? 1_555 GLZ A 30 ? 1_555 . . GLZ 42 NH2 None            'Terminal amidation'         
35 NH2 B 31 ? GLZ B 30 ? NH2 B 31 ? 1_555 GLZ B 30 ? 1_555 . . GLZ 42 NH2 None            'Terminal amidation'         
36 NH2 C 31 ? GLZ C 30 ? NH2 C 31 ? 1_555 GLZ C 30 ? 1_555 . . GLZ 42 NH2 None            'Terminal amidation'         
# 
loop_
_struct_site.id 
_struct_site.pdbx_evidence_code 
_struct_site.pdbx_auth_asym_id 
_struct_site.pdbx_auth_comp_id 
_struct_site.pdbx_auth_seq_id 
_struct_site.pdbx_auth_ins_code 
_struct_site.pdbx_num_residues 
_struct_site.details 
AC1 Software A EDO 101 ? 3  'binding site for residue EDO A 101'                
AC2 Software B EDO 101 ? 3  'binding site for residue EDO B 101'                
AC3 Software C EDO 101 ? 4  'binding site for residue EDO C 101'                
AC4 Software C EDO 102 ? 4  'binding site for residue EDO C 102'                
AC5 Software A 4BF 25  ? 10 'binding site for residues 4BF A 25 and HYP A 26'   
AC6 Software A HYP 29  ? 8  'binding site for residues HYP A 29 and GLZ A 30'   
AC7 Software A GLZ 30  ? 8  'binding site for residues GLZ A 30 and NH2 A 31'   
AC8 Software B PRO 1   ? 7  'binding site for Di-peptide PRO B 1 and HYP B 2'   
AC9 Software B HYP 2   ? 10 'binding site for Di-peptide HYP B 2 and GLY B 3'   
AD1 Software B PRO 4   ? 8  'binding site for Di-peptide PRO B 4 and HYP B 5'   
AD2 Software B HYP 5   ? 9  'binding site for Di-peptide HYP B 5 and GLY B 6'   
AD3 Software B PRO 10  ? 10 'binding site for Di-peptide PRO B 10 and HYP B 11' 
AD4 Software B HYP 11  ? 10 'binding site for Di-peptide HYP B 11 and GLY B 12' 
AD5 Software B PRO 13  ? 9  'binding site for Di-peptide PRO B 13 and HYP B 14' 
AD6 Software B HYP 14  ? 10 'binding site for Di-peptide HYP B 14 and GLY B 15' 
AD7 Software B VAL 16  ? 10 'binding site for Di-peptide VAL B 16 and HYP B 17' 
AD8 Software B HYP 17  ? 11 'binding site for Di-peptide HYP B 17 and GLY B 18' 
AD9 Software B PRO 19  ? 10 'binding site for Di-peptide PRO B 19 and HYP B 20' 
AE1 Software B HYP 20  ? 12 'binding site for Di-peptide HYP B 20 and GLY B 21' 
AE2 Software B PRO 22  ? 9  'binding site for Di-peptide PRO B 22 and HYP B 23' 
AE3 Software B HYP 23  ? 9  'binding site for Di-peptide HYP B 23 and GLY B 24' 
AE4 Software B GLY 24  ? 15 'binding site for Di-peptide GLY B 24 and 4BF B 25' 
AE5 Software B 4BF 25  ? 12 'binding site for residues 4BF B 25 and HYP B 26'   
AE6 Software B HYP 26  ? 9  'binding site for Di-peptide HYP B 26 and GLY B 27' 
AE7 Software B PRO 28  ? 8  'binding site for Di-peptide PRO B 28 and HYP B 29' 
AE8 Software B HYP 29  ? 9  'binding site for residues HYP B 29 and GLZ B 30'   
AE9 Software B GLZ 30  ? 8  'binding site for residues GLZ B 30 and NH2 B 31'   
AF1 Software C PRO 1   ? 6  'binding site for Di-peptide PRO C 1 and HYP C 2'   
AF2 Software C HYP 2   ? 8  'binding site for Di-peptide HYP C 2 and GLY C 3'   
AF3 Software C PRO 4   ? 11 'binding site for Di-peptide PRO C 4 and HYP C 5'   
AF4 Software C HYP 5   ? 11 'binding site for Di-peptide HYP C 5 and GLY C 6'   
AF5 Software C PRO 10  ? 9  'binding site for Di-peptide PRO C 10 and HYP C 11' 
AF6 Software C HYP 11  ? 8  'binding site for Di-peptide HYP C 11 and GLY C 12' 
AF7 Software C PRO 13  ? 10 'binding site for Di-peptide PRO C 13 and HYP C 14' 
AF8 Software C HYP 14  ? 11 'binding site for Di-peptide HYP C 14 and GLY C 15' 
AF9 Software C VAL 16  ? 10 'binding site for Di-peptide VAL C 16 and HYP C 17' 
AG1 Software C HYP 17  ? 10 'binding site for Di-peptide HYP C 17 and GLY C 18' 
AG2 Software C PRO 19  ? 10 'binding site for Di-peptide PRO C 19 and HYP C 20' 
AG3 Software C HYP 20  ? 11 'binding site for Di-peptide HYP C 20 and GLY C 21' 
AG4 Software C PRO 22  ? 10 'binding site for Di-peptide PRO C 22 and HYP C 23' 
AG5 Software C HYP 23  ? 10 'binding site for Di-peptide HYP C 23 and GLY C 24' 
AG6 Software C GLY 24  ? 12 'binding site for Di-peptide GLY C 24 and 4BF C 25' 
AG7 Software C 4BF 25  ? 9  'binding site for residues 4BF C 25 and HYP C 26'   
AG8 Software C HYP 26  ? 9  'binding site for Di-peptide HYP C 26 and GLY C 27' 
AG9 Software C PRO 28  ? 8  'binding site for Di-peptide PRO C 28 and HYP C 29' 
AH1 Software C HYP 29  ? 9  'binding site for residues HYP C 29 and GLZ C 30'   
AH2 Software C GLZ 30  ? 6  'binding site for residues GLZ C 30 and NH2 C 31'   
# 
loop_
_struct_site_gen.id 
_struct_site_gen.site_id 
_struct_site_gen.pdbx_num_res 
_struct_site_gen.label_comp_id 
_struct_site_gen.label_asym_id 
_struct_site_gen.label_seq_id 
_struct_site_gen.pdbx_auth_ins_code 
_struct_site_gen.auth_comp_id 
_struct_site_gen.auth_asym_id 
_struct_site_gen.auth_seq_id 
_struct_site_gen.label_atom_id 
_struct_site_gen.label_alt_id 
_struct_site_gen.symmetry 
_struct_site_gen.details 
1   AC1 3  HYP A 5  ? HYP A 5   . ? 1_555 ? 
2   AC1 3  PRO A 7  ? PRO A 7   . ? 1_555 ? 
3   AC1 3  HOH H .  ? HOH A 224 . ? 1_555 ? 
4   AC2 3  HYP B 11 ? HYP B 11  . ? 1_555 ? 
5   AC2 3  HOH I .  ? HOH B 227 . ? 1_555 ? 
6   AC2 3  HOH I .  ? HOH B 229 . ? 1_555 ? 
7   AC3 4  VAL A 16 ? VAL A 16  . ? 1_555 ? 
8   AC3 4  HYP C 14 ? HYP C 14  . ? 1_555 ? 
9   AC3 4  HOH J .  ? HOH C 203 . ? 1_555 ? 
10  AC3 4  HOH J .  ? HOH C 229 . ? 1_555 ? 
11  AC4 4  ARG A 8  ? ARG A 8   . ? 1_555 ? 
12  AC4 4  PRO A 10 ? PRO A 10  . ? 1_555 ? 
13  AC4 4  4BF B 25 ? 4BF B 25  . ? 1_656 ? 
14  AC4 4  HYP C 5  ? HYP C 5   . ? 1_555 ? 
15  AC5 10 GLY A 24 ? GLY A 24  . ? 1_555 ? 
16  AC5 10 GLY A 27 ? GLY A 27  . ? 1_555 ? 
17  AC5 10 HOH H .  ? HOH A 206 . ? 1_555 ? 
18  AC5 10 HOH H .  ? HOH A 221 . ? 1_555 ? 
19  AC5 10 HOH H .  ? HOH A 241 . ? 1_555 ? 
20  AC5 10 GLY B 24 ? GLY B 24  . ? 1_555 ? 
21  AC5 10 4BF B 25 ? 4BF B 25  . ? 1_555 ? 
22  AC5 10 HYP C 23 ? HYP C 23  . ? 1_555 ? 
23  AC5 10 GLY C 24 ? GLY C 24  . ? 1_555 ? 
24  AC5 10 HOH J .  ? HOH C 214 . ? 1_555 ? 
25  AC6 8  PRO A 28 ? PRO A 28  . ? 1_555 ? 
26  AC6 8  NH2 A 31 ? NH2 A 31  . ? 1_555 ? 
27  AC6 8  HOH H .  ? HOH A 219 . ? 1_555 ? 
28  AC6 8  PRO B 28 ? PRO B 28  . ? 1_555 ? 
29  AC6 8  GLZ B 30 ? GLZ B 30  . ? 1_555 ? 
30  AC6 8  GLY C 27 ? GLY C 27  . ? 1_555 ? 
31  AC6 8  PRO C 28 ? PRO C 28  . ? 1_555 ? 
32  AC6 8  HOH J .  ? HOH C 225 . ? 1_555 ? 
33  AC7 8  PRO A 28 ? PRO A 28  . ? 1_555 ? 
34  AC7 8  HYP A 29 ? HYP A 29  . ? 1_555 ? 
35  AC7 8  HOH H .  ? HOH A 218 . ? 1_555 ? 
36  AC7 8  PRO B 28 ? PRO B 28  . ? 1_555 ? 
37  AC7 8  GLZ B 30 ? GLZ B 30  . ? 1_555 ? 
38  AC7 8  GLY C 27 ? GLY C 27  . ? 1_555 ? 
39  AC7 8  PRO C 28 ? PRO C 28  . ? 1_555 ? 
40  AC7 8  HOH J .  ? HOH C 225 . ? 1_555 ? 
41  AC8 7  GLY B 3  ? GLY B 3   . ? 1_555 ? 
42  AC8 7  HOH I .  ? HOH B 204 . ? 1_555 ? 
43  AC8 7  HOH I .  ? HOH B 207 . ? 1_555 ? 
44  AC8 7  HOH I .  ? HOH B 220 . ? 1_555 ? 
45  AC8 7  PRO C 1  ? PRO C 1   . ? 1_555 ? 
46  AC8 7  GLZ C 30 ? GLZ C 30  . ? 1_657 ? 
47  AC8 7  NH2 C 31 ? NH2 C 31  . ? 1_657 ? 
48  AC9 10 GLY A 3  ? GLY A 3   . ? 1_555 ? 
49  AC9 10 PRO A 4  ? PRO A 4   . ? 1_555 ? 
50  AC9 10 PRO B 1  ? PRO B 1   . ? 1_555 ? 
51  AC9 10 PRO B 4  ? PRO B 4   . ? 1_555 ? 
52  AC9 10 HOH I .  ? HOH B 204 . ? 1_555 ? 
53  AC9 10 HOH I .  ? HOH B 207 . ? 1_555 ? 
54  AC9 10 HOH I .  ? HOH B 220 . ? 1_555 ? 
55  AC9 10 PRO C 1  ? PRO C 1   . ? 1_555 ? 
56  AC9 10 GLY C 3  ? GLY C 3   . ? 1_555 ? 
57  AC9 10 PRO C 4  ? PRO C 4   . ? 1_555 ? 
58  AD1 8  GLY A 3  ? GLY A 3   . ? 1_555 ? 
59  AD1 8  HYP A 5  ? HYP A 5   . ? 1_555 ? 
60  AD1 8  GLY A 6  ? GLY A 6   . ? 1_555 ? 
61  AD1 8  GLY B 3  ? GLY B 3   . ? 1_555 ? 
62  AD1 8  GLY B 6  ? GLY B 6   . ? 1_555 ? 
63  AD1 8  HOH I .  ? HOH B 210 . ? 1_555 ? 
64  AD1 8  GLY C 3  ? GLY C 3   . ? 1_555 ? 
65  AD1 8  PRO C 4  ? PRO C 4   . ? 1_555 ? 
66  AD2 9  GLY A 6  ? GLY A 6   . ? 1_555 ? 
67  AD2 9  PRO A 7  ? PRO A 7   . ? 1_555 ? 
68  AD2 9  PRO B 4  ? PRO B 4   . ? 1_555 ? 
69  AD2 9  PRO B 7  ? PRO B 7   . ? 1_555 ? 
70  AD2 9  HOH I .  ? HOH B 210 . ? 1_555 ? 
71  AD2 9  HOH I .  ? HOH B 213 . ? 1_555 ? 
72  AD2 9  PRO C 4  ? PRO C 4   . ? 1_555 ? 
73  AD2 9  GLY C 6  ? GLY C 6   . ? 1_555 ? 
74  AD2 9  PRO C 7  ? PRO C 7   . ? 1_555 ? 
75  AD3 10 ARG A 8  ? ARG A 8   . ? 1_555 ? 
76  AD3 10 HYP A 11 ? HYP A 11  . ? 1_555 ? 
77  AD3 10 GLY A 12 ? GLY A 12  . ? 1_555 ? 
78  AD3 10 GLY B 9  ? GLY B 9   . ? 1_555 ? 
79  AD3 10 GLY B 12 ? GLY B 12  . ? 1_555 ? 
80  AD3 10 EDO E .  ? EDO B 101 . ? 1_555 ? 
81  AD3 10 HOH I .  ? HOH B 223 . ? 1_555 ? 
82  AD3 10 HOH I .  ? HOH B 224 . ? 1_555 ? 
83  AD3 10 GLY C 9  ? GLY C 9   . ? 1_555 ? 
84  AD3 10 PRO C 10 ? PRO C 10  . ? 1_555 ? 
85  AD4 10 GLY A 12 ? GLY A 12  . ? 1_555 ? 
86  AD4 10 PRO A 13 ? PRO A 13  . ? 1_555 ? 
87  AD4 10 PRO B 10 ? PRO B 10  . ? 1_555 ? 
88  AD4 10 PRO B 13 ? PRO B 13  . ? 1_555 ? 
89  AD4 10 EDO E .  ? EDO B 101 . ? 1_555 ? 
90  AD4 10 HOH I .  ? HOH B 211 . ? 1_555 ? 
91  AD4 10 HOH I .  ? HOH B 223 . ? 1_555 ? 
92  AD4 10 HOH I .  ? HOH B 224 . ? 1_555 ? 
93  AD4 10 PRO C 10 ? PRO C 10  . ? 1_555 ? 
94  AD4 10 GLY C 12 ? GLY C 12  . ? 1_555 ? 
95  AD5 9  GLY A 12 ? GLY A 12  . ? 1_555 ? 
96  AD5 9  HYP A 14 ? HYP A 14  . ? 1_555 ? 
97  AD5 9  GLY A 15 ? GLY A 15  . ? 1_555 ? 
98  AD5 9  GLY B 12 ? GLY B 12  . ? 1_555 ? 
99  AD5 9  GLY B 15 ? GLY B 15  . ? 1_555 ? 
100 AD5 9  HOH I .  ? HOH B 201 . ? 1_555 ? 
101 AD5 9  HOH I .  ? HOH B 215 . ? 1_555 ? 
102 AD5 9  GLY C 12 ? GLY C 12  . ? 1_555 ? 
103 AD5 9  PRO C 13 ? PRO C 13  . ? 1_555 ? 
104 AD6 10 GLY A 15 ? GLY A 15  . ? 1_555 ? 
105 AD6 10 VAL A 16 ? VAL A 16  . ? 1_555 ? 
106 AD6 10 PRO B 13 ? PRO B 13  . ? 1_555 ? 
107 AD6 10 VAL B 16 ? VAL B 16  . ? 1_555 ? 
108 AD6 10 HYP B 17 ? HYP B 17  . ? 1_555 ? 
109 AD6 10 HOH I .  ? HOH B 201 . ? 1_555 ? 
110 AD6 10 HOH I .  ? HOH B 214 . ? 1_555 ? 
111 AD6 10 HOH I .  ? HOH B 215 . ? 1_555 ? 
112 AD6 10 PRO C 13 ? PRO C 13  . ? 1_555 ? 
113 AD6 10 GLY C 15 ? GLY C 15  . ? 1_555 ? 
114 AD7 10 HYP A 17 ? HYP A 17  . ? 1_555 ? 
115 AD7 10 GLY A 18 ? GLY A 18  . ? 1_555 ? 
116 AD7 10 HOH H .  ? HOH A 211 . ? 1_555 ? 
117 AD7 10 GLY B 15 ? GLY B 15  . ? 1_555 ? 
118 AD7 10 GLY B 18 ? GLY B 18  . ? 1_555 ? 
119 AD7 10 HOH I .  ? HOH B 202 . ? 1_555 ? 
120 AD7 10 HOH I .  ? HOH B 214 . ? 1_555 ? 
121 AD7 10 HOH I .  ? HOH B 221 . ? 1_555 ? 
122 AD7 10 GLY C 15 ? GLY C 15  . ? 1_555 ? 
123 AD7 10 VAL C 16 ? VAL C 16  . ? 1_555 ? 
124 AD8 11 GLY A 18 ? GLY A 18  . ? 1_555 ? 
125 AD8 11 PRO A 19 ? PRO A 19  . ? 1_555 ? 
126 AD8 11 GLY B 15 ? GLY B 15  . ? 1_555 ? 
127 AD8 11 VAL B 16 ? VAL B 16  . ? 1_555 ? 
128 AD8 11 PRO B 19 ? PRO B 19  . ? 1_555 ? 
129 AD8 11 HOH I .  ? HOH B 202 . ? 1_555 ? 
130 AD8 11 HOH I .  ? HOH B 214 . ? 1_555 ? 
131 AD8 11 HOH I .  ? HOH B 218 . ? 1_555 ? 
132 AD8 11 HOH I .  ? HOH B 221 . ? 1_555 ? 
133 AD8 11 VAL C 16 ? VAL C 16  . ? 1_555 ? 
134 AD8 11 GLY C 18 ? GLY C 18  . ? 1_555 ? 
135 AD9 10 HYP A 20 ? HYP A 20  . ? 1_555 ? 
136 AD9 10 GLY A 21 ? GLY A 21  . ? 1_555 ? 
137 AD9 10 GLY B 18 ? GLY B 18  . ? 1_555 ? 
138 AD9 10 GLY B 21 ? GLY B 21  . ? 1_555 ? 
139 AD9 10 HOH I .  ? HOH B 205 . ? 1_555 ? 
140 AD9 10 HOH I .  ? HOH B 218 . ? 1_555 ? 
141 AD9 10 HOH I .  ? HOH B 222 . ? 1_555 ? 
142 AD9 10 HOH I .  ? HOH B 228 . ? 1_555 ? 
143 AD9 10 GLY C 18 ? GLY C 18  . ? 1_555 ? 
144 AD9 10 PRO C 19 ? PRO C 19  . ? 1_555 ? 
145 AE1 12 GLY A 21 ? GLY A 21  . ? 1_555 ? 
146 AE1 12 PRO A 22 ? PRO A 22  . ? 1_555 ? 
147 AE1 12 PRO B 19 ? PRO B 19  . ? 1_555 ? 
148 AE1 12 PRO B 22 ? PRO B 22  . ? 1_555 ? 
149 AE1 12 HOH I .  ? HOH B 205 . ? 1_555 ? 
150 AE1 12 HOH I .  ? HOH B 217 . ? 1_555 ? 
151 AE1 12 HOH I .  ? HOH B 218 . ? 1_555 ? 
152 AE1 12 HOH I .  ? HOH B 222 . ? 1_555 ? 
153 AE1 12 HOH I .  ? HOH B 228 . ? 1_555 ? 
154 AE1 12 PRO C 19 ? PRO C 19  . ? 1_555 ? 
155 AE1 12 GLY C 21 ? GLY C 21  . ? 1_555 ? 
156 AE1 12 PRO C 22 ? PRO C 22  . ? 1_555 ? 
157 AE2 9  GLY A 21 ? GLY A 21  . ? 1_555 ? 
158 AE2 9  HYP A 23 ? HYP A 23  . ? 1_555 ? 
159 AE2 9  GLY A 24 ? GLY A 24  . ? 1_555 ? 
160 AE2 9  GLY B 21 ? GLY B 21  . ? 1_555 ? 
161 AE2 9  GLY B 24 ? GLY B 24  . ? 1_555 ? 
162 AE2 9  HOH I .  ? HOH B 203 . ? 1_555 ? 
163 AE2 9  HOH I .  ? HOH B 209 . ? 1_555 ? 
164 AE2 9  GLY C 21 ? GLY C 21  . ? 1_555 ? 
165 AE2 9  PRO C 22 ? PRO C 22  . ? 1_555 ? 
166 AE3 9  GLY A 24 ? GLY A 24  . ? 1_555 ? 
167 AE3 9  4BF A 25 ? 4BF A 25  . ? 1_555 ? 
168 AE3 9  PRO B 22 ? PRO B 22  . ? 1_555 ? 
169 AE3 9  4BF B 25 ? 4BF B 25  . ? 1_555 ? 
170 AE3 9  HOH I .  ? HOH B 203 . ? 1_555 ? 
171 AE3 9  HOH I .  ? HOH B 209 . ? 1_555 ? 
172 AE3 9  HOH I .  ? HOH B 219 . ? 1_555 ? 
173 AE3 9  PRO C 22 ? PRO C 22  . ? 1_555 ? 
174 AE3 9  GLY C 24 ? GLY C 24  . ? 1_555 ? 
175 AE4 15 PRO A 7  ? PRO A 7   . ? 1_454 ? 
176 AE4 15 GLY A 24 ? GLY A 24  . ? 1_555 ? 
177 AE4 15 4BF A 25 ? 4BF A 25  . ? 1_555 ? 
178 AE4 15 HYP A 26 ? HYP A 26  . ? 1_555 ? 
179 AE4 15 GLY A 27 ? GLY A 27  . ? 1_555 ? 
180 AE4 15 HOH H .  ? HOH A 206 . ? 1_555 ? 
181 AE4 15 PRO B 22 ? PRO B 22  . ? 1_555 ? 
182 AE4 15 HYP B 23 ? HYP B 23  . ? 1_555 ? 
183 AE4 15 HYP B 26 ? HYP B 26  . ? 1_555 ? 
184 AE4 15 GLY B 27 ? GLY B 27  . ? 1_555 ? 
185 AE4 15 HOH I .  ? HOH B 219 . ? 1_555 ? 
186 AE4 15 HYP C 5  ? HYP C 5   . ? 1_454 ? 
187 AE4 15 PRO C 22 ? PRO C 22  . ? 1_555 ? 
188 AE4 15 GLY C 24 ? GLY C 24  . ? 1_555 ? 
189 AE4 15 EDO G .  ? EDO C 102 . ? 1_454 ? 
190 AE5 12 PRO A 7  ? PRO A 7   . ? 1_454 ? 
191 AE5 12 HYP A 26 ? HYP A 26  . ? 1_555 ? 
192 AE5 12 GLY A 27 ? GLY A 27  . ? 1_555 ? 
193 AE5 12 HOH H .  ? HOH A 206 . ? 1_555 ? 
194 AE5 12 GLY B 24 ? GLY B 24  . ? 1_555 ? 
195 AE5 12 GLY B 27 ? GLY B 27  . ? 1_555 ? 
196 AE5 12 HOH I .  ? HOH B 206 . ? 1_555 ? 
197 AE5 12 HOH I .  ? HOH B 219 . ? 1_555 ? 
198 AE5 12 HYP C 5  ? HYP C 5   . ? 1_454 ? 
199 AE5 12 GLY C 24 ? GLY C 24  . ? 1_555 ? 
200 AE5 12 4BF C 25 ? 4BF C 25  . ? 1_555 ? 
201 AE5 12 EDO G .  ? EDO C 102 . ? 1_454 ? 
202 AE6 9  GLY A 27 ? GLY A 27  . ? 1_555 ? 
203 AE6 9  PRO A 28 ? PRO A 28  . ? 1_555 ? 
204 AE6 9  4BF B 25 ? 4BF B 25  . ? 1_555 ? 
205 AE6 9  PRO B 28 ? PRO B 28  . ? 1_555 ? 
206 AE6 9  HOH I .  ? HOH B 206 . ? 1_555 ? 
207 AE6 9  HOH I .  ? HOH B 208 . ? 1_555 ? 
208 AE6 9  HOH I .  ? HOH B 219 . ? 1_555 ? 
209 AE6 9  4BF C 25 ? 4BF C 25  . ? 1_555 ? 
210 AE6 9  GLY C 27 ? GLY C 27  . ? 1_555 ? 
211 AE7 8  HYP A 29 ? HYP A 29  . ? 1_555 ? 
212 AE7 8  GLZ A 30 ? GLZ A 30  . ? 1_555 ? 
213 AE7 8  GLY B 27 ? GLY B 27  . ? 1_555 ? 
214 AE7 8  GLZ B 30 ? GLZ B 30  . ? 1_555 ? 
215 AE7 8  HOH I .  ? HOH B 216 . ? 1_555 ? 
216 AE7 8  HOH I .  ? HOH B 225 . ? 1_555 ? 
217 AE7 8  GLY C 27 ? GLY C 27  . ? 1_555 ? 
218 AE7 8  PRO C 28 ? PRO C 28  . ? 1_555 ? 
219 AE8 9  PRO A 1  ? PRO A 1   . ? 1_453 ? 
220 AE8 9  GLZ A 30 ? GLZ A 30  . ? 1_555 ? 
221 AE8 9  NH2 A 31 ? NH2 A 31  . ? 1_555 ? 
222 AE8 9  PRO B 28 ? PRO B 28  . ? 1_555 ? 
223 AE8 9  NH2 B 31 ? NH2 B 31  . ? 1_555 ? 
224 AE8 9  HOH I .  ? HOH B 216 . ? 1_555 ? 
225 AE8 9  HOH I .  ? HOH B 225 . ? 1_555 ? 
226 AE8 9  PRO C 28 ? PRO C 28  . ? 1_555 ? 
227 AE8 9  GLZ C 30 ? GLZ C 30  . ? 1_555 ? 
228 AE9 8  PRO A 1  ? PRO A 1   . ? 1_453 ? 
229 AE9 8  GLZ A 30 ? GLZ A 30  . ? 1_555 ? 
230 AE9 8  NH2 A 31 ? NH2 A 31  . ? 1_555 ? 
231 AE9 8  HOH H .  ? HOH A 218 . ? 1_555 ? 
232 AE9 8  HYP B 29 ? HYP B 29  . ? 1_555 ? 
233 AE9 8  HOH I .  ? HOH B 226 . ? 1_555 ? 
234 AE9 8  PRO C 28 ? PRO C 28  . ? 1_555 ? 
235 AE9 8  GLZ C 30 ? GLZ C 30  . ? 1_555 ? 
236 AF1 6  PRO A 4  ? PRO A 4   . ? 1_555 ? 
237 AF1 6  PRO B 1  ? PRO B 1   . ? 1_555 ? 
238 AF1 6  HYP B 2  ? HYP B 2   . ? 1_555 ? 
239 AF1 6  GLY B 3  ? GLY B 3   . ? 1_555 ? 
240 AF1 6  GLY C 3  ? GLY C 3   . ? 1_555 ? 
241 AF1 6  HOH J .  ? HOH C 222 . ? 1_555 ? 
242 AF2 8  PRO A 4  ? PRO A 4   . ? 1_555 ? 
243 AF2 8  GLY A 6  ? GLY A 6   . ? 1_555 ? 
244 AF2 8  PRO A 7  ? PRO A 7   . ? 1_555 ? 
245 AF2 8  GLY B 3  ? GLY B 3   . ? 1_555 ? 
246 AF2 8  PRO B 4  ? PRO B 4   . ? 1_555 ? 
247 AF2 8  PRO C 1  ? PRO C 1   . ? 1_555 ? 
248 AF2 8  PRO C 4  ? PRO C 4   . ? 1_555 ? 
249 AF2 8  HOH J .  ? HOH C 222 . ? 1_555 ? 
250 AF3 11 GLY A 6  ? GLY A 6   . ? 1_555 ? 
251 AF3 11 PRO A 7  ? PRO A 7   . ? 1_555 ? 
252 AF3 11 GLY B 3  ? GLY B 3   . ? 1_555 ? 
253 AF3 11 HYP B 5  ? HYP B 5   . ? 1_555 ? 
254 AF3 11 GLY B 6  ? GLY B 6   . ? 1_555 ? 
255 AF3 11 4BF B 25 ? 4BF B 25  . ? 1_656 ? 
256 AF3 11 GLY C 3  ? GLY C 3   . ? 1_555 ? 
257 AF3 11 GLY C 6  ? GLY C 6   . ? 1_555 ? 
258 AF3 11 EDO G .  ? EDO C 102 . ? 1_555 ? 
259 AF3 11 HOH J .  ? HOH C 215 . ? 1_555 ? 
260 AF3 11 HOH J .  ? HOH C 220 . ? 1_555 ? 
261 AF4 11 PRO A 7  ? PRO A 7   . ? 1_555 ? 
262 AF4 11 GLY A 9  ? GLY A 9   . ? 1_555 ? 
263 AF4 11 GLY B 6  ? GLY B 6   . ? 1_555 ? 
264 AF4 11 PRO B 7  ? PRO B 7   . ? 1_555 ? 
265 AF4 11 4BF B 25 ? 4BF B 25  . ? 1_656 ? 
266 AF4 11 PRO C 4  ? PRO C 4   . ? 1_555 ? 
267 AF4 11 PRO C 7  ? PRO C 7   . ? 1_555 ? 
268 AF4 11 EDO G .  ? EDO C 102 . ? 1_555 ? 
269 AF4 11 HOH J .  ? HOH C 215 . ? 1_555 ? 
270 AF4 11 HOH J .  ? HOH C 217 . ? 1_555 ? 
271 AF4 11 HOH J .  ? HOH C 220 . ? 1_555 ? 
272 AF5 9  GLY A 12 ? GLY A 12  . ? 1_555 ? 
273 AF5 9  PRO A 13 ? PRO A 13  . ? 1_555 ? 
274 AF5 9  ARG B 8  ? ARG B 8   . ? 1_555 ? 
275 AF5 9  GLY B 9  ? GLY B 9   . ? 1_555 ? 
276 AF5 9  HYP B 11 ? HYP B 11  . ? 1_555 ? 
277 AF5 9  GLY B 12 ? GLY B 12  . ? 1_555 ? 
278 AF5 9  GLY C 9  ? GLY C 9   . ? 1_555 ? 
279 AF5 9  GLY C 12 ? GLY C 12  . ? 1_555 ? 
280 AF5 9  HOH J .  ? HOH C 209 . ? 1_555 ? 
281 AF6 8  PRO A 13 ? PRO A 13  . ? 1_555 ? 
282 AF6 8  GLY A 15 ? GLY A 15  . ? 1_555 ? 
283 AF6 8  GLY B 12 ? GLY B 12  . ? 1_555 ? 
284 AF6 8  PRO B 13 ? PRO B 13  . ? 1_555 ? 
285 AF6 8  PRO C 10 ? PRO C 10  . ? 1_555 ? 
286 AF6 8  PRO C 13 ? PRO C 13  . ? 1_555 ? 
287 AF6 8  HOH J .  ? HOH C 209 . ? 1_555 ? 
288 AF6 8  HOH J .  ? HOH C 221 . ? 1_555 ? 
289 AF7 10 GLY A 15 ? GLY A 15  . ? 1_555 ? 
290 AF7 10 VAL A 16 ? VAL A 16  . ? 1_555 ? 
291 AF7 10 HYP B 14 ? HYP B 14  . ? 1_555 ? 
292 AF7 10 GLY B 15 ? GLY B 15  . ? 1_555 ? 
293 AF7 10 GLY C 12 ? GLY C 12  . ? 1_555 ? 
294 AF7 10 GLY C 15 ? GLY C 15  . ? 1_555 ? 
295 AF7 10 EDO F .  ? EDO C 101 . ? 1_555 ? 
296 AF7 10 HOH J .  ? HOH C 204 . ? 1_555 ? 
297 AF7 10 HOH J .  ? HOH C 221 . ? 1_555 ? 
298 AF7 10 HOH J .  ? HOH C 223 . ? 1_555 ? 
299 AF8 11 VAL A 16 ? VAL A 16  . ? 1_555 ? 
300 AF8 11 GLY A 18 ? GLY A 18  . ? 1_555 ? 
301 AF8 11 PRO A 19 ? PRO A 19  . ? 1_555 ? 
302 AF8 11 GLY B 15 ? GLY B 15  . ? 1_555 ? 
303 AF8 11 VAL B 16 ? VAL B 16  . ? 1_555 ? 
304 AF8 11 PRO C 13 ? PRO C 13  . ? 1_555 ? 
305 AF8 11 VAL C 16 ? VAL C 16  . ? 1_555 ? 
306 AF8 11 EDO F .  ? EDO C 101 . ? 1_555 ? 
307 AF8 11 HOH J .  ? HOH C 204 . ? 1_555 ? 
308 AF8 11 HOH J .  ? HOH C 221 . ? 1_555 ? 
309 AF8 11 HOH J .  ? HOH C 223 . ? 1_555 ? 
310 AF9 10 GLY A 18 ? GLY A 18  . ? 1_555 ? 
311 AF9 10 PRO A 19 ? PRO A 19  . ? 1_555 ? 
312 AF9 10 HYP B 17 ? HYP B 17  . ? 1_555 ? 
313 AF9 10 GLY B 18 ? GLY B 18  . ? 1_555 ? 
314 AF9 10 HOH I .  ? HOH B 214 . ? 1_555 ? 
315 AF9 10 GLY C 15 ? GLY C 15  . ? 1_555 ? 
316 AF9 10 GLY C 18 ? GLY C 18  . ? 1_555 ? 
317 AF9 10 HOH J .  ? HOH C 207 . ? 1_555 ? 
318 AF9 10 HOH J .  ? HOH C 212 . ? 1_555 ? 
319 AF9 10 HOH J .  ? HOH C 227 . ? 1_555 ? 
320 AG1 10 PRO A 19 ? PRO A 19  . ? 1_555 ? 
321 AG1 10 GLY A 21 ? GLY A 21  . ? 1_555 ? 
322 AG1 10 GLY B 18 ? GLY B 18  . ? 1_555 ? 
323 AG1 10 PRO B 19 ? PRO B 19  . ? 1_555 ? 
324 AG1 10 VAL C 16 ? VAL C 16  . ? 1_555 ? 
325 AG1 10 PRO C 19 ? PRO C 19  . ? 1_555 ? 
326 AG1 10 HOH J .  ? HOH C 207 . ? 1_555 ? 
327 AG1 10 HOH J .  ? HOH C 212 . ? 1_555 ? 
328 AG1 10 HOH J .  ? HOH C 216 . ? 1_555 ? 
329 AG1 10 HOH J .  ? HOH C 227 . ? 1_555 ? 
330 AG2 10 GLY A 21 ? GLY A 21  . ? 1_555 ? 
331 AG2 10 PRO A 22 ? PRO A 22  . ? 1_555 ? 
332 AG2 10 HYP B 20 ? HYP B 20  . ? 1_555 ? 
333 AG2 10 GLY B 21 ? GLY B 21  . ? 1_555 ? 
334 AG2 10 GLY C 18 ? GLY C 18  . ? 1_555 ? 
335 AG2 10 GLY C 21 ? GLY C 21  . ? 1_555 ? 
336 AG2 10 HOH J .  ? HOH C 208 . ? 1_555 ? 
337 AG2 10 HOH J .  ? HOH C 211 . ? 1_555 ? 
338 AG2 10 HOH J .  ? HOH C 218 . ? 1_555 ? 
339 AG2 10 HOH J .  ? HOH C 224 . ? 1_555 ? 
340 AG3 11 PRO A 22 ? PRO A 22  . ? 1_555 ? 
341 AG3 11 GLY A 24 ? GLY A 24  . ? 1_555 ? 
342 AG3 11 GLY B 21 ? GLY B 21  . ? 1_555 ? 
343 AG3 11 PRO B 22 ? PRO B 22  . ? 1_555 ? 
344 AG3 11 PRO C 19 ? PRO C 19  . ? 1_555 ? 
345 AG3 11 PRO C 22 ? PRO C 22  . ? 1_555 ? 
346 AG3 11 HOH J .  ? HOH C 208 . ? 1_555 ? 
347 AG3 11 HOH J .  ? HOH C 211 . ? 1_555 ? 
348 AG3 11 HOH J .  ? HOH C 214 . ? 1_555 ? 
349 AG3 11 HOH J .  ? HOH C 218 . ? 1_555 ? 
350 AG3 11 HOH J .  ? HOH C 224 . ? 1_555 ? 
351 AG4 10 GLY A 24 ? GLY A 24  . ? 1_555 ? 
352 AG4 10 4BF A 25 ? 4BF A 25  . ? 1_555 ? 
353 AG4 10 GLY B 21 ? GLY B 21  . ? 1_555 ? 
354 AG4 10 HYP B 23 ? HYP B 23  . ? 1_555 ? 
355 AG4 10 GLY B 24 ? GLY B 24  . ? 1_555 ? 
356 AG4 10 GLY C 21 ? GLY C 21  . ? 1_555 ? 
357 AG4 10 GLY C 24 ? GLY C 24  . ? 1_555 ? 
358 AG4 10 HOH J .  ? HOH C 205 . ? 1_555 ? 
359 AG4 10 HOH J .  ? HOH C 214 . ? 1_555 ? 
360 AG4 10 HOH J .  ? HOH C 228 . ? 1_555 ? 
361 AG5 10 4BF A 25 ? 4BF A 25  . ? 1_555 ? 
362 AG5 10 GLY A 27 ? GLY A 27  . ? 1_555 ? 
363 AG5 10 GLY B 24 ? GLY B 24  . ? 1_555 ? 
364 AG5 10 4BF B 25 ? 4BF B 25  . ? 1_555 ? 
365 AG5 10 PRO C 22 ? PRO C 22  . ? 1_555 ? 
366 AG5 10 4BF C 25 ? 4BF C 25  . ? 1_555 ? 
367 AG5 10 HOH J .  ? HOH C 205 . ? 1_555 ? 
368 AG5 10 HOH J .  ? HOH C 214 . ? 1_555 ? 
369 AG5 10 HOH J .  ? HOH C 219 . ? 1_555 ? 
370 AG5 10 HOH J .  ? HOH C 228 . ? 1_555 ? 
371 AG6 12 4BF A 25 ? 4BF A 25  . ? 1_555 ? 
372 AG6 12 GLY A 27 ? GLY A 27  . ? 1_555 ? 
373 AG6 12 GLY B 24 ? GLY B 24  . ? 1_555 ? 
374 AG6 12 4BF B 25 ? 4BF B 25  . ? 1_555 ? 
375 AG6 12 HYP B 26 ? HYP B 26  . ? 1_555 ? 
376 AG6 12 GLY B 27 ? GLY B 27  . ? 1_555 ? 
377 AG6 12 HOH I .  ? HOH B 219 . ? 1_555 ? 
378 AG6 12 PRO C 22 ? PRO C 22  . ? 1_555 ? 
379 AG6 12 HYP C 23 ? HYP C 23  . ? 1_555 ? 
380 AG6 12 HYP C 26 ? HYP C 26  . ? 1_555 ? 
381 AG6 12 GLY C 27 ? GLY C 27  . ? 1_555 ? 
382 AG6 12 HOH J .  ? HOH C 219 . ? 1_555 ? 
383 AG7 9  GLY A 27 ? GLY A 27  . ? 1_555 ? 
384 AG7 9  PRO A 28 ? PRO A 28  . ? 1_555 ? 
385 AG7 9  HYP B 26 ? HYP B 26  . ? 1_555 ? 
386 AG7 9  GLY B 27 ? GLY B 27  . ? 1_555 ? 
387 AG7 9  HOH I .  ? HOH B 219 . ? 1_555 ? 
388 AG7 9  GLY C 24 ? GLY C 24  . ? 1_555 ? 
389 AG7 9  GLY C 27 ? GLY C 27  . ? 1_555 ? 
390 AG7 9  HOH J .  ? HOH C 206 . ? 1_555 ? 
391 AG7 9  HOH J .  ? HOH C 226 . ? 1_555 ? 
392 AG8 9  PRO A 28 ? PRO A 28  . ? 1_555 ? 
393 AG8 9  GLZ A 30 ? GLZ A 30  . ? 1_555 ? 
394 AG8 9  GLY B 27 ? GLY B 27  . ? 1_555 ? 
395 AG8 9  PRO B 28 ? PRO B 28  . ? 1_555 ? 
396 AG8 9  4BF C 25 ? 4BF C 25  . ? 1_555 ? 
397 AG8 9  PRO C 28 ? PRO C 28  . ? 1_555 ? 
398 AG8 9  HOH J .  ? HOH C 206 . ? 1_555 ? 
399 AG8 9  HOH J .  ? HOH C 225 . ? 1_555 ? 
400 AG8 9  HOH J .  ? HOH C 226 . ? 1_555 ? 
401 AG9 8  GLZ A 30 ? GLZ A 30  . ? 1_555 ? 
402 AG9 8  HYP B 29 ? HYP B 29  . ? 1_555 ? 
403 AG9 8  GLZ B 30 ? GLZ B 30  . ? 1_555 ? 
404 AG9 8  GLY C 27 ? GLY C 27  . ? 1_555 ? 
405 AG9 8  GLZ C 30 ? GLZ C 30  . ? 1_555 ? 
406 AG9 8  NH2 C 31 ? NH2 C 31  . ? 1_555 ? 
407 AG9 8  HOH J .  ? HOH C 201 . ? 1_555 ? 
408 AG9 8  HOH J .  ? HOH C 225 . ? 1_555 ? 
409 AH1 9  PRO A 1  ? PRO A 1   . ? 1_453 ? 
410 AH1 9  PRO B 1  ? PRO B 1   . ? 1_453 ? 
411 AH1 9  GLZ B 30 ? GLZ B 30  . ? 1_555 ? 
412 AH1 9  HOH I .  ? HOH B 220 . ? 1_453 ? 
413 AH1 9  PRO C 28 ? PRO C 28  . ? 1_555 ? 
414 AH1 9  NH2 C 31 ? NH2 C 31  . ? 1_555 ? 
415 AH1 9  HOH J .  ? HOH C 201 . ? 1_555 ? 
416 AH1 9  HOH J .  ? HOH C 225 . ? 1_555 ? 
417 AH1 9  HOH J .  ? HOH C 230 . ? 1_555 ? 
418 AH2 6  PRO A 1  ? PRO A 1   . ? 1_453 ? 
419 AH2 6  PRO B 1  ? PRO B 1   . ? 1_453 ? 
420 AH2 6  GLZ B 30 ? GLZ B 30  . ? 1_555 ? 
421 AH2 6  HOH I .  ? HOH B 220 . ? 1_453 ? 
422 AH2 6  HYP C 29 ? HYP C 29  . ? 1_555 ? 
423 AH2 6  HOH J .  ? HOH C 230 . ? 1_555 ? 
# 
_pdbx_entry_details.entry_id                   6W46 
_pdbx_entry_details.has_ligand_of_interest     N 
_pdbx_entry_details.compound_details           ? 
_pdbx_entry_details.source_details             ? 
_pdbx_entry_details.nonpolymer_details         ? 
_pdbx_entry_details.sequence_details           ? 
_pdbx_entry_details.has_protein_modification   Y 
# 
_pdbx_validate_rmsd_angle.id                         1 
_pdbx_validate_rmsd_angle.PDB_model_num              1 
_pdbx_validate_rmsd_angle.auth_atom_id_1             O 
_pdbx_validate_rmsd_angle.auth_asym_id_1             B 
_pdbx_validate_rmsd_angle.auth_comp_id_1             HYP 
_pdbx_validate_rmsd_angle.auth_seq_id_1              29 
_pdbx_validate_rmsd_angle.PDB_ins_code_1             ? 
_pdbx_validate_rmsd_angle.label_alt_id_1             ? 
_pdbx_validate_rmsd_angle.auth_atom_id_2             C 
_pdbx_validate_rmsd_angle.auth_asym_id_2             B 
_pdbx_validate_rmsd_angle.auth_comp_id_2             HYP 
_pdbx_validate_rmsd_angle.auth_seq_id_2              29 
_pdbx_validate_rmsd_angle.PDB_ins_code_2             ? 
_pdbx_validate_rmsd_angle.label_alt_id_2             ? 
_pdbx_validate_rmsd_angle.auth_atom_id_3             N 
_pdbx_validate_rmsd_angle.auth_asym_id_3             B 
_pdbx_validate_rmsd_angle.auth_comp_id_3             GLZ 
_pdbx_validate_rmsd_angle.auth_seq_id_3              30 
_pdbx_validate_rmsd_angle.PDB_ins_code_3             ? 
_pdbx_validate_rmsd_angle.label_alt_id_3             ? 
_pdbx_validate_rmsd_angle.angle_value                133.12 
_pdbx_validate_rmsd_angle.angle_target_value         122.70 
_pdbx_validate_rmsd_angle.angle_deviation            10.42 
_pdbx_validate_rmsd_angle.angle_standard_deviation   1.60 
_pdbx_validate_rmsd_angle.linker_flag                Y 
# 
loop_
_space_group_symop.id 
_space_group_symop.operation_xyz 
1 x,y,z       
2 -x,y+1/2,-z 
# 
loop_
_chem_comp_atom.comp_id 
_chem_comp_atom.atom_id 
_chem_comp_atom.type_symbol 
_chem_comp_atom.pdbx_aromatic_flag 
_chem_comp_atom.pdbx_stereo_config 
_chem_comp_atom.pdbx_ordinal 
4BF CD1  C  Y N 1   
4BF CE1  C  Y N 2   
4BF CZ   C  Y N 3   
4BF BR   BR N N 4   
4BF CE2  C  Y N 5   
4BF CD2  C  Y N 6   
4BF CG   C  Y N 7   
4BF CB   C  N N 8   
4BF CA   C  N S 9   
4BF N    N  N N 10  
4BF C    C  N N 11  
4BF OXT  O  N N 12  
4BF O    O  N N 13  
4BF HD1  H  N N 14  
4BF HE1  H  N N 15  
4BF HE2  H  N N 16  
4BF HD2  H  N N 17  
4BF HB3  H  N N 18  
4BF HB2  H  N N 19  
4BF HA   H  N N 20  
4BF H    H  N N 21  
4BF H2   H  N N 22  
4BF HXT  H  N N 23  
ARG N    N  N N 24  
ARG CA   C  N S 25  
ARG C    C  N N 26  
ARG O    O  N N 27  
ARG CB   C  N N 28  
ARG CG   C  N N 29  
ARG CD   C  N N 30  
ARG NE   N  N N 31  
ARG CZ   C  N N 32  
ARG NH1  N  N N 33  
ARG NH2  N  N N 34  
ARG OXT  O  N N 35  
ARG H    H  N N 36  
ARG H2   H  N N 37  
ARG HA   H  N N 38  
ARG HB2  H  N N 39  
ARG HB3  H  N N 40  
ARG HG2  H  N N 41  
ARG HG3  H  N N 42  
ARG HD2  H  N N 43  
ARG HD3  H  N N 44  
ARG HE   H  N N 45  
ARG HH11 H  N N 46  
ARG HH12 H  N N 47  
ARG HH21 H  N N 48  
ARG HH22 H  N N 49  
ARG HXT  H  N N 50  
EDO C1   C  N N 51  
EDO O1   O  N N 52  
EDO C2   C  N N 53  
EDO O2   O  N N 54  
EDO H11  H  N N 55  
EDO H12  H  N N 56  
EDO HO1  H  N N 57  
EDO H21  H  N N 58  
EDO H22  H  N N 59  
EDO HO2  H  N N 60  
GLY N    N  N N 61  
GLY CA   C  N N 62  
GLY C    C  N N 63  
GLY O    O  N N 64  
GLY OXT  O  N N 65  
GLY H    H  N N 66  
GLY H2   H  N N 67  
GLY HA2  H  N N 68  
GLY HA3  H  N N 69  
GLY HXT  H  N N 70  
GLZ N    N  N N 71  
GLZ CA   C  N N 72  
GLZ C    C  N N 73  
GLZ O    O  N N 74  
GLZ H    H  N N 75  
GLZ H2   H  N N 76  
GLZ HA1  H  N N 77  
GLZ HA2  H  N N 78  
GLZ H1   H  N N 79  
HOH O    O  N N 80  
HOH H1   H  N N 81  
HOH H2   H  N N 82  
HYP N    N  N N 83  
HYP CA   C  N S 84  
HYP C    C  N N 85  
HYP O    O  N N 86  
HYP CB   C  N N 87  
HYP CG   C  N R 88  
HYP CD   C  N N 89  
HYP OD1  O  N N 90  
HYP OXT  O  N N 91  
HYP H    H  N N 92  
HYP HA   H  N N 93  
HYP HB2  H  N N 94  
HYP HB3  H  N N 95  
HYP HG   H  N N 96  
HYP HD22 H  N N 97  
HYP HD23 H  N N 98  
HYP HD1  H  N N 99  
HYP HXT  H  N N 100 
NH2 N    N  N N 101 
NH2 HN1  H  N N 102 
NH2 HN2  H  N N 103 
PRO N    N  N N 104 
PRO CA   C  N S 105 
PRO C    C  N N 106 
PRO O    O  N N 107 
PRO CB   C  N N 108 
PRO CG   C  N N 109 
PRO CD   C  N N 110 
PRO OXT  O  N N 111 
PRO H    H  N N 112 
PRO HA   H  N N 113 
PRO HB2  H  N N 114 
PRO HB3  H  N N 115 
PRO HG2  H  N N 116 
PRO HG3  H  N N 117 
PRO HD2  H  N N 118 
PRO HD3  H  N N 119 
PRO HXT  H  N N 120 
VAL N    N  N N 121 
VAL CA   C  N S 122 
VAL C    C  N N 123 
VAL O    O  N N 124 
VAL CB   C  N N 125 
VAL CG1  C  N N 126 
VAL CG2  C  N N 127 
VAL OXT  O  N N 128 
VAL H    H  N N 129 
VAL H2   H  N N 130 
VAL HA   H  N N 131 
VAL HB   H  N N 132 
VAL HG11 H  N N 133 
VAL HG12 H  N N 134 
VAL HG13 H  N N 135 
VAL HG21 H  N N 136 
VAL HG22 H  N N 137 
VAL HG23 H  N N 138 
VAL HXT  H  N N 139 
# 
loop_
_chem_comp_bond.comp_id 
_chem_comp_bond.atom_id_1 
_chem_comp_bond.atom_id_2 
_chem_comp_bond.value_order 
_chem_comp_bond.pdbx_aromatic_flag 
_chem_comp_bond.pdbx_stereo_config 
_chem_comp_bond.pdbx_ordinal 
4BF CD1 CE1  doub Y N 1   
4BF CD1 CG   sing Y N 2   
4BF CD1 HD1  sing N N 3   
4BF CE1 CZ   sing Y N 4   
4BF CE1 HE1  sing N N 5   
4BF CZ  BR   sing N N 6   
4BF CZ  CE2  doub Y N 7   
4BF CE2 CD2  sing Y N 8   
4BF CE2 HE2  sing N N 9   
4BF CD2 CG   doub Y N 10  
4BF CD2 HD2  sing N N 11  
4BF CG  CB   sing N N 12  
4BF CB  CA   sing N N 13  
4BF CB  HB3  sing N N 14  
4BF CB  HB2  sing N N 15  
4BF CA  N    sing N N 16  
4BF CA  C    sing N N 17  
4BF CA  HA   sing N N 18  
4BF N   H    sing N N 19  
4BF N   H2   sing N N 20  
4BF C   OXT  sing N N 21  
4BF C   O    doub N N 22  
4BF OXT HXT  sing N N 23  
ARG N   CA   sing N N 24  
ARG N   H    sing N N 25  
ARG N   H2   sing N N 26  
ARG CA  C    sing N N 27  
ARG CA  CB   sing N N 28  
ARG CA  HA   sing N N 29  
ARG C   O    doub N N 30  
ARG C   OXT  sing N N 31  
ARG CB  CG   sing N N 32  
ARG CB  HB2  sing N N 33  
ARG CB  HB3  sing N N 34  
ARG CG  CD   sing N N 35  
ARG CG  HG2  sing N N 36  
ARG CG  HG3  sing N N 37  
ARG CD  NE   sing N N 38  
ARG CD  HD2  sing N N 39  
ARG CD  HD3  sing N N 40  
ARG NE  CZ   sing N N 41  
ARG NE  HE   sing N N 42  
ARG CZ  NH1  sing N N 43  
ARG CZ  NH2  doub N N 44  
ARG NH1 HH11 sing N N 45  
ARG NH1 HH12 sing N N 46  
ARG NH2 HH21 sing N N 47  
ARG NH2 HH22 sing N N 48  
ARG OXT HXT  sing N N 49  
EDO C1  O1   sing N N 50  
EDO C1  C2   sing N N 51  
EDO C1  H11  sing N N 52  
EDO C1  H12  sing N N 53  
EDO O1  HO1  sing N N 54  
EDO C2  O2   sing N N 55  
EDO C2  H21  sing N N 56  
EDO C2  H22  sing N N 57  
EDO O2  HO2  sing N N 58  
GLY N   CA   sing N N 59  
GLY N   H    sing N N 60  
GLY N   H2   sing N N 61  
GLY CA  C    sing N N 62  
GLY CA  HA2  sing N N 63  
GLY CA  HA3  sing N N 64  
GLY C   O    doub N N 65  
GLY C   OXT  sing N N 66  
GLY OXT HXT  sing N N 67  
GLZ N   CA   sing N N 68  
GLZ N   H    sing N N 69  
GLZ N   H2   sing N N 70  
GLZ CA  C    sing N N 71  
GLZ CA  HA1  sing N N 72  
GLZ CA  HA2  sing N N 73  
GLZ C   O    doub N N 74  
GLZ C   H1   sing N N 75  
HOH O   H1   sing N N 76  
HOH O   H2   sing N N 77  
HYP N   CA   sing N N 78  
HYP N   CD   sing N N 79  
HYP N   H    sing N N 80  
HYP CA  C    sing N N 81  
HYP CA  CB   sing N N 82  
HYP CA  HA   sing N N 83  
HYP C   O    doub N N 84  
HYP C   OXT  sing N N 85  
HYP CB  CG   sing N N 86  
HYP CB  HB2  sing N N 87  
HYP CB  HB3  sing N N 88  
HYP CG  CD   sing N N 89  
HYP CG  OD1  sing N N 90  
HYP CG  HG   sing N N 91  
HYP CD  HD22 sing N N 92  
HYP CD  HD23 sing N N 93  
HYP OD1 HD1  sing N N 94  
HYP OXT HXT  sing N N 95  
NH2 N   HN1  sing N N 96  
NH2 N   HN2  sing N N 97  
PRO N   CA   sing N N 98  
PRO N   CD   sing N N 99  
PRO N   H    sing N N 100 
PRO CA  C    sing N N 101 
PRO CA  CB   sing N N 102 
PRO CA  HA   sing N N 103 
PRO C   O    doub N N 104 
PRO C   OXT  sing N N 105 
PRO CB  CG   sing N N 106 
PRO CB  HB2  sing N N 107 
PRO CB  HB3  sing N N 108 
PRO CG  CD   sing N N 109 
PRO CG  HG2  sing N N 110 
PRO CG  HG3  sing N N 111 
PRO CD  HD2  sing N N 112 
PRO CD  HD3  sing N N 113 
PRO OXT HXT  sing N N 114 
VAL N   CA   sing N N 115 
VAL N   H    sing N N 116 
VAL N   H2   sing N N 117 
VAL CA  C    sing N N 118 
VAL CA  CB   sing N N 119 
VAL CA  HA   sing N N 120 
VAL C   O    doub N N 121 
VAL C   OXT  sing N N 122 
VAL CB  CG1  sing N N 123 
VAL CB  CG2  sing N N 124 
VAL CB  HB   sing N N 125 
VAL CG1 HG11 sing N N 126 
VAL CG1 HG12 sing N N 127 
VAL CG1 HG13 sing N N 128 
VAL CG2 HG21 sing N N 129 
VAL CG2 HG22 sing N N 130 
VAL CG2 HG23 sing N N 131 
VAL OXT HXT  sing N N 132 
# 
_pdbx_audit_support.funding_organization   'National Science Foundation (NSF, United States)' 
_pdbx_audit_support.country                'United States' 
_pdbx_audit_support.grant_number           'Penn MRSEC Grant No. DMR-1720530' 
_pdbx_audit_support.ordinal                1 
# 
_space_group.name_H-M_alt     'P 1 21 1' 
_space_group.name_Hall        'P 2yb' 
_space_group.IT_number        4 
_space_group.crystal_system   monoclinic 
_space_group.id               1 
# 
_atom_sites.entry_id                    6W46 
_atom_sites.fract_transf_matrix[1][1]   -0.01677847 
_atom_sites.fract_transf_matrix[1][2]   0.01784899 
_atom_sites.fract_transf_matrix[1][3]   0.01100021 
_atom_sites.fract_transf_matrix[2][1]   -0.01637031 
_atom_sites.fract_transf_matrix[2][2]   0.01313156 
_atom_sites.fract_transf_matrix[2][3]   -0.04627673 
_atom_sites.fract_transf_matrix[3][1]   -0.01829962 
_atom_sites.fract_transf_matrix[3][2]   -0.01625004 
_atom_sites.fract_transf_matrix[3][3]   0.00186232 
_atom_sites.fract_transf_vector[1]      0.034407 
_atom_sites.fract_transf_vector[2]      0.193565 
_atom_sites.fract_transf_vector[3]      -0.142124 
# 
loop_
_atom_type.symbol 
_atom_type.scat_dispersion_real 
_atom_type.scat_dispersion_imag 
_atom_type.scat_Cromer_Mann_a1 
_atom_type.scat_Cromer_Mann_a2 
_atom_type.scat_Cromer_Mann_a3 
_atom_type.scat_Cromer_Mann_a4 
_atom_type.scat_Cromer_Mann_b1 
_atom_type.scat_Cromer_Mann_b2 
_atom_type.scat_Cromer_Mann_b3 
_atom_type.scat_Cromer_Mann_b4 
_atom_type.scat_Cromer_Mann_c 
_atom_type.scat_source 
_atom_type.scat_dispersion_source 
BR ? ? 25.79822 9.11301 ? ? 1.35700  25.34896 ? ? 0.0 
;2-Gaussian fit: Grosse-Kunstleve RW, Sauter NK, Adams PD: Newsletter of the IUCr Commission on Crystallographic Computing 2004, 3, 22-31.
;
? 
C  ? ? 3.54356  2.42580 ? ? 25.62398 1.50364  ? ? 0.0 
;2-Gaussian fit: Grosse-Kunstleve RW, Sauter NK, Adams PD: Newsletter of the IUCr Commission on Crystallographic Computing 2004, 3, 22-31.
;
? 
N  ? ? 4.01032  2.96436 ? ? 19.97189 1.75589  ? ? 0.0 
;2-Gaussian fit: Grosse-Kunstleve RW, Sauter NK, Adams PD: Newsletter of the IUCr Commission on Crystallographic Computing 2004, 3, 22-31.
;
? 
O  ? ? 4.49882  3.47563 ? ? 15.80542 1.70748  ? ? 0.0 
;2-Gaussian fit: Grosse-Kunstleve RW, Sauter NK, Adams PD: Newsletter of the IUCr Commission on Crystallographic Computing 2004, 3, 22-31.
;
? 
# 
loop_
_atom_site.group_PDB 
_atom_site.id 
_atom_site.type_symbol 
_atom_site.label_atom_id 
_atom_site.label_alt_id 
_atom_site.label_comp_id 
_atom_site.label_asym_id 
_atom_site.label_entity_id 
_atom_site.label_seq_id 
_atom_site.pdbx_PDB_ins_code 
_atom_site.Cartn_x 
_atom_site.Cartn_y 
_atom_site.Cartn_z 
_atom_site.occupancy 
_atom_site.B_iso_or_equiv 
_atom_site.pdbx_formal_charge 
_atom_site.auth_seq_id 
_atom_site.auth_comp_id 
_atom_site.auth_asym_id 
_atom_site.auth_atom_id 
_atom_site.pdbx_PDB_model_num 
ATOM   1   N  N   . PRO A 1 1  ? -39.490 -19.252 5.956   1.00 17.90  ? 1   PRO A N   1 
ATOM   2   C  CA  . PRO A 1 1  ? -38.227 -19.218 5.213   1.00 17.09  ? 1   PRO A CA  1 
ATOM   3   C  C   . PRO A 1 1  ? -37.268 -18.177 5.783   1.00 16.16  ? 1   PRO A C   1 
ATOM   4   O  O   . PRO A 1 1  ? -37.679 -17.328 6.567   1.00 15.92  ? 1   PRO A O   1 
ATOM   5   C  CB  . PRO A 1 1  ? -38.660 -18.826 3.792   1.00 17.71  ? 1   PRO A CB  1 
ATOM   6   C  CG  . PRO A 1 1  ? -40.160 -18.967 3.748   1.00 19.10  ? 1   PRO A CG  1 
ATOM   7   C  CD  . PRO A 1 1  ? -40.635 -19.499 5.070   1.00 18.62  ? 1   PRO A CD  1 
HETATM 8   N  N   . HYP A 1 2  ? -36.003 -18.233 5.384   1.00 16.21  ? 2   HYP A N   1 
HETATM 9   C  CA  . HYP A 1 2  ? -34.970 -17.329 5.977   1.00 15.23  ? 2   HYP A CA  1 
HETATM 10  C  C   . HYP A 1 2  ? -35.263 -15.811 5.772   1.00 14.59  ? 2   HYP A C   1 
HETATM 11  O  O   . HYP A 1 2  ? -35.864 -15.421 4.754   1.00 15.63  ? 2   HYP A O   1 
HETATM 12  C  CB  . HYP A 1 2  ? -33.636 -17.692 5.318   1.00 16.00  ? 2   HYP A CB  1 
HETATM 13  C  CG  . HYP A 1 2  ? -33.823 -19.161 4.953   1.00 17.10  ? 2   HYP A CG  1 
HETATM 14  C  CD  . HYP A 1 2  ? -35.273 -19.124 4.465   1.00 17.07  ? 2   HYP A CD  1 
HETATM 15  O  OD1 . HYP A 1 2  ? -33.647 -20.050 6.010   1.00 19.34  ? 2   HYP A OD1 1 
ATOM   16  N  N   . GLY A 1 3  ? -34.841 -15.003 6.742   1.00 13.59  ? 3   GLY A N   1 
ATOM   17  C  CA  . GLY A 1 3  ? -34.972 -13.561 6.649   1.00 11.61  ? 3   GLY A CA  1 
ATOM   18  C  C   . GLY A 1 3  ? -33.965 -13.001 5.662   1.00 11.30  ? 3   GLY A C   1 
ATOM   19  O  O   . GLY A 1 3  ? -33.140 -13.740 5.127   1.00 11.43  ? 3   GLY A O   1 
ATOM   20  N  N   . PRO A 1 4  ? -34.006 -11.679 5.427   1.00 11.85  ? 4   PRO A N   1 
ATOM   21  C  CA  . PRO A 1 4  ? -33.109 -11.062 4.445   1.00 11.55  ? 4   PRO A CA  1 
ATOM   22  C  C   . PRO A 1 4  ? -31.660 -11.081 4.890   1.00 11.60  ? 4   PRO A C   1 
ATOM   23  O  O   . PRO A 1 4  ? -31.368 -11.123 6.086   1.00 11.42  ? 4   PRO A O   1 
ATOM   24  C  CB  . PRO A 1 4  ? -33.605 -9.610  4.345   1.00 13.29  ? 4   PRO A CB  1 
ATOM   25  C  CG  . PRO A 1 4  ? -34.892 -9.549  5.094   1.00 14.62  ? 4   PRO A CG  1 
ATOM   26  C  CD  . PRO A 1 4  ? -34.951 -10.715 6.021   1.00 13.35  ? 4   PRO A CD  1 
HETATM 27  N  N   . HYP A 1 5  ? -30.763 -11.069 3.915   1.00 12.21  ? 5   HYP A N   1 
HETATM 28  C  CA  . HYP A 1 5  ? -29.327 -10.953 4.203   1.00 13.43  ? 5   HYP A CA  1 
HETATM 29  C  C   . HYP A 1 5  ? -29.047 -9.663  5.034   1.00 13.98  ? 5   HYP A C   1 
HETATM 30  O  O   . HYP A 1 5  ? -29.766 -8.659  4.887   1.00 14.91  ? 5   HYP A O   1 
HETATM 31  C  CB  . HYP A 1 5  ? -28.613 -10.874 2.842   1.00 15.18  ? 5   HYP A CB  1 
HETATM 32  C  CG  . HYP A 1 5  ? -29.587 -11.512 1.857   1.00 16.63  ? 5   HYP A CG  1 
HETATM 33  C  CD  . HYP A 1 5  ? -30.912 -11.027 2.447   1.00 14.66  ? 5   HYP A CD  1 
HETATM 34  O  OD1 . HYP A 1 5  ? -29.531 -12.902 1.778   1.00 19.43  ? 5   HYP A OD1 1 
ATOM   35  N  N   . GLY A 1 6  ? -28.042 -9.717  5.897   1.00 13.54  ? 6   GLY A N   1 
ATOM   36  C  CA  . GLY A 1 6  ? -27.650 -8.549  6.656   1.00 13.22  ? 6   GLY A CA  1 
ATOM   37  C  C   . GLY A 1 6  ? -27.024 -7.472  5.789   1.00 11.74  ? 6   GLY A C   1 
ATOM   38  O  O   . GLY A 1 6  ? -26.834 -7.662  4.585   1.00 12.71  ? 6   GLY A O   1 
ATOM   39  N  N   . PRO A 1 7  ? -26.710 -6.331  6.395   1.00 12.78  ? 7   PRO A N   1 
ATOM   40  C  CA  . PRO A 1 7  ? -26.012 -5.275  5.658   1.00 14.08  ? 7   PRO A CA  1 
ATOM   41  C  C   . PRO A 1 7  ? -24.612 -5.711  5.245   1.00 12.18  ? 7   PRO A C   1 
ATOM   42  O  O   . PRO A 1 7  ? -24.024 -6.650  5.788   1.00 11.56  ? 7   PRO A O   1 
ATOM   43  C  CB  . PRO A 1 7  ? -25.943 -4.115  6.658   1.00 15.47  ? 7   PRO A CB  1 
ATOM   44  C  CG  . PRO A 1 7  ? -26.826 -4.504  7.807   1.00 16.08  ? 7   PRO A CG  1 
ATOM   45  C  CD  . PRO A 1 7  ? -26.932 -5.983  7.809   1.00 13.72  ? 7   PRO A CD  1 
ATOM   46  N  N   . ARG A 1 8  ? -24.086 -4.999  4.254   1.00 11.94  ? 8   ARG A N   1 
ATOM   47  C  CA  . ARG A 1 8  ? -22.733 -5.246  3.779   1.00 12.98  ? 8   ARG A CA  1 
ATOM   48  C  C   . ARG A 1 8  ? -21.733 -5.058  4.910   1.00 11.07  ? 8   ARG A C   1 
ATOM   49  O  O   . ARG A 1 8  ? -21.893 -4.183  5.764   1.00 11.03  ? 8   ARG A O   1 
ATOM   50  C  CB  . ARG A 1 8  ? -22.409 -4.261  2.657   1.00 13.66  ? 8   ARG A CB  1 
ATOM   51  C  CG  . ARG A 1 8  ? -21.162 -4.600  1.897   1.00 14.93  ? 8   ARG A CG  1 
ATOM   52  C  CD  . ARG A 1 8  ? -20.931 -3.580  0.798   1.00 16.89  ? 8   ARG A CD  1 
ATOM   53  N  NE  . ARG A 1 8  ? -20.483 -2.280  1.305   1.00 18.42  ? 8   ARG A NE  1 
ATOM   54  C  CZ  . ARG A 1 8  ? -20.112 -1.274  0.521   1.00 21.10  ? 8   ARG A CZ  1 
ATOM   55  N  NH1 . ARG A 1 8  ? -20.149 -1.421  -0.798  1.00 22.81  ? 8   ARG A NH1 1 
ATOM   56  N  NH2 . ARG A 1 8  ? -19.708 -0.124  1.047   1.00 21.57  ? 8   ARG A NH2 1 
ATOM   57  N  N   . GLY A 1 9  ? -20.697 -5.889  4.914   1.00 10.71  ? 9   GLY A N   1 
ATOM   58  C  CA  . GLY A 1 9  ? -19.644 -5.783  5.893   1.00 9.58   ? 9   GLY A CA  1 
ATOM   59  C  C   . GLY A 1 9  ? -18.800 -4.529  5.722   1.00 8.43   ? 9   GLY A C   1 
ATOM   60  O  O   . GLY A 1 9  ? -18.910 -3.798  4.733   1.00 8.66   ? 9   GLY A O   1 
ATOM   61  N  N   . PRO A 1 10 ? -17.924 -4.258  6.695   1.00 7.43   ? 10  PRO A N   1 
ATOM   62  C  CA  . PRO A 1 10 ? -17.111 -3.036  6.658   1.00 8.37   ? 10  PRO A CA  1 
ATOM   63  C  C   . PRO A 1 10 ? -15.951 -3.143  5.679   1.00 7.95   ? 10  PRO A C   1 
ATOM   64  O  O   . PRO A 1 10 ? -15.590 -4.239  5.220   1.00 6.67   ? 10  PRO A O   1 
ATOM   65  C  CB  . PRO A 1 10 ? -16.586 -2.922  8.089   1.00 10.99  ? 10  PRO A CB  1 
ATOM   66  C  CG  . PRO A 1 10 ? -16.617 -4.314  8.613   1.00 10.09  ? 10  PRO A CG  1 
ATOM   67  C  CD  . PRO A 1 10 ? -17.704 -5.048  7.919   1.00 9.31   ? 10  PRO A CD  1 
HETATM 68  N  N   . HYP A 1 11 ? -15.373 -1.994  5.358   1.00 10.10  ? 11  HYP A N   1 
HETATM 69  C  CA  . HYP A 1 11 ? -14.225 -1.949  4.438   1.00 8.57   ? 11  HYP A CA  1 
HETATM 70  C  C   . HYP A 1 11 ? -13.025 -2.771  4.967   1.00 7.73   ? 11  HYP A C   1 
HETATM 71  O  O   . HYP A 1 11 ? -12.781 -2.824  6.187   1.00 7.45   ? 11  HYP A O   1 
HETATM 72  C  CB  . HYP A 1 11 ? -13.835 -0.482  4.333   1.00 10.88  ? 11  HYP A CB  1 
HETATM 73  C  CG  . HYP A 1 11 ? -15.163 0.241   4.530   1.00 11.39  ? 11  HYP A CG  1 
HETATM 74  C  CD  . HYP A 1 11 ? -15.732 -0.603  5.673   1.00 11.63  ? 11  HYP A CD  1 
HETATM 75  O  OD1 . HYP A 1 11 ? -15.982 0.226   3.417   1.00 13.62  ? 11  HYP A OD1 1 
ATOM   76  N  N   . GLY A 1 12 ? -12.297 -3.370  4.040   1.00 6.55   ? 12  GLY A N   1 
ATOM   77  C  CA  . GLY A 1 12 ? -11.111 -4.116  4.383   1.00 6.51   ? 12  GLY A CA  1 
ATOM   78  C  C   . GLY A 1 12 ? -10.007 -3.280  4.996   1.00 7.23   ? 12  GLY A C   1 
ATOM   79  O  O   . GLY A 1 12 ? -10.048 -2.041  4.962   1.00 8.97   ? 12  GLY A O   1 
ATOM   80  N  N   . PRO A 1 13 ? -9.004  -3.968  5.556   1.00 8.28   ? 13  PRO A N   1 
ATOM   81  C  CA  . PRO A 1 13 ? -7.814  -3.291  6.069   1.00 9.08   ? 13  PRO A CA  1 
ATOM   82  C  C   . PRO A 1 13 ? -7.060  -2.628  4.924   1.00 7.75   ? 13  PRO A C   1 
ATOM   83  O  O   . PRO A 1 13 ? -7.246  -2.992  3.767   1.00 7.94   ? 13  PRO A O   1 
ATOM   84  C  CB  . PRO A 1 13 ? -6.972  -4.436  6.650   1.00 12.17  ? 13  PRO A CB  1 
ATOM   85  C  CG  . PRO A 1 13 ? -7.801  -5.653  6.618   1.00 11.81  ? 13  PRO A CG  1 
ATOM   86  C  CD  . PRO A 1 13 ? -8.887  -5.435  5.616   1.00 8.91   ? 13  PRO A CD  1 
HETATM 87  N  N   . HYP A 1 14 ? -6.215  -1.657  5.240   1.00 9.36   ? 14  HYP A N   1 
HETATM 88  C  CA  . HYP A 1 14 ? -5.389  -1.046  4.192   1.00 8.77   ? 14  HYP A CA  1 
HETATM 89  C  C   . HYP A 1 14 ? -4.445  -2.108  3.584   1.00 8.43   ? 14  HYP A C   1 
HETATM 90  O  O   . HYP A 1 14 ? -4.149  -3.122  4.243   1.00 9.30   ? 14  HYP A O   1 
HETATM 91  C  CB  . HYP A 1 14 ? -4.566  0.057   4.897   1.00 12.03  ? 14  HYP A CB  1 
HETATM 92  C  CG  . HYP A 1 14 ? -5.451  0.448   6.090   1.00 13.65  ? 14  HYP A CG  1 
HETATM 93  C  CD  . HYP A 1 14 ? -5.956  -0.923  6.495   1.00 11.85  ? 14  HYP A CD  1 
HETATM 94  O  OD1 . HYP A 1 14 ? -6.514  1.275   5.781   1.00 14.21  ? 14  HYP A OD1 1 
ATOM   95  N  N   . GLY A 1 15 ? -4.013  -1.891  2.348   1.00 6.92   ? 15  GLY A N   1 
ATOM   96  C  CA  . GLY A 1 15 ? -2.987  -2.735  1.760   1.00 6.89   ? 15  GLY A CA  1 
ATOM   97  C  C   . GLY A 1 15 ? -1.665  -2.669  2.507   1.00 7.26   ? 15  GLY A C   1 
ATOM   98  O  O   . GLY A 1 15 ? -1.481  -1.858  3.433   1.00 7.90   ? 15  GLY A O   1 
ATOM   99  N  N   . VAL A 1 16 ? -0.723  -3.505  2.083   1.00 7.81   ? 16  VAL A N   1 
ATOM   100 C  CA  . VAL A 1 16 ? 0.618   -3.475  2.645   1.00 8.23   ? 16  VAL A CA  1 
ATOM   101 C  C   . VAL A 1 16 ? 1.340   -2.205  2.213   1.00 6.50   ? 16  VAL A C   1 
ATOM   102 O  O   . VAL A 1 16 ? 0.962   -1.572  1.228   1.00 6.59   ? 16  VAL A O   1 
ATOM   103 C  CB  . VAL A 1 16 ? 1.426   -4.731  2.259   1.00 9.69   ? 16  VAL A CB  1 
ATOM   104 C  CG1 . VAL A 1 16 ? 0.773   -5.988  2.810   1.00 11.07  ? 16  VAL A CG1 1 
ATOM   105 C  CG2 . VAL A 1 16 ? 1.602   -4.811  0.750   1.00 9.10   ? 16  VAL A CG2 1 
HETATM 106 N  N   . HYP A 1 17 ? 2.377   -1.834  2.949   1.00 5.69   ? 17  HYP A N   1 
HETATM 107 C  CA  . HYP A 1 17 ? 3.218   -0.682  2.551   1.00 7.28   ? 17  HYP A CA  1 
HETATM 108 C  C   . HYP A 1 17 ? 3.814   -0.895  1.127   1.00 6.12   ? 17  HYP A C   1 
HETATM 109 O  O   . HYP A 1 17 ? 4.132   -2.036  0.741   1.00 7.49   ? 17  HYP A O   1 
HETATM 110 C  CB  . HYP A 1 17 ? 4.333   -0.617  3.587   1.00 7.90   ? 17  HYP A CB  1 
HETATM 111 C  CG  . HYP A 1 17 ? 3.671   -1.188  4.843   1.00 8.67   ? 17  HYP A CG  1 
HETATM 112 C  CD  . HYP A 1 17 ? 2.902   -2.343  4.234   1.00 7.31   ? 17  HYP A CD  1 
HETATM 113 O  OD1 . HYP A 1 17 ? 2.825   -0.300  5.503   1.00 10.56  ? 17  HYP A OD1 1 
ATOM   114 N  N   . GLY A 1 18 ? 3.935   0.194   0.377   1.00 6.05   ? 18  GLY A N   1 
ATOM   115 C  CA  . GLY A 1 18 ? 4.531   0.142   -0.940  1.00 6.30   ? 18  GLY A CA  1 
ATOM   116 C  C   . GLY A 1 18 ? 5.995   -0.233  -0.946  1.00 6.31   ? 18  GLY A C   1 
ATOM   117 O  O   . GLY A 1 18 ? 6.651   -0.200  0.098   1.00 7.41   ? 18  GLY A O   1 
ATOM   118 N  N   . PRO A 1 19 ? 6.524   -0.565  -2.133  1.00 6.30   ? 19  PRO A N   1 
ATOM   119 C  CA  . PRO A 1 19 ? 7.945   -0.897  -2.270  1.00 6.56   ? 19  PRO A CA  1 
ATOM   120 C  C   . PRO A 1 19 ? 8.842   0.318   -2.087  1.00 5.77   ? 19  PRO A C   1 
ATOM   121 O  O   . PRO A 1 19 ? 8.423   1.445   -2.316  1.00 5.96   ? 19  PRO A O   1 
ATOM   122 C  CB  . PRO A 1 19 ? 8.057   -1.379  -3.721  1.00 9.53   ? 19  PRO A CB  1 
ATOM   123 C  CG  . PRO A 1 19 ? 6.672   -1.720  -4.133  1.00 10.79  ? 19  PRO A CG  1 
ATOM   124 C  CD  . PRO A 1 19 ? 5.792   -0.765  -3.394  1.00 7.81   ? 19  PRO A CD  1 
HETATM 125 N  N   . HYP A 1 20 ? 10.080  0.078   -1.681  1.00 5.04   ? 20  HYP A N   1 
HETATM 126 C  CA  . HYP A 1 20 ? 11.091  1.146   -1.664  1.00 6.58   ? 20  HYP A CA  1 
HETATM 127 C  C   . HYP A 1 20 ? 11.221  1.773   -3.090  1.00 5.82   ? 20  HYP A C   1 
HETATM 128 O  O   . HYP A 1 20 ? 11.081  1.058   -4.100  1.00 6.36   ? 20  HYP A O   1 
HETATM 129 C  CB  . HYP A 1 20 ? 12.399  0.463   -1.315  1.00 6.46   ? 20  HYP A CB  1 
HETATM 130 C  CG  . HYP A 1 20 ? 11.934  -0.678  -0.412  1.00 6.46   ? 20  HYP A CG  1 
HETATM 131 C  CD  . HYP A 1 20 ? 10.711  -1.147  -1.185  1.00 7.62   ? 20  HYP A CD  1 
HETATM 132 O  OD1 . HYP A 1 20 ? 11.591  -0.253  0.852   1.00 8.07   ? 20  HYP A OD1 1 
ATOM   133 N  N   . GLY A 1 21 ? 11.436  3.083   -3.150  1.00 5.41   ? 21  GLY A N   1 
ATOM   134 C  CA  . GLY A 1 21 ? 11.634  3.733   -4.426  1.00 6.11   ? 21  GLY A CA  1 
ATOM   135 C  C   . GLY A 1 21 ? 12.931  3.302   -5.083  1.00 6.45   ? 21  GLY A C   1 
ATOM   136 O  O   . GLY A 1 21 ? 13.727  2.587   -4.493  1.00 7.30   ? 21  GLY A O   1 
ATOM   137 N  N   . PRO A 1 22 ? 13.157  3.744   -6.321  1.00 7.21   ? 22  PRO A N   1 
ATOM   138 C  CA  A PRO A 1 22 ? 14.402  3.473   -7.046  0.41 8.60   ? 22  PRO A CA  1 
ATOM   139 C  CA  B PRO A 1 22 ? 14.411  3.416   -7.001  0.59 9.31   ? 22  PRO A CA  1 
ATOM   140 C  C   . PRO A 1 22 ? 15.591  4.174   -6.402  1.00 8.31   ? 22  PRO A C   1 
ATOM   141 O  O   . PRO A 1 22 ? 15.412  5.123   -5.622  1.00 8.27   ? 22  PRO A O   1 
ATOM   142 C  CB  A PRO A 1 22 ? 14.137  4.075   -8.435  0.41 8.64   ? 22  PRO A CB  1 
ATOM   143 C  CB  B PRO A 1 22 ? 14.151  3.862   -8.443  0.59 10.52  ? 22  PRO A CB  1 
ATOM   144 C  CG  A PRO A 1 22 ? 12.655  4.249   -8.522  0.41 7.85   ? 22  PRO A CG  1 
ATOM   145 C  CG  B PRO A 1 22 ? 13.121  4.913   -8.333  0.59 10.18  ? 22  PRO A CG  1 
ATOM   146 C  CD  A PRO A 1 22 ? 12.204  4.523   -7.126  0.41 7.76   ? 22  PRO A CD  1 
ATOM   147 C  CD  B PRO A 1 22 ? 12.262  4.562   -7.152  0.59 8.86   ? 22  PRO A CD  1 
HETATM 148 N  N   . HYP A 1 23 ? 16.799  3.739   -6.743  1.00 8.20   ? 23  HYP A N   1 
HETATM 149 C  CA  . HYP A 1 23 ? 17.997  4.447   -6.283  1.00 8.61   ? 23  HYP A CA  1 
HETATM 150 C  C   . HYP A 1 23 ? 17.944  5.921   -6.728  1.00 7.31   ? 23  HYP A C   1 
HETATM 151 O  O   . HYP A 1 23 ? 17.404  6.233   -7.799  1.00 8.08   ? 23  HYP A O   1 
HETATM 152 C  CB  . HYP A 1 23 ? 19.175  3.763   -6.990  1.00 9.46   ? 23  HYP A CB  1 
HETATM 153 C  CG  . HYP A 1 23 ? 18.720  2.320   -7.098  1.00 9.57   ? 23  HYP A CG  1 
HETATM 154 C  CD  . HYP A 1 23 ? 17.282  2.571   -7.551  1.00 9.55   ? 23  HYP A CD  1 
HETATM 155 O  OD1 . HYP A 1 23 ? 18.786  1.625   -5.905  1.00 11.62  ? 23  HYP A OD1 1 
ATOM   156 N  N   . GLY A 1 24 ? 18.534  6.799   -5.929  1.00 8.32   ? 24  GLY A N   1 
ATOM   157 C  CA  . GLY A 1 24 ? 18.629  8.193   -6.311  1.00 8.83   ? 24  GLY A CA  1 
ATOM   158 C  C   . GLY A 1 24 ? 19.545  8.425   -7.503  1.00 8.83   ? 24  GLY A C   1 
ATOM   159 O  O   . GLY A 1 24 ? 20.197  7.511   -8.005  1.00 9.87   ? 24  GLY A O   1 
HETATM 160 C  CD1 . 4BF A 1 25 ? 17.720  11.300  -9.911  1.00 87.60  ? 25  4BF A CD1 1 
HETATM 161 C  CE1 . 4BF A 1 25 ? 16.581  11.204  -10.703 1.00 67.81  ? 25  4BF A CE1 1 
HETATM 162 C  CZ  . 4BF A 1 25 ? 16.711  11.123  -12.092 1.00 16.53  ? 25  4BF A CZ  1 
HETATM 163 BR BR  . 4BF A 1 25 ? 15.185  10.997  -13.171 1.00 284.38 ? 25  4BF A BR  1 
HETATM 164 C  CE2 . 4BF A 1 25 ? 17.981  11.147  -12.679 1.00 22.00  ? 25  4BF A CE2 1 
HETATM 165 C  CD2 . 4BF A 1 25 ? 19.119  11.243  -11.882 1.00 20.87  ? 25  4BF A CD2 1 
HETATM 166 C  CG  . 4BF A 1 25 ? 18.995  11.322  -10.490 1.00 24.61  ? 25  4BF A CG  1 
HETATM 167 C  CB  . 4BF A 1 25 ? 20.197  11.417  -9.619  1.00 13.31  ? 25  4BF A CB  1 
HETATM 168 C  CA  . 4BF A 1 25 ? 20.503  10.028  -9.024  1.00 8.51   ? 25  4BF A CA  1 
HETATM 169 N  N   . 4BF A 1 25 ? 19.609  9.671   -7.949  1.00 8.17   ? 25  4BF A N   1 
HETATM 170 C  C   . 4BF A 1 25 ? 21.947  9.970   -8.539  1.00 9.36   ? 25  4BF A C   1 
HETATM 171 O  O   . 4BF A 1 25 ? 22.245  10.097  -7.362  1.00 9.94   ? 25  4BF A O   1 
HETATM 172 N  N   . HYP A 1 26 ? 22.875  9.750   -9.465  1.00 10.18  ? 26  HYP A N   1 
HETATM 173 C  CA  . HYP A 1 26 ? 24.313  9.777   -9.115  1.00 11.24  ? 26  HYP A CA  1 
HETATM 174 C  C   . HYP A 1 26 ? 24.741  11.170  -8.535  1.00 10.58  ? 26  HYP A C   1 
HETATM 175 O  O   . HYP A 1 26 ? 24.127  12.202  -8.868  1.00 11.49  ? 26  HYP A O   1 
HETATM 176 C  CB  . HYP A 1 26 ? 25.099  9.505   -10.409 1.00 11.86  ? 26  HYP A CB  1 
HETATM 177 C  CG  . HYP A 1 26 ? 24.108  8.730   -11.283 1.00 12.21  ? 26  HYP A CG  1 
HETATM 178 C  CD  . HYP A 1 26 ? 22.773  9.400   -10.889 1.00 11.89  ? 26  HYP A CD  1 
HETATM 179 O  OD1 . HYP A 1 26 ? 24.074  7.372   -11.045 1.00 15.26  ? 26  HYP A OD1 1 
ATOM   180 N  N   . GLY A 1 27 ? 25.764  11.168  -7.692  1.00 11.72  ? 27  GLY A N   1 
ATOM   181 C  CA  . GLY A 1 27 ? 26.299  12.396  -7.145  1.00 11.76  ? 27  GLY A CA  1 
ATOM   182 C  C   . GLY A 1 27 ? 26.972  13.275  -8.179  1.00 11.03  ? 27  GLY A C   1 
ATOM   183 O  O   . GLY A 1 27 ? 27.160  12.873  -9.328  1.00 10.73  ? 27  GLY A O   1 
ATOM   184 N  N   . PRO A 1 28 ? 27.341  14.495  -7.779  1.00 10.82  ? 28  PRO A N   1 
ATOM   185 C  CA  . PRO A 1 28 ? 28.041  15.364  -8.723  1.00 12.25  ? 28  PRO A CA  1 
ATOM   186 C  C   . PRO A 1 28 ? 29.473  14.905  -8.981  1.00 10.88  ? 28  PRO A C   1 
ATOM   187 O  O   . PRO A 1 28 ? 30.036  14.099  -8.233  1.00 9.65   ? 28  PRO A O   1 
ATOM   188 C  CB  . PRO A 1 28 ? 28.030  16.718  -8.024  1.00 14.55  ? 28  PRO A CB  1 
ATOM   189 C  CG  . PRO A 1 28 ? 27.831  16.427  -6.613  1.00 15.13  ? 28  PRO A CG  1 
ATOM   190 C  CD  . PRO A 1 28 ? 27.101  15.141  -6.481  1.00 13.36  ? 28  PRO A CD  1 
HETATM 191 N  N   . HYP A 1 29 ? 30.053  15.411  -10.058 1.00 10.89  ? 29  HYP A N   1 
HETATM 192 C  CA  . HYP A 1 29 ? 31.473  15.121  -10.362 1.00 12.30  ? 29  HYP A CA  1 
HETATM 193 C  C   . HYP A 1 29 ? 32.393  15.561  -9.184  1.00 13.18  ? 29  HYP A C   1 
HETATM 194 O  O   . HYP A 1 29 ? 32.045  16.512  -8.464  1.00 14.85  ? 29  HYP A O   1 
HETATM 195 C  CB  . HYP A 1 29 ? 31.827  15.937  -11.603 1.00 13.53  ? 29  HYP A CB  1 
HETATM 196 C  CG  . HYP A 1 29 ? 30.498  16.135  -12.324 1.00 15.38  ? 29  HYP A CG  1 
HETATM 197 C  CD  . HYP A 1 29 ? 29.552  16.308  -11.133 1.00 14.26  ? 29  HYP A CD  1 
HETATM 198 O  OD1 . HYP A 1 29 ? 30.121  15.079  -13.140 1.00 17.66  ? 29  HYP A OD1 1 
HETATM 199 N  N   . GLZ A 1 30 ? 33.525  14.737  -8.894  1.00 12.38  ? 30  GLZ A N   1 
HETATM 200 C  CA  . GLZ A 1 30 ? 34.394  15.176  -7.816  1.00 13.67  ? 30  GLZ A CA  1 
HETATM 201 C  C   . GLZ A 1 30 ? 35.190  16.405  -8.237  1.00 19.23  ? 30  GLZ A C   1 
HETATM 202 O  O   . GLZ A 1 30 ? 35.924  16.916  -7.459  1.00 25.15  ? 30  GLZ A O   1 
HETATM 203 N  N   . NH2 A 1 31 ? 35.038  16.941  -9.574  1.00 14.99  ? 31  NH2 A N   1 
ATOM   204 N  N   . PRO B 1 1  ? -35.589 -16.667 13.381  1.00 17.05  ? 1   PRO B N   1 
ATOM   205 C  CA  . PRO B 1 1  ? -34.192 -16.267 13.596  1.00 15.71  ? 1   PRO B CA  1 
ATOM   206 C  C   . PRO B 1 1  ? -33.683 -15.345 12.499  1.00 14.22  ? 1   PRO B C   1 
ATOM   207 O  O   . PRO B 1 1  ? -34.319 -15.209 11.459  1.00 14.21  ? 1   PRO B O   1 
ATOM   208 C  CB  . PRO B 1 1  ? -33.428 -17.600 13.569  1.00 16.43  ? 1   PRO B CB  1 
ATOM   209 C  CG  . PRO B 1 1  ? -34.441 -18.660 13.214  1.00 17.44  ? 1   PRO B CG  1 
ATOM   210 C  CD  . PRO B 1 1  ? -35.780 -18.114 13.549  1.00 18.04  ? 1   PRO B CD  1 
HETATM 211 N  N   . HYP B 1 2  ? -32.538 -14.718 12.732  1.00 12.60  ? 2   HYP B N   1 
HETATM 212 C  CA  . HYP B 1 2  ? -32.002 -13.730 11.772  1.00 13.19  ? 2   HYP B CA  1 
HETATM 213 C  C   . HYP B 1 2  ? -31.604 -14.378 10.403  1.00 12.76  ? 2   HYP B C   1 
HETATM 214 O  O   . HYP B 1 2  ? -31.251 -15.568 10.352  1.00 13.44  ? 2   HYP B O   1 
HETATM 215 C  CB  . HYP B 1 2  ? -30.772 -13.117 12.449  1.00 16.22  ? 2   HYP B CB  1 
HETATM 216 C  CG  . HYP B 1 2  ? -31.052 -13.270 13.940  1.00 16.84  ? 2   HYP B CG  1 
HETATM 217 C  CD  . HYP B 1 2  ? -31.694 -14.651 13.939  1.00 14.77  ? 2   HYP B CD  1 
HETATM 218 O  OD1 . HYP B 1 2  ? -31.901 -12.318 14.474  1.00 19.86  ? 2   HYP B OD1 1 
ATOM   219 N  N   . GLY B 1 3  ? -31.668 -13.589 9.336   1.00 10.62  ? 3   GLY B N   1 
ATOM   220 C  CA  . GLY B 1 3  ? -31.257 -14.049 8.026   1.00 12.07  ? 3   GLY B CA  1 
ATOM   221 C  C   . GLY B 1 3  ? -29.760 -14.270 7.930   1.00 12.30  ? 3   GLY B C   1 
ATOM   222 O  O   . GLY B 1 3  ? -29.043 -14.178 8.933   1.00 12.01  ? 3   GLY B O   1 
ATOM   223 N  N   . PRO B 1 4  ? -29.272 -14.558 6.715   1.00 11.19  ? 4   PRO B N   1 
ATOM   224 C  CA  . PRO B 1 4  ? -27.843 -14.827 6.548   1.00 12.36  ? 4   PRO B CA  1 
ATOM   225 C  C   . PRO B 1 4  ? -27.007 -13.582 6.776   1.00 11.68  ? 4   PRO B C   1 
ATOM   226 O  O   . PRO B 1 4  ? -27.500 -12.457 6.671   1.00 11.18  ? 4   PRO B O   1 
ATOM   227 C  CB  . PRO B 1 4  ? -27.713 -15.282 5.088   1.00 14.05  ? 4   PRO B CB  1 
ATOM   228 C  CG  . PRO B 1 4  ? -29.053 -15.234 4.491   1.00 13.66  ? 4   PRO B CG  1 
ATOM   229 C  CD  . PRO B 1 4  ? -30.057 -14.780 5.487   1.00 11.97  ? 4   PRO B CD  1 
HETATM 230 N  N   . HYP B 1 5  ? -25.739 -13.786 7.099   1.00 12.19  ? 5   HYP B N   1 
HETATM 231 C  CA  . HYP B 1 5  ? -24.813 -12.660 7.199   1.00 12.45  ? 5   HYP B CA  1 
HETATM 232 C  C   . HYP B 1 5  ? -24.834 -11.889 5.842   1.00 12.83  ? 5   HYP B C   1 
HETATM 233 O  O   . HYP B 1 5  ? -25.048 -12.508 4.783   1.00 12.79  ? 5   HYP B O   1 
HETATM 234 C  CB  . HYP B 1 5  ? -23.419 -13.264 7.460   1.00 13.38  ? 5   HYP B CB  1 
HETATM 235 C  CG  . HYP B 1 5  ? -23.699 -14.626 8.073   1.00 13.89  ? 5   HYP B CG  1 
HETATM 236 C  CD  . HYP B 1 5  ? -24.948 -15.016 7.276   1.00 13.50  ? 5   HYP B CD  1 
HETATM 237 O  OD1 . HYP B 1 5  ? -23.921 -14.609 9.445   1.00 14.61  ? 5   HYP B OD1 1 
ATOM   238 N  N   . GLY B 1 6  ? -24.676 -10.576 5.899   1.00 12.21  ? 6   GLY B N   1 
ATOM   239 C  CA  . GLY B 1 6  ? -24.596 -9.790  4.687   1.00 11.13  ? 6   GLY B CA  1 
ATOM   240 C  C   . GLY B 1 6  ? -23.407 -10.098 3.787   1.00 10.02  ? 6   GLY B C   1 
ATOM   241 O  O   . GLY B 1 6  ? -22.521 -10.881 4.134   1.00 9.28   ? 6   GLY B O   1 
ATOM   242 N  N   . PRO B 1 7  ? -23.378 -9.477  2.613   1.00 10.11  ? 7   PRO B N   1 
ATOM   243 C  CA  . PRO B 1 7  ? -22.228 -9.652  1.724   1.00 9.83   ? 7   PRO B CA  1 
ATOM   244 C  C   . PRO B 1 7  ? -20.961 -9.087  2.353   1.00 8.31   ? 7   PRO B C   1 
ATOM   245 O  O   . PRO B 1 7  ? -20.989 -8.228  3.238   1.00 9.64   ? 7   PRO B O   1 
ATOM   246 C  CB  . PRO B 1 7  ? -22.616 -8.858  0.473   1.00 12.03  ? 7   PRO B CB  1 
ATOM   247 C  CG  . PRO B 1 7  ? -23.711 -7.951  0.896   1.00 13.91  ? 7   PRO B CG  1 
ATOM   248 C  CD  . PRO B 1 7  ? -24.399 -8.578  2.058   1.00 11.81  ? 7   PRO B CD  1 
ATOM   249 N  N   . ARG B 1 8  ? -19.828 -9.593  1.878   1.00 7.57   ? 8   ARG B N   1 
ATOM   250 C  CA  A ARG B 1 8  ? -18.529 -9.143  2.347   0.62 7.95   ? 8   ARG B CA  1 
ATOM   251 C  CA  B ARG B 1 8  ? -18.532 -9.143  2.349   0.38 7.81   ? 8   ARG B CA  1 
ATOM   252 C  C   . ARG B 1 8  ? -18.307 -7.680  1.970   1.00 7.26   ? 8   ARG B C   1 
ATOM   253 O  O   . ARG B 1 8  ? -18.747 -7.215  0.919   1.00 7.70   ? 8   ARG B O   1 
ATOM   254 C  CB  A ARG B 1 8  ? -17.451 -10.012 1.706   0.62 9.17   ? 8   ARG B CB  1 
ATOM   255 C  CB  B ARG B 1 8  ? -17.457 -10.017 1.713   0.38 8.50   ? 8   ARG B CB  1 
ATOM   256 C  CG  A ARG B 1 8  ? -16.052 -9.785  2.218   0.62 10.74  ? 8   ARG B CG  1 
ATOM   257 C  CG  B ARG B 1 8  ? -16.052 -9.522  1.882   0.38 9.24   ? 8   ARG B CG  1 
ATOM   258 C  CD  A ARG B 1 8  ? -15.068 -10.717 1.524   0.62 12.64  ? 8   ARG B CD  1 
ATOM   259 C  CD  B ARG B 1 8  ? -15.123 -10.684 2.091   0.38 9.71   ? 8   ARG B CD  1 
ATOM   260 N  NE  A ARG B 1 8  ? -14.692 -10.245 0.193   0.62 13.70  ? 8   ARG B NE  1 
ATOM   261 N  NE  B ARG B 1 8  ? -13.954 -10.285 2.857   0.38 10.08  ? 8   ARG B NE  1 
ATOM   262 C  CZ  A ARG B 1 8  ? -14.093 -10.999 -0.724  0.62 13.72  ? 8   ARG B CZ  1 
ATOM   263 C  CZ  B ARG B 1 8  ? -12.752 -10.817 2.692   0.38 11.17  ? 8   ARG B CZ  1 
ATOM   264 N  NH1 A ARG B 1 8  ? -13.808 -12.269 -0.454  0.62 16.87  ? 8   ARG B NH1 1 
ATOM   265 N  NH1 B ARG B 1 8  ? -11.736 -10.396 3.422   0.38 9.48   ? 8   ARG B NH1 1 
ATOM   266 N  NH2 A ARG B 1 8  ? -13.783 -10.485 -1.910  0.62 11.31  ? 8   ARG B NH2 1 
ATOM   267 N  NH2 B ARG B 1 8  ? -12.570 -11.771 1.787   0.38 12.53  ? 8   ARG B NH2 1 
ATOM   268 N  N   . GLY B 1 9  ? -17.613 -6.949  2.851   1.00 6.82   ? 9   GLY B N   1 
ATOM   269 C  CA  . GLY B 1 9  ? -17.337 -5.552  2.625   1.00 6.85   ? 9   GLY B CA  1 
ATOM   270 C  C   . GLY B 1 9  ? -16.381 -5.321  1.473   1.00 6.14   ? 9   GLY B C   1 
ATOM   271 O  O   . GLY B 1 9  ? -15.788 -6.248  0.914   1.00 7.02   ? 9   GLY B O   1 
ATOM   272 N  N   . PRO B 1 10 ? -16.222 -4.057  1.089   1.00 5.80   ? 10  PRO B N   1 
ATOM   273 C  CA  . PRO B 1 10 ? -15.355 -3.730  -0.041  1.00 6.45   ? 10  PRO B CA  1 
ATOM   274 C  C   . PRO B 1 10 ? -13.875 -3.809  0.321   1.00 6.61   ? 10  PRO B C   1 
ATOM   275 O  O   . PRO B 1 10 ? -13.512 -3.821  1.496   1.00 6.24   ? 10  PRO B O   1 
ATOM   276 C  CB  . PRO B 1 10 ? -15.747 -2.292  -0.369  1.00 7.28   ? 10  PRO B CB  1 
ATOM   277 C  CG  . PRO B 1 10 ? -16.235 -1.750  0.919   1.00 10.02  ? 10  PRO B CG  1 
ATOM   278 C  CD  . PRO B 1 10 ? -16.952 -2.882  1.587   1.00 8.16   ? 10  PRO B CD  1 
HETATM 279 N  N   . HYP B 1 11 ? -13.026 -3.862  -0.698  1.00 6.06   ? 11  HYP B N   1 
HETATM 280 C  CA  . HYP B 1 11 ? -11.577 -3.826  -0.499  1.00 6.76   ? 11  HYP B CA  1 
HETATM 281 C  C   . HYP B 1 11 ? -11.163 -2.563  0.313   1.00 6.77   ? 11  HYP B C   1 
HETATM 282 O  O   . HYP B 1 11 ? -11.772 -1.487  0.176   1.00 7.65   ? 11  HYP B O   1 
HETATM 283 C  CB  . HYP B 1 11 ? -10.981 -3.758  -1.903  1.00 8.31   ? 11  HYP B CB  1 
HETATM 284 C  CG  . HYP B 1 11 ? -12.009 -4.450  -2.777  1.00 9.34   ? 11  HYP B CG  1 
HETATM 285 C  CD  . HYP B 1 11 ? -13.276 -3.901  -2.153  1.00 8.75   ? 11  HYP B CD  1 
HETATM 286 O  OD1 . HYP B 1 11 ? -11.968 -5.830  -2.707  1.00 11.06  ? 11  HYP B OD1 1 
ATOM   287 N  N   . GLY B 1 12 ? -10.135 -2.699  1.132   1.00 6.25   ? 12  GLY B N   1 
ATOM   288 C  CA  . GLY B 1 12 ? -9.668  -1.564  1.890   1.00 7.39   ? 12  GLY B CA  1 
ATOM   289 C  C   . GLY B 1 12 ? -8.939  -0.519  1.054   1.00 8.14   ? 12  GLY B C   1 
ATOM   290 O  O   . GLY B 1 12 ? -8.750  -0.687  -0.152  1.00 9.53   ? 12  GLY B O   1 
ATOM   291 N  N   . PRO B 1 13 ? -8.508  0.573   1.698   1.00 11.08  ? 13  PRO B N   1 
ATOM   292 C  CA  A PRO B 1 13 ? -7.739  1.588   0.974   0.25 11.49  ? 13  PRO B CA  1 
ATOM   293 C  CA  B PRO B 1 13 ? -7.713  1.616   1.045   0.75 12.41  ? 13  PRO B CA  1 
ATOM   294 C  C   . PRO B 1 13 ? -6.323  1.108   0.655   1.00 10.60  ? 13  PRO B C   1 
ATOM   295 O  O   . PRO B 1 13 ? -5.846  0.103   1.189   1.00 8.52   ? 13  PRO B O   1 
ATOM   296 C  CB  A PRO B 1 13 ? -7.710  2.770   1.948   0.25 12.13  ? 13  PRO B CB  1 
ATOM   297 C  CB  B PRO B 1 13 ? -7.585  2.696   2.134   0.75 14.21  ? 13  PRO B CB  1 
ATOM   298 C  CG  A PRO B 1 13 ? -7.891  2.169   3.280   0.25 11.96  ? 13  PRO B CG  1 
ATOM   299 C  CG  B PRO B 1 13 ? -8.638  2.346   3.173   0.75 13.91  ? 13  PRO B CG  1 
ATOM   300 C  CD  A PRO B 1 13 ? -8.724  0.933   3.110   0.25 11.57  ? 13  PRO B CD  1 
ATOM   301 C  CD  B PRO B 1 13 ? -8.728  0.860   3.126   0.75 12.36  ? 13  PRO B CD  1 
HETATM 302 N  N   . HYP B 1 14 ? -5.661  1.801   -0.255  1.00 10.12  ? 14  HYP B N   1 
HETATM 303 C  CA  . HYP B 1 14 ? -4.270  1.442   -0.576  1.00 9.60   ? 14  HYP B CA  1 
HETATM 304 C  C   . HYP B 1 14 ? -3.340  1.536   0.667   1.00 8.55   ? 14  HYP B C   1 
HETATM 305 O  O   . HYP B 1 14 ? -3.599  2.335   1.587   1.00 10.26  ? 14  HYP B O   1 
HETATM 306 C  CB  . HYP B 1 14 ? -3.786  2.464   -1.610  1.00 12.29  ? 14  HYP B CB  1 
HETATM 307 C  CG  . HYP B 1 14 ? -5.043  3.001   -2.277  1.00 17.03  ? 14  HYP B CG  1 
HETATM 308 C  CD  . HYP B 1 14 ? -6.008  2.985   -1.079  1.00 14.04  ? 14  HYP B CD  1 
HETATM 309 O  OD1 . HYP B 1 14 ? -5.506  2.245   -3.342  1.00 21.41  ? 14  HYP B OD1 1 
ATOM   310 N  N   . GLY B 1 15 ? -2.290  0.727   0.664   1.00 6.71   ? 15  GLY B N   1 
ATOM   311 C  CA  . GLY B 1 15 ? -1.259  0.815   1.679   1.00 7.48   ? 15  GLY B CA  1 
ATOM   312 C  C   . GLY B 1 15 ? -0.521  2.142   1.668   1.00 7.65   ? 15  GLY B C   1 
ATOM   313 O  O   . GLY B 1 15 ? -0.654  2.926   0.731   1.00 7.79   ? 15  GLY B O   1 
ATOM   314 N  N   . VAL B 1 16 ? 0.231   2.387   2.735   1.00 8.62   ? 16  VAL B N   1 
ATOM   315 C  CA  . VAL B 1 16 ? 1.101   3.559   2.857   1.00 9.62   ? 16  VAL B CA  1 
ATOM   316 C  C   . VAL B 1 16 ? 2.091   3.595   1.685   1.00 7.78   ? 16  VAL B C   1 
ATOM   317 O  O   . VAL B 1 16 ? 2.543   2.557   1.204   1.00 7.51   ? 16  VAL B O   1 
ATOM   318 C  CB  . VAL B 1 16 ? 1.837   3.527   4.230   1.00 12.66  ? 16  VAL B CB  1 
ATOM   319 C  CG1 . VAL B 1 16 ? 2.913   4.587   4.341   1.00 16.26  ? 16  VAL B CG1 1 
ATOM   320 C  CG2 . VAL B 1 16 ? 0.831   3.664   5.370   1.00 13.15  ? 16  VAL B CG2 1 
HETATM 321 N  N   . HYP B 1 17 ? 2.436   4.779   1.207   1.00 7.81   ? 17  HYP B N   1 
HETATM 322 C  CA  . HYP B 1 17 ? 3.481   4.860   0.159   1.00 7.80   ? 17  HYP B CA  1 
HETATM 323 C  C   . HYP B 1 17 ? 4.812   4.206   0.641   1.00 8.16   ? 17  HYP B C   1 
HETATM 324 O  O   . HYP B 1 17 ? 5.134   4.271   1.837   1.00 9.46   ? 17  HYP B O   1 
HETATM 325 C  CB  . HYP B 1 17 ? 3.681   6.348   -0.100  1.00 9.24   ? 17  HYP B CB  1 
HETATM 326 C  CG  . HYP B 1 17 ? 2.317   6.954   0.221   1.00 11.47  ? 17  HYP B CG  1 
HETATM 327 C  CD  . HYP B 1 17 ? 1.964   6.163   1.458   1.00 10.12  ? 17  HYP B CD  1 
HETATM 328 O  OD1 . HYP B 1 17 ? 1.358   6.774   -0.757  1.00 12.56  ? 17  HYP B OD1 1 
ATOM   329 N  N   . GLY B 1 18 ? 5.545   3.593   -0.277  1.00 8.45   ? 18  GLY B N   1 
ATOM   330 C  CA  . GLY B 1 18 ? 6.823   2.990   0.056   1.00 8.40   ? 18  GLY B CA  1 
ATOM   331 C  C   . GLY B 1 18 ? 7.865   3.991   0.527   1.00 8.32   ? 18  GLY B C   1 
ATOM   332 O  O   . GLY B 1 18 ? 7.732   5.191   0.297   1.00 9.32   ? 18  GLY B O   1 
ATOM   333 N  N   . PRO B 1 19 ? 8.916   3.497   1.191   1.00 7.59   ? 19  PRO B N   1 
ATOM   334 C  CA  . PRO B 1 19 ? 10.001  4.378   1.630   1.00 8.77   ? 19  PRO B CA  1 
ATOM   335 C  C   . PRO B 1 19 ? 10.772  4.944   0.442   1.00 6.21   ? 19  PRO B C   1 
ATOM   336 O  O   . PRO B 1 19 ? 10.765  4.376   -0.657  1.00 6.95   ? 19  PRO B O   1 
ATOM   337 C  CB  . PRO B 1 19 ? 10.920  3.445   2.427   1.00 11.61  ? 19  PRO B CB  1 
ATOM   338 C  CG  . PRO B 1 19 ? 10.133  2.228   2.702   1.00 12.28  ? 19  PRO B CG  1 
ATOM   339 C  CD  . PRO B 1 19 ? 9.127   2.102   1.604   1.00 10.33  ? 19  PRO B CD  1 
HETATM 340 N  N   . HYP B 1 20 ? 11.480  6.040   0.672   1.00 6.04   ? 20  HYP B N   1 
HETATM 341 C  CA  . HYP B 1 20 ? 12.378  6.560   -0.367  1.00 6.15   ? 20  HYP B CA  1 
HETATM 342 C  C   . HYP B 1 20 ? 13.441  5.495   -0.735  1.00 7.29   ? 20  HYP B C   1 
HETATM 343 O  O   . HYP B 1 20 ? 13.822  4.681   0.122   1.00 7.57   ? 20  HYP B O   1 
HETATM 344 C  CB  . HYP B 1 20 ? 13.078  7.754   0.253   1.00 6.76   ? 20  HYP B CB  1 
HETATM 345 C  CG  . HYP B 1 20 ? 12.081  8.248   1.290   1.00 8.53   ? 20  HYP B CG  1 
HETATM 346 C  CD  . HYP B 1 20 ? 11.581  6.923   1.834   1.00 8.24   ? 20  HYP B CD  1 
HETATM 347 O  OD1 . HYP B 1 20 ? 11.029  8.972   0.754   1.00 11.41  ? 20  HYP B OD1 1 
ATOM   348 N  N   . GLY B 1 21 ? 13.887  5.497   -1.983  1.00 6.57   ? 21  GLY B N   1 
ATOM   349 C  CA  . GLY B 1 21 ? 14.896  4.552   -2.407  1.00 7.39   ? 21  GLY B CA  1 
ATOM   350 C  C   . GLY B 1 21 ? 16.262  4.738   -1.782  1.00 7.34   ? 21  GLY B C   1 
ATOM   351 O  O   . GLY B 1 21 ? 16.506  5.692   -1.033  1.00 7.86   ? 21  GLY B O   1 
ATOM   352 N  N   . PRO B 1 22 ? 17.173  3.813   -2.084  1.00 8.49   ? 22  PRO B N   1 
ATOM   353 C  CA  . PRO B 1 22 ? 18.554  3.933   -1.632  1.00 9.24   ? 22  PRO B CA  1 
ATOM   354 C  C   . PRO B 1 22 ? 19.214  5.171   -2.218  1.00 9.61   ? 22  PRO B C   1 
ATOM   355 O  O   . PRO B 1 22 ? 18.800  5.683   -3.259  1.00 8.16   ? 22  PRO B O   1 
ATOM   356 C  CB  . PRO B 1 22 ? 19.217  2.682   -2.222  1.00 11.10  ? 22  PRO B CB  1 
ATOM   357 C  CG  . PRO B 1 22 ? 18.113  1.743   -2.485  1.00 11.32  ? 22  PRO B CG  1 
ATOM   358 C  CD  . PRO B 1 22 ? 16.960  2.597   -2.884  1.00 9.34   ? 22  PRO B CD  1 
HETATM 359 N  N   . HYP B 1 23 ? 20.255  5.644   -1.554  1.00 10.52  ? 23  HYP B N   1 
HETATM 360 C  CA  . HYP B 1 23 ? 21.074  6.725   -2.097  1.00 11.60  ? 23  HYP B CA  1 
HETATM 361 C  C   . HYP B 1 23 ? 21.618  6.351   -3.500  1.00 12.28  ? 23  HYP B C   1 
HETATM 362 O  O   . HYP B 1 23 ? 21.887  5.166   -3.763  1.00 12.77  ? 23  HYP B O   1 
HETATM 363 C  CB  . HYP B 1 23 ? 22.269  6.863   -1.147  1.00 12.22  ? 23  HYP B CB  1 
HETATM 364 C  CG  . HYP B 1 23 ? 21.738  6.354   0.185   1.00 13.70  ? 23  HYP B CG  1 
HETATM 365 C  CD  . HYP B 1 23 ? 20.875  5.197   -0.295  1.00 12.98  ? 23  HYP B CD  1 
HETATM 366 O  OD1 . HYP B 1 23 ? 21.014  7.295   0.885   1.00 14.43  ? 23  HYP B OD1 1 
ATOM   367 N  N   . GLY B 1 24 ? 21.772  7.348   -4.361  1.00 11.76  ? 24  GLY B N   1 
ATOM   368 C  CA  . GLY B 1 24 ? 22.374  7.126   -5.660  1.00 11.82  ? 24  GLY B CA  1 
ATOM   369 C  C   . GLY B 1 24 ? 23.842  6.759   -5.585  1.00 11.18  ? 24  GLY B C   1 
ATOM   370 O  O   . GLY B 1 24 ? 24.462  6.790   -4.523  1.00 12.46  ? 24  GLY B O   1 
HETATM 371 C  CD1 . 4BF B 1 25 ? 25.251  3.192   -8.252  1.00 20.48  ? 25  4BF B CD1 1 
HETATM 372 C  CE1 . 4BF B 1 25 ? 25.470  1.816   -8.245  1.00 34.94  ? 25  4BF B CE1 1 
HETATM 373 C  CZ  . 4BF B 1 25 ? 26.782  1.331   -8.201  1.00 136.45 ? 25  4BF B CZ  1 
HETATM 374 BR BR  . 4BF B 1 25 ? 27.114  -0.508  -8.195  1.00 287.59 ? 25  4BF B BR  1 
HETATM 375 C  CE2 . 4BF B 1 25 ? 27.865  2.209   -8.165  1.00 79.20  ? 25  4BF B CE2 1 
HETATM 376 C  CD2 . 4BF B 1 25 ? 27.641  3.579   -8.171  1.00 98.57  ? 25  4BF B CD2 1 
HETATM 377 C  CG  . 4BF B 1 25 ? 26.337  4.074   -8.213  1.00 61.05  ? 25  4BF B CG  1 
HETATM 378 C  CB  . 4BF B 1 25 ? 26.109  5.537   -8.227  1.00 16.09  ? 25  4BF B CB  1 
HETATM 379 C  CA  . 4BF B 1 25 ? 25.793  6.093   -6.833  1.00 12.55  ? 25  4BF B CA  1 
HETATM 380 N  N   . 4BF B 1 25 ? 24.392  6.385   -6.728  1.00 11.09  ? 25  4BF B N   1 
HETATM 381 C  C   . 4BF B 1 25 ? 26.627  7.350   -6.691  1.00 12.19  ? 25  4BF B C   1 
HETATM 382 O  O   . 4BF B 1 25 ? 26.189  8.465   -6.960  1.00 11.98  ? 25  4BF B O   1 
HETATM 383 N  N   . HYP B 1 26 ? 27.871  7.175   -6.257  1.00 12.97  ? 26  HYP B N   1 
HETATM 384 C  CA  . HYP B 1 26 ? 28.807  8.323   -6.217  1.00 12.29  ? 26  HYP B CA  1 
HETATM 385 C  C   . HYP B 1 26 ? 29.001  8.928   -7.637  1.00 11.10  ? 26  HYP B C   1 
HETATM 386 O  O   . HYP B 1 26 ? 28.905  8.202   -8.642  1.00 10.51  ? 26  HYP B O   1 
HETATM 387 C  CB  . HYP B 1 26 ? 30.144  7.774   -5.720  1.00 14.43  ? 26  HYP B CB  1 
HETATM 388 C  CG  . HYP B 1 26 ? 29.769  6.580   -4.857  1.00 14.61  ? 26  HYP B CG  1 
HETATM 389 C  CD  . HYP B 1 26 ? 28.587  6.019   -5.675  1.00 13.87  ? 26  HYP B CD  1 
HETATM 390 O  OD1 . HYP B 1 26 ? 29.411  6.909   -3.562  1.00 15.74  ? 26  HYP B OD1 1 
ATOM   391 N  N   . GLY B 1 27 ? 29.269  10.223  -7.704  1.00 9.93   ? 27  GLY B N   1 
ATOM   392 C  CA  . GLY B 1 27 ? 29.519  10.849  -8.982  1.00 9.98   ? 27  GLY B CA  1 
ATOM   393 C  C   . GLY B 1 27 ? 30.801  10.370  -9.623  1.00 10.68  ? 27  GLY B C   1 
ATOM   394 O  O   . GLY B 1 27 ? 31.588  9.657   -9.003  1.00 12.06  ? 27  GLY B O   1 
ATOM   395 N  N   . PRO B 1 28 ? 31.030  10.772  -10.877 1.00 11.57  ? 28  PRO B N   1 
ATOM   396 C  CA  . PRO B 1 28 ? 32.288  10.393  -11.519 1.00 12.31  ? 28  PRO B CA  1 
ATOM   397 C  C   . PRO B 1 28 ? 33.474  11.112  -10.883 1.00 12.88  ? 28  PRO B C   1 
ATOM   398 O  O   . PRO B 1 28 ? 33.307  12.150  -10.242 1.00 11.90  ? 28  PRO B O   1 
ATOM   399 C  CB  . PRO B 1 28 ? 32.102  10.877  -12.958 1.00 14.46  ? 28  PRO B CB  1 
ATOM   400 C  CG  . PRO B 1 28 ? 31.121  11.986  -12.857 1.00 14.38  ? 28  PRO B CG  1 
ATOM   401 C  CD  . PRO B 1 28 ? 30.187  11.612  -11.741 1.00 13.04  ? 28  PRO B CD  1 
HETATM 402 N  N   . HYP B 1 29 ? 34.667  10.550  -11.049 1.00 14.44  ? 29  HYP B N   1 
HETATM 403 C  CA  . HYP B 1 29 ? 35.893  11.204  -10.553 1.00 15.48  ? 29  HYP B CA  1 
HETATM 404 C  C   . HYP B 1 29 ? 36.088  12.594  -11.236 1.00 15.37  ? 29  HYP B C   1 
HETATM 405 O  O   . HYP B 1 29 ? 35.667  12.763  -12.392 1.00 16.06  ? 29  HYP B O   1 
HETATM 406 C  CB  . HYP B 1 29 ? 37.057  10.294  -10.937 1.00 16.36  ? 29  HYP B CB  1 
HETATM 407 C  CG  . HYP B 1 29 ? 36.439  8.895   -11.042 1.00 17.46  ? 29  HYP B CG  1 
HETATM 408 C  CD  . HYP B 1 29 ? 35.072  9.252   -11.635 1.00 16.57  ? 29  HYP B CD  1 
HETATM 409 O  OD1 . HYP B 1 29 ? 36.320  8.210   -9.837  1.00 20.36  ? 29  HYP B OD1 1 
HETATM 410 N  N   . GLZ B 1 30 ? 36.775  13.442  -10.313 1.00 15.71  ? 30  GLZ B N   1 
HETATM 411 C  CA  . GLZ B 1 30 ? 37.009  14.788  -10.799 1.00 19.21  ? 30  GLZ B CA  1 
HETATM 412 C  C   . GLZ B 1 30 ? 38.136  14.809  -11.830 1.00 95.78  ? 30  GLZ B C   1 
HETATM 413 O  O   . GLZ B 1 30 ? 38.706  13.812  -12.119 1.00 24.17  ? 30  GLZ B O   1 
HETATM 414 N  N   . NH2 B 1 31 ? 38.516  16.063  -12.456 1.00 42.89  ? 31  NH2 B N   1 
ATOM   415 N  N   . PRO C 1 1  ? -35.962 -11.723 10.787  1.00 22.90  ? 1   PRO C N   1 
ATOM   416 C  CA  . PRO C 1 1  ? -35.329 -10.403 10.726  1.00 21.89  ? 1   PRO C CA  1 
ATOM   417 C  C   . PRO C 1 1  ? -34.049 -10.459 9.899   1.00 19.71  ? 1   PRO C C   1 
ATOM   418 O  O   . PRO C 1 1  ? -33.561 -11.552 9.614   1.00 16.37  ? 1   PRO C O   1 
ATOM   419 C  CB  . PRO C 1 1  ? -35.011 -10.096 12.198  1.00 22.61  ? 1   PRO C CB  1 
ATOM   420 C  CG  . PRO C 1 1  ? -35.048 -11.415 12.890  1.00 23.51  ? 1   PRO C CG  1 
ATOM   421 C  CD  . PRO C 1 1  ? -36.074 -12.218 12.169  1.00 23.75  ? 1   PRO C CD  1 
HETATM 422 N  N   . HYP C 1 2  ? -33.524 -9.306  9.504   1.00 19.99  ? 2   HYP C N   1 
HETATM 423 C  CA  . HYP C 1 2  ? -32.328 -9.282  8.639   1.00 19.10  ? 2   HYP C CA  1 
HETATM 424 C  C   . HYP C 1 2  ? -31.102 -9.913  9.369   1.00 16.84  ? 2   HYP C C   1 
HETATM 425 O  O   . HYP C 1 2  ? -31.017 -9.860  10.609  1.00 17.68  ? 2   HYP C O   1 
HETATM 426 C  CB  . HYP C 1 2  ? -32.052 -7.814  8.296   1.00 21.64  ? 2   HYP C CB  1 
HETATM 427 C  CG  . HYP C 1 2  ? -33.410 -7.135  8.436   1.00 23.17  ? 2   HYP C CG  1 
HETATM 428 C  CD  . HYP C 1 2  ? -33.954 -7.893  9.652   1.00 22.07  ? 2   HYP C CD  1 
HETATM 429 O  OD1 . HYP C 1 2  ? -34.247 -7.256  7.333   1.00 25.27  ? 2   HYP C OD1 1 
ATOM   430 N  N   . GLY C 1 3  ? -30.186 -10.486 8.600   1.00 14.40  ? 3   GLY C N   1 
ATOM   431 C  CA  . GLY C 1 3  ? -29.010 -11.089 9.177   1.00 14.02  ? 3   GLY C CA  1 
ATOM   432 C  C   . GLY C 1 3  ? -27.995 -10.123 9.737   1.00 14.20  ? 3   GLY C C   1 
ATOM   433 O  O   . GLY C 1 3  ? -28.186 -8.905  9.689   1.00 14.92  ? 3   GLY C O   1 
ATOM   434 N  N   . PRO C 1 4  ? -26.912 -10.673 10.297  1.00 13.86  ? 4   PRO C N   1 
ATOM   435 C  CA  . PRO C 1 4  ? -25.855 -9.841  10.867  1.00 14.31  ? 4   PRO C CA  1 
ATOM   436 C  C   . PRO C 1 4  ? -25.054 -9.192  9.741   1.00 14.13  ? 4   PRO C C   1 
ATOM   437 O  O   . PRO C 1 4  ? -25.165 -9.599  8.588   1.00 13.33  ? 4   PRO C O   1 
ATOM   438 C  CB  . PRO C 1 4  ? -25.001 -10.841 11.652  1.00 15.68  ? 4   PRO C CB  1 
ATOM   439 C  CG  . PRO C 1 4  ? -25.320 -12.177 11.083  1.00 15.49  ? 4   PRO C CG  1 
ATOM   440 C  CD  . PRO C 1 4  ? -26.714 -12.110 10.554  1.00 13.52  ? 4   PRO C CD  1 
HETATM 441 N  N   . HYP C 1 5  ? -24.268 -8.178  10.061  1.00 14.48  ? 5   HYP C N   1 
HETATM 442 C  CA  . HYP C 1 5  ? -23.397 -7.565  9.035   1.00 14.23  ? 5   HYP C CA  1 
HETATM 443 C  C   . HYP C 1 5  ? -22.464 -8.627  8.369   1.00 12.10  ? 5   HYP C C   1 
HETATM 444 O  O   . HYP C 1 5  ? -22.075 -9.607  9.028   1.00 13.20  ? 5   HYP C O   1 
HETATM 445 C  CB  . HYP C 1 5  ? -22.552 -6.512  9.761   1.00 16.50  ? 5   HYP C CB  1 
HETATM 446 C  CG  . HYP C 1 5  ? -23.422 -6.119  10.951  1.00 17.59  ? 5   HYP C CG  1 
HETATM 447 C  CD  . HYP C 1 5  ? -23.966 -7.498  11.328  1.00 16.01  ? 5   HYP C CD  1 
HETATM 448 O  OD1 . HYP C 1 5  ? -24.461 -5.260  10.649  1.00 19.78  ? 5   HYP C OD1 1 
ATOM   449 N  N   . GLY C 1 6  ? -22.125 -8.424  7.101   1.00 10.68  ? 6   GLY C N   1 
ATOM   450 C  CA  . GLY C 1 6  ? -21.194 -9.319  6.445   1.00 9.59   ? 6   GLY C CA  1 
ATOM   451 C  C   . GLY C 1 6  ? -19.779 -9.209  6.991   1.00 8.14   ? 6   GLY C C   1 
ATOM   452 O  O   . GLY C 1 6  ? -19.459 -8.314  7.781   1.00 9.44   ? 6   GLY C O   1 
ATOM   453 N  N   . PRO C 1 7  ? -18.906 -10.107 6.554   1.00 7.97   ? 7   PRO C N   1 
ATOM   454 C  CA  . PRO C 1 7  ? -17.510 -10.042 6.989   1.00 7.52   ? 7   PRO C CA  1 
ATOM   455 C  C   . PRO C 1 7  ? -16.825 -8.798  6.451   1.00 7.21   ? 7   PRO C C   1 
ATOM   456 O  O   . PRO C 1 7  ? -17.247 -8.185  5.465   1.00 7.08   ? 7   PRO C O   1 
ATOM   457 C  CB  . PRO C 1 7  ? -16.882 -11.310 6.398   1.00 9.72   ? 7   PRO C CB  1 
ATOM   458 C  CG  . PRO C 1 7  ? -17.792 -11.734 5.299   1.00 11.97  ? 7   PRO C CG  1 
ATOM   459 C  CD  . PRO C 1 7  ? -19.171 -11.233 5.646   1.00 9.69   ? 7   PRO C CD  1 
ATOM   460 N  N   . ARG C 1 8  ? -15.743 -8.435  7.128   1.00 6.45   ? 8   ARG C N   1 
ATOM   461 C  CA  A ARG C 1 8  ? -14.905 -7.335  6.673   0.57 6.43   ? 8   ARG C CA  1 
ATOM   462 C  CA  B ARG C 1 8  ? -14.923 -7.328  6.662   0.43 6.64   ? 8   ARG C CA  1 
ATOM   463 C  C   . ARG C 1 8  ? -14.313 -7.654  5.303   1.00 6.14   ? 8   ARG C C   1 
ATOM   464 O  O   . ARG C 1 8  ? -13.991 -8.806  4.996   1.00 6.51   ? 8   ARG C O   1 
ATOM   465 C  CB  A ARG C 1 8  ? -13.781 -7.131  7.687   0.57 6.85   ? 8   ARG C CB  1 
ATOM   466 C  CB  B ARG C 1 8  ? -13.818 -7.033  7.674   0.43 7.51   ? 8   ARG C CB  1 
ATOM   467 C  CG  A ARG C 1 8  ? -12.841 -5.991  7.360   0.57 7.47   ? 8   ARG C CG  1 
ATOM   468 C  CG  B ARG C 1 8  ? -13.056 -5.758  7.365   0.43 8.44   ? 8   ARG C CG  1 
ATOM   469 C  CD  A ARG C 1 8  ? -11.853 -5.765  8.494   0.57 8.20   ? 8   ARG C CD  1 
ATOM   470 C  CD  B ARG C 1 8  ? -12.037 -5.425  8.437   0.43 9.68   ? 8   ARG C CD  1 
ATOM   471 N  NE  A ARG C 1 8  ? -10.778 -6.755  8.515   0.57 8.26   ? 8   ARG C NE  1 
ATOM   472 N  NE  B ARG C 1 8  ? -11.464 -4.096  8.240   0.43 9.87   ? 8   ARG C NE  1 
ATOM   473 C  CZ  A ARG C 1 8  ? -9.827  -6.784  9.445   0.57 8.95   ? 8   ARG C CZ  1 
ATOM   474 C  CZ  B ARG C 1 8  ? -10.400 -3.641  8.894   0.43 10.10  ? 8   ARG C CZ  1 
ATOM   475 N  NH1 A ARG C 1 8  ? -8.867  -7.703  9.413   0.57 8.30   ? 8   ARG C NH1 1 
ATOM   476 N  NH1 B ARG C 1 8  ? -9.945  -2.416  8.659   0.43 9.21   ? 8   ARG C NH1 1 
ATOM   477 N  NH2 A ARG C 1 8  ? -9.834  -5.884  10.415  0.57 11.15  ? 8   ARG C NH2 1 
ATOM   478 N  NH2 B ARG C 1 8  ? -9.796  -4.413  9.788   0.43 11.68  ? 8   ARG C NH2 1 
ATOM   479 N  N   . GLY C 1 9  ? -14.152 -6.616  4.480   1.00 5.74   ? 9   GLY C N   1 
ATOM   480 C  CA  . GLY C 1 9  ? -13.603 -6.776  3.152   1.00 6.79   ? 9   GLY C CA  1 
ATOM   481 C  C   . GLY C 1 9  ? -12.142 -7.184  3.128   1.00 6.47   ? 9   GLY C C   1 
ATOM   482 O  O   . GLY C 1 9  ? -11.462 -7.236  4.163   1.00 6.24   ? 9   GLY C O   1 
ATOM   483 N  N   . PRO C 1 10 ? -11.622 -7.469  1.917   1.00 5.69   ? 10  PRO C N   1 
ATOM   484 C  CA  A PRO C 1 10 ? -10.222 -7.841  1.693   0.46 6.12   ? 10  PRO C CA  1 
ATOM   485 C  CA  B PRO C 1 10 ? -10.218 -7.848  1.730   0.54 5.98   ? 10  PRO C CA  1 
ATOM   486 C  C   . PRO C 1 10 ? -9.305  -6.634  1.824   1.00 5.48   ? 10  PRO C C   1 
ATOM   487 O  O   . PRO C 1 10 ? -9.752  -5.494  1.763   1.00 5.72   ? 10  PRO C O   1 
ATOM   488 C  CB  A PRO C 1 10 ? -10.210 -8.340  0.241   0.46 7.43   ? 10  PRO C CB  1 
ATOM   489 C  CB  B PRO C 1 10 ? -10.198 -8.416  0.311   0.54 6.72   ? 10  PRO C CB  1 
ATOM   490 C  CG  A PRO C 1 10 ? -11.638 -8.606  -0.107  0.46 7.72   ? 10  PRO C CG  1 
ATOM   491 C  CG  B PRO C 1 10 ? -11.307 -7.729  -0.372  0.54 6.02   ? 10  PRO C CG  1 
ATOM   492 C  CD  A PRO C 1 10 ? -12.425 -7.609  0.690   0.46 6.80   ? 10  PRO C CD  1 
ATOM   493 C  CD  B PRO C 1 10 ? -12.381 -7.529  0.656   0.54 6.06   ? 10  PRO C CD  1 
HETATM 494 N  N   . HYP C 1 11 ? -8.016  -6.878  1.960   1.00 7.49   ? 11  HYP C N   1 
HETATM 495 C  CA  . HYP C 1 11 ? -7.056  -5.778  2.053   1.00 8.25   ? 11  HYP C CA  1 
HETATM 496 C  C   . HYP C 1 11 ? -7.031  -4.947  0.760   1.00 7.47   ? 11  HYP C C   1 
HETATM 497 O  O   . HYP C 1 11 ? -7.319  -5.469  -0.332  1.00 9.70   ? 11  HYP C O   1 
HETATM 498 C  CB  . HYP C 1 11 ? -5.693  -6.423  2.209   1.00 10.32  ? 11  HYP C CB  1 
HETATM 499 C  CG  . HYP C 1 11 ? -5.998  -7.762  2.852   1.00 11.28  ? 11  HYP C CG  1 
HETATM 500 C  CD  . HYP C 1 11 ? -7.281  -8.129  2.106   1.00 10.56  ? 11  HYP C CD  1 
HETATM 501 O  OD1 . HYP C 1 11 ? -6.199  -7.683  4.217   1.00 12.06  ? 11  HYP C OD1 1 
ATOM   502 N  N   . GLY C 1 12 ? -6.695  -3.672  0.897   1.00 7.50   ? 12  GLY C N   1 
ATOM   503 C  CA  . GLY C 1 12 ? -6.534  -2.823  -0.266  1.00 7.99   ? 12  GLY C CA  1 
ATOM   504 C  C   . GLY C 1 12 ? -5.302  -3.214  -1.059  1.00 8.01   ? 12  GLY C C   1 
ATOM   505 O  O   . GLY C 1 12 ? -4.565  -4.104  -0.658  1.00 8.28   ? 12  GLY C O   1 
ATOM   506 N  N   . PRO C 1 13 ? -5.065  -2.528  -2.182  1.00 7.80   ? 13  PRO C N   1 
ATOM   507 C  CA  . PRO C 1 13 ? -3.855  -2.789  -2.965  1.00 8.80   ? 13  PRO C CA  1 
ATOM   508 C  C   . PRO C 1 13 ? -2.612  -2.311  -2.214  1.00 6.90   ? 13  PRO C C   1 
ATOM   509 O  O   . PRO C 1 13 ? -2.682  -1.508  -1.275  1.00 6.93   ? 13  PRO C O   1 
ATOM   510 C  CB  . PRO C 1 13 ? -4.069  -1.938  -4.211  1.00 10.95  ? 13  PRO C CB  1 
ATOM   511 C  CG  . PRO C 1 13 ? -4.867  -0.788  -3.728  1.00 11.83  ? 13  PRO C CG  1 
ATOM   512 C  CD  . PRO C 1 13 ? -5.789  -1.339  -2.663  1.00 10.45  ? 13  PRO C CD  1 
HETATM 513 N  N   . HYP C 1 14 ? -1.461  -2.814  -2.626  1.00 8.82   ? 14  HYP C N   1 
HETATM 514 C  CA  . HYP C 1 14 ? -0.214  -2.397  -1.991  1.00 8.78   ? 14  HYP C CA  1 
HETATM 515 C  C   . HYP C 1 14 ? -0.019  -0.873  -2.235  1.00 7.54   ? 14  HYP C C   1 
HETATM 516 O  O   . HYP C 1 14 ? -0.485  -0.348  -3.261  1.00 8.59   ? 14  HYP C O   1 
HETATM 517 C  CB  . HYP C 1 14 ? 0.897   -3.174  -2.701  1.00 9.72   ? 14  HYP C CB  1 
HETATM 518 C  CG  . HYP C 1 14 ? 0.200   -4.414  -3.249  1.00 10.74  ? 14  HYP C CG  1 
HETATM 519 C  CD  . HYP C 1 14 ? -1.127  -3.803  -3.663  1.00 11.01  ? 14  HYP C CD  1 
HETATM 520 O  OD1 . HYP C 1 14 ? -0.007  -5.425  -2.323  1.00 11.75  ? 14  HYP C OD1 1 
ATOM   521 N  N   . GLY C 1 15 ? 0.640   -0.194  -1.304  1.00 6.52   ? 15  GLY C N   1 
ATOM   522 C  CA  . GLY C 1 15 ? 0.983   1.205   -1.496  1.00 7.46   ? 15  GLY C CA  1 
ATOM   523 C  C   . GLY C 1 15 ? 1.812   1.440   -2.745  1.00 4.52   ? 15  GLY C C   1 
ATOM   524 O  O   . GLY C 1 15 ? 2.415   0.503   -3.292  1.00 7.93   ? 15  GLY C O   1 
ATOM   525 N  N   . VAL C 1 16 ? 1.859   2.690   -3.198  1.00 5.37   ? 16  VAL C N   1 
ATOM   526 C  CA  . VAL C 1 16 ? 2.688   3.044   -4.337  1.00 5.50   ? 16  VAL C CA  1 
ATOM   527 C  C   . VAL C 1 16 ? 4.168   2.935   -3.991  1.00 5.44   ? 16  VAL C C   1 
ATOM   528 O  O   . VAL C 1 16 ? 4.554   2.997   -2.829  1.00 5.99   ? 16  VAL C O   1 
ATOM   529 C  CB  . VAL C 1 16 ? 2.357   4.458   -4.865  1.00 7.98   ? 16  VAL C CB  1 
ATOM   530 C  CG1 . VAL C 1 16 ? 0.900   4.534   -5.264  1.00 10.02  ? 16  VAL C CG1 1 
ATOM   531 C  CG2 . VAL C 1 16 ? 2.683   5.522   -3.827  1.00 8.49   ? 16  VAL C CG2 1 
HETATM 532 N  N   . HYP C 1 17 ? 5.006   2.793   -5.011  1.00 5.50   ? 17  HYP C N   1 
HETATM 533 C  CA  . HYP C 1 17 ? 6.462   2.820   -4.791  1.00 7.05   ? 17  HYP C CA  1 
HETATM 534 C  C   . HYP C 1 17 ? 6.889   4.167   -4.150  1.00 6.33   ? 17  HYP C C   1 
HETATM 535 O  O   . HYP C 1 17 ? 6.280   5.212   -4.445  1.00 6.77   ? 17  HYP C O   1 
HETATM 536 C  CB  . HYP C 1 17 ? 7.086   2.699   -6.196  1.00 7.57   ? 17  HYP C CB  1 
HETATM 537 C  CG  . HYP C 1 17 ? 6.077   1.846   -6.961  1.00 7.43   ? 17  HYP C CG  1 
HETATM 538 C  CD  . HYP C 1 17 ? 4.775   2.481   -6.452  1.00 6.80   ? 17  HYP C CD  1 
HETATM 539 O  OD1 . HYP C 1 17 ? 6.161   0.496   -6.665  1.00 8.15   ? 17  HYP C OD1 1 
ATOM   540 N  N   . GLY C 1 18 ? 7.894   4.127   -3.284  1.00 6.44   ? 18  GLY C N   1 
ATOM   541 C  CA  . GLY C 1 18 ? 8.448   5.354   -2.747  1.00 6.43   ? 18  GLY C CA  1 
ATOM   542 C  C   . GLY C 1 18 ? 9.106   6.184   -3.832  1.00 6.17   ? 18  GLY C C   1 
ATOM   543 O  O   . GLY C 1 18 ? 9.273   5.737   -4.965  1.00 6.86   ? 18  GLY C O   1 
ATOM   544 N  N   . PRO C 1 19 ? 9.479   7.415   -3.487  1.00 8.16   ? 19  PRO C N   1 
ATOM   545 C  CA  . PRO C 1 19 ? 10.208  8.264   -4.431  1.00 8.82   ? 19  PRO C CA  1 
ATOM   546 C  C   . PRO C 1 19 ? 11.657  7.797   -4.579  1.00 8.31   ? 19  PRO C C   1 
ATOM   547 O  O   . PRO C 1 19 ? 12.160  7.017   -3.762  1.00 7.22   ? 19  PRO C O   1 
ATOM   548 C  CB  . PRO C 1 19 ? 10.174  9.630   -3.757  1.00 9.84   ? 19  PRO C CB  1 
ATOM   549 C  CG  . PRO C 1 19 ? 10.080  9.330   -2.313  1.00 10.80  ? 19  PRO C CG  1 
ATOM   550 C  CD  . PRO C 1 19 ? 9.260   8.076   -2.192  1.00 8.96   ? 19  PRO C CD  1 
HETATM 551 N  N   . HYP C 1 20 ? 12.322  8.265   -5.628  1.00 8.23   ? 20  HYP C N   1 
HETATM 552 C  CA  . HYP C 1 20 ? 13.757  8.014   -5.784  1.00 8.97   ? 20  HYP C CA  1 
HETATM 553 C  C   . HYP C 1 20 ? 14.529  8.414   -4.485  1.00 8.74   ? 20  HYP C C   1 
HETATM 554 O  O   . HYP C 1 20 ? 14.150  9.384   -3.800  1.00 9.02   ? 20  HYP C O   1 
HETATM 555 C  CB  . HYP C 1 20 ? 14.202  8.888   -6.975  1.00 10.95  ? 20  HYP C CB  1 
HETATM 556 C  CG  . HYP C 1 20 ? 12.946  8.992   -7.849  1.00 11.64  ? 20  HYP C CG  1 
HETATM 557 C  CD  . HYP C 1 20 ? 11.889  9.147   -6.763  1.00 10.57  ? 20  HYP C CD  1 
HETATM 558 O  OD1 . HYP C 1 20 ? 12.688  7.890   -8.650  1.00 13.27  ? 20  HYP C OD1 1 
ATOM   559 N  N   . GLY C 1 21 ? 15.579  7.674   -4.166  1.00 7.92   ? 21  GLY C N   1 
ATOM   560 C  CA  . GLY C 1 21 ? 16.371  8.005   -3.003  1.00 9.01   ? 21  GLY C CA  1 
ATOM   561 C  C   . GLY C 1 21 ? 17.165  9.288   -3.142  1.00 8.46   ? 21  GLY C C   1 
ATOM   562 O  O   . GLY C 1 21 ? 17.117  9.958   -4.177  1.00 9.06   ? 21  GLY C O   1 
ATOM   563 N  N   . PRO C 1 22 ? 17.922  9.627   -2.096  1.00 8.83   ? 22  PRO C N   1 
ATOM   564 C  CA  . PRO C 1 22 ? 18.764  10.829  -2.148  1.00 9.11   ? 22  PRO C CA  1 
ATOM   565 C  C   . PRO C 1 22 ? 19.849  10.714  -3.216  1.00 9.11   ? 22  PRO C C   1 
ATOM   566 O  O   . PRO C 1 22 ? 20.238  9.619   -3.611  1.00 10.03  ? 22  PRO C O   1 
ATOM   567 C  CB  . PRO C 1 22 ? 19.410  10.874  -0.758  1.00 10.70  ? 22  PRO C CB  1 
ATOM   568 C  CG  . PRO C 1 22 ? 18.548  9.991   0.115   1.00 12.44  ? 22  PRO C CG  1 
ATOM   569 C  CD  . PRO C 1 22 ? 18.005  8.931   -0.801  1.00 11.09  ? 22  PRO C CD  1 
HETATM 570 N  N   . HYP C 1 23 ? 20.333  11.846  -3.693  1.00 10.58  ? 23  HYP C N   1 
HETATM 571 C  CA  . HYP C 1 23 ? 21.418  11.830  -4.680  1.00 11.50  ? 23  HYP C CA  1 
HETATM 572 C  C   . HYP C 1 23 ? 22.688  11.161  -4.077  1.00 11.30  ? 23  HYP C C   1 
HETATM 573 O  O   . HYP C 1 23 ? 22.888  11.205  -2.851  1.00 12.69  ? 23  HYP C O   1 
HETATM 574 C  CB  . HYP C 1 23 ? 21.727  13.302  -4.999  1.00 13.97  ? 23  HYP C CB  1 
HETATM 575 C  CG  . HYP C 1 23 ? 20.430  14.030  -4.674  1.00 15.24  ? 23  HYP C CG  1 
HETATM 576 C  CD  . HYP C 1 23 ? 19.977  13.245  -3.446  1.00 12.94  ? 23  HYP C CD  1 
HETATM 577 O  OD1 . HYP C 1 23 ? 19.480  13.983  -5.682  1.00 16.91  ? 23  HYP C OD1 1 
ATOM   578 N  N   . GLY C 1 24 ? 23.514  10.558  -4.918  1.00 11.04  ? 24  GLY C N   1 
ATOM   579 C  CA  . GLY C 1 24 ? 24.768  10.021  -4.440  1.00 12.18  ? 24  GLY C CA  1 
ATOM   580 C  C   . GLY C 1 24 ? 25.714  11.111  -3.962  1.00 10.77  ? 24  GLY C C   1 
ATOM   581 O  O   . GLY C 1 24 ? 25.481  12.308  -4.182  1.00 11.54  ? 24  GLY C O   1 
HETATM 582 C  CD1 . 4BF C 1 25 ? 29.354  11.099  0.551   1.00 16.64  ? 25  4BF C CD1 1 
HETATM 583 C  CE1 . 4BF C 1 25 ? 28.997  11.071  1.896   1.00 83.03  ? 25  4BF C CE1 1 
HETATM 584 C  CZ  . 4BF C 1 25 ? 27.660  10.882  2.257   1.00 24.04  ? 25  4BF C CZ  1 
HETATM 585 BR BR  . 4BF C 1 25 ? 27.177  10.843  4.065   1.00 210.67 ? 25  4BF C BR  1 
HETATM 586 C  CE2 . 4BF C 1 25 ? 26.683  10.717  1.274   1.00 16.00  ? 25  4BF C CE2 1 
HETATM 587 C  CD2 . 4BF C 1 25 ? 27.046  10.740  -0.072  1.00 18.72  ? 25  4BF C CD2 1 
HETATM 588 C  CG  . 4BF C 1 25 ? 28.383  10.936  -0.445  1.00 12.13  ? 25  4BF C CG  1 
HETATM 589 C  CB  . 4BF C 1 25 ? 28.793  10.949  -1.876  1.00 16.43  ? 25  4BF C CB  1 
HETATM 590 C  CA  . 4BF C 1 25 ? 27.798  11.607  -2.848  1.00 11.30  ? 25  4BF C CA  1 
HETATM 591 N  N   . 4BF C 1 25 ? 26.774  10.696  -3.278  1.00 11.46  ? 25  4BF C N   1 
HETATM 592 C  C   . 4BF C 1 25 ? 28.608  12.052  -4.053  1.00 10.85  ? 25  4BF C C   1 
HETATM 593 O  O   . 4BF C 1 25 ? 28.622  11.441  -5.122  1.00 10.77  ? 25  4BF C O   1 
HETATM 594 N  N   . HYP C 1 26 ? 29.319  13.159  -3.877  1.00 9.89   ? 26  HYP C N   1 
HETATM 595 C  CA  . HYP C 1 26 ? 30.226  13.637  -4.924  1.00 10.33  ? 26  HYP C CA  1 
HETATM 596 C  C   . HYP C 1 26 ? 31.305  12.563  -5.231  1.00 10.45  ? 26  HYP C C   1 
HETATM 597 O  O   . HYP C 1 26 ? 31.697  11.796  -4.334  1.00 11.16  ? 26  HYP C O   1 
HETATM 598 C  CB  . HYP C 1 26 ? 30.901  14.910  -4.371  1.00 11.08  ? 26  HYP C CB  1 
HETATM 599 C  CG  . HYP C 1 26 ? 29.923  15.441  -3.331  1.00 11.78  ? 26  HYP C CG  1 
HETATM 600 C  CD  . HYP C 1 26 ? 29.378  14.139  -2.763  1.00 10.13  ? 26  HYP C CD  1 
HETATM 601 O  OD1 . HYP C 1 26 ? 28.907  16.241  -3.833  1.00 13.35  ? 26  HYP C OD1 1 
ATOM   602 N  N   . GLY C 1 27 ? 31.747  12.512  -6.481  1.00 10.68  ? 27  GLY C N   1 
ATOM   603 C  CA  . GLY C 1 27 ? 32.827  11.623  -6.850  1.00 12.12  ? 27  GLY C CA  1 
ATOM   604 C  C   . GLY C 1 27 ? 34.123  12.035  -6.178  1.00 13.92  ? 27  GLY C C   1 
ATOM   605 O  O   . GLY C 1 27 ? 34.205  13.098  -5.558  1.00 15.09  ? 27  GLY C O   1 
ATOM   606 N  N   . PRO C 1 28 ? 35.151  11.188  -6.288  1.00 15.63  ? 28  PRO C N   1 
ATOM   607 C  CA  . PRO C 1 28 ? 36.459  11.533  -5.725  1.00 16.01  ? 28  PRO C CA  1 
ATOM   608 C  C   . PRO C 1 28 ? 37.127  12.654  -6.515  1.00 15.76  ? 28  PRO C C   1 
ATOM   609 O  O   . PRO C 1 28 ? 36.812  12.860  -7.685  1.00 16.39  ? 28  PRO C O   1 
ATOM   610 C  CB  . PRO C 1 28 ? 37.257  10.237  -5.883  1.00 17.18  ? 28  PRO C CB  1 
ATOM   611 C  CG  . PRO C 1 28 ? 36.640  9.558   -7.031  1.00 17.61  ? 28  PRO C CG  1 
ATOM   612 C  CD  . PRO C 1 28 ? 35.165  9.883   -6.965  1.00 16.03  ? 28  PRO C CD  1 
HETATM 613 N  N   . HYP C 1 29 ? 38.053  13.362  -5.885  1.00 16.31  ? 29  HYP C N   1 
HETATM 614 C  CA  . HYP C 1 29 ? 38.807  14.425  -6.593  1.00 11.87  ? 29  HYP C CA  1 
HETATM 615 C  C   . HYP C 1 29 ? 39.701  13.844  -7.761  1.00 15.67  ? 29  HYP C C   1 
HETATM 616 O  O   . HYP C 1 29 ? 40.061  12.652  -7.730  1.00 20.89  ? 29  HYP C O   1 
HETATM 617 C  CB  . HYP C 1 29 ? 39.698  15.123  -5.556  1.00 26.79  ? 29  HYP C CB  1 
HETATM 618 C  CG  . HYP C 1 29 ? 39.124  14.756  -4.180  1.00 29.72  ? 29  HYP C CG  1 
HETATM 619 C  CD  . HYP C 1 29 ? 38.493  13.377  -4.470  1.00 30.05  ? 29  HYP C CD  1 
HETATM 620 O  OD1 . HYP C 1 29 ? 38.229  15.674  -3.637  1.00 136.66 ? 29  HYP C OD1 1 
HETATM 621 N  N   . GLZ C 1 30 ? 39.892  14.689  -8.898  1.00 23.05  ? 30  GLZ C N   1 
HETATM 622 C  CA  . GLZ C 1 30 ? 40.867  14.176  -9.844  1.00 109.82 ? 30  GLZ C CA  1 
HETATM 623 C  C   . GLZ C 1 30 ? 42.261  14.313  -9.243  1.00 96.31  ? 30  GLZ C C   1 
HETATM 624 O  O   . GLZ C 1 30 ? 43.154  13.650  -9.651  1.00 40.31  ? 30  GLZ C O   1 
HETATM 625 N  N   . NH2 C 1 31 ? 42.481  15.263  -8.170  1.00 20.01  ? 31  NH2 C N   1 
HETATM 626 C  C1  . EDO D 2 .  ? -29.021 -4.164  3.856   1.00 36.52  ? 101 EDO A C1  1 
HETATM 627 O  O1  . EDO D 2 .  ? -28.395 -2.889  3.650   1.00 36.98  ? 101 EDO A O1  1 
HETATM 628 C  C2  . EDO D 2 .  ? -29.478 -4.275  5.305   1.00 36.65  ? 101 EDO A C2  1 
HETATM 629 O  O2  . EDO D 2 .  ? -30.214 -5.487  5.513   1.00 36.06  ? 101 EDO A O2  1 
HETATM 630 C  C1  . EDO E 2 .  ? -17.691 -2.487  -3.631  1.00 74.89  ? 101 EDO B C1  1 
HETATM 631 O  O1  . EDO E 2 .  ? -18.639 -2.565  -4.702  1.00 31.95  ? 101 EDO B O1  1 
HETATM 632 C  C2  . EDO E 2 .  ? -16.467 -3.329  -3.967  1.00 19.73  ? 101 EDO B C2  1 
HETATM 633 O  O2  . EDO E 2 .  ? -16.583 -4.650  -3.424  1.00 16.78  ? 101 EDO B O2  1 
HETATM 634 C  C1  . EDO F 2 .  ? 3.046   -6.214  -2.655  1.00 23.51  ? 101 EDO C C1  1 
HETATM 635 O  O1  . EDO F 2 .  ? 4.122   -5.334  -2.308  1.00 45.53  ? 101 EDO C O1  1 
HETATM 636 C  C2  . EDO F 2 .  ? 3.231   -7.560  -1.968  1.00 66.95  ? 101 EDO C C2  1 
HETATM 637 O  O2  . EDO F 2 .  ? 3.309   -7.367  -0.553  1.00 38.44  ? 101 EDO C O2  1 
HETATM 638 C  C1  . EDO G 2 .  ? -20.006 -3.282  10.380  1.00 33.51  ? 102 EDO C C1  1 
HETATM 639 O  O1  . EDO G 2 .  ? -20.517 -3.258  9.042   1.00 42.22  ? 102 EDO C O1  1 
HETATM 640 C  C2  . EDO G 2 .  ? -19.736 -4.720  10.804  1.00 38.32  ? 102 EDO C C2  1 
HETATM 641 O  O2  . EDO G 2 .  ? -19.451 -4.780  12.206  1.00 55.22  ? 102 EDO C O2  1 
HETATM 642 O  O   . HOH H 3 .  ? -27.492 -6.596  2.407   1.00 30.32  ? 201 HOH A O   1 
HETATM 643 O  O   . HOH H 3 .  ? -20.141 -1.461  3.769   1.00 22.79  ? 202 HOH A O   1 
HETATM 644 O  O   . HOH H 3 .  ? -13.219 -1.412  8.374   1.00 29.30  ? 203 HOH A O   1 
HETATM 645 O  O   . HOH H 3 .  ? -5.665  3.740   5.353   1.00 22.56  ? 204 HOH A O   1 
HETATM 646 O  O   . HOH H 3 .  ? -9.326  0.175   6.272   1.00 21.52  ? 205 HOH A O   1 
HETATM 647 O  O   . HOH H 3 .  ? 22.759  6.474   -8.894  1.00 20.21  ? 206 HOH A O   1 
HETATM 648 O  O   . HOH H 3 .  ? 7.364   -2.067  1.898   1.00 15.65  ? 207 HOH A O   1 
HETATM 649 O  O   . HOH H 3 .  ? 10.770  1.218   -6.776  1.00 9.51   ? 208 HOH A O   1 
HETATM 650 O  O   . HOH H 3 .  ? 17.298  -0.620  -5.542  1.00 17.03  ? 209 HOH A O   1 
HETATM 651 O  O   . HOH H 3 .  ? 11.579  -1.574  -4.599  1.00 16.88  ? 210 HOH A O   1 
HETATM 652 O  O   . HOH H 3 .  ? 0.072   0.056   4.622   1.00 9.84   ? 211 HOH A O   1 
HETATM 653 O  O   . HOH H 3 .  ? 13.810  0.808   2.110   1.00 9.60   ? 212 HOH A O   1 
HETATM 654 O  O   . HOH H 3 .  ? 2.772   -1.180  8.123   1.00 18.43  ? 213 HOH A O   1 
HETATM 655 O  O   A HOH H 3 .  ? 21.417  0.946   -5.386  0.85 19.80  ? 214 HOH A O   1 
HETATM 656 O  O   B HOH H 3 .  ? 22.068  -0.992  -4.950  0.15 5.72   ? 214 HOH A O   1 
HETATM 657 O  O   . HOH H 3 .  ? 16.875  8.321   -9.550  1.00 21.72  ? 215 HOH A O   1 
HETATM 658 O  O   . HOH H 3 .  ? 14.747  -0.001  -4.502  1.00 23.17  ? 216 HOH A O   1 
HETATM 659 O  O   . HOH H 3 .  ? -32.002 -14.524 2.705   1.00 24.64  ? 217 HOH A O   1 
HETATM 660 O  O   . HOH H 3 .  ? 37.323  18.055  -10.725 1.00 28.13  ? 218 HOH A O   1 
HETATM 661 O  O   . HOH H 3 .  ? 32.404  17.818  -5.969  1.00 19.09  ? 219 HOH A O   1 
HETATM 662 O  O   . HOH H 3 .  ? -20.307 -3.792  -2.360  1.00 38.70  ? 220 HOH A O   1 
HETATM 663 O  O   . HOH H 3 .  ? 23.925  14.880  -7.806  1.00 22.90  ? 221 HOH A O   1 
HETATM 664 O  O   . HOH H 3 .  ? 19.809  5.738   -10.333 1.00 30.17  ? 222 HOH A O   1 
HETATM 665 O  O   . HOH H 3 .  ? -36.065 -12.857 3.235   1.00 30.30  ? 223 HOH A O   1 
HETATM 666 O  O   . HOH H 3 .  ? -30.718 -4.181  8.167   1.00 23.86  ? 224 HOH A O   1 
HETATM 667 O  O   . HOH H 3 .  ? -39.818 -22.104 6.897   1.00 30.24  ? 225 HOH A O   1 
HETATM 668 O  O   . HOH H 3 .  ? -35.578 -22.505 6.480   1.00 25.68  ? 226 HOH A O   1 
HETATM 669 O  O   . HOH H 3 .  ? -37.356 -20.383 8.310   1.00 28.81  ? 227 HOH A O   1 
HETATM 670 O  O   A HOH H 3 .  ? -19.261 1.622   4.022   0.30 19.90  ? 228 HOH A O   1 
HETATM 671 O  O   B HOH H 3 .  ? -20.226 1.896   3.174   0.35 17.69  ? 228 HOH A O   1 
HETATM 672 O  O   C HOH H 3 .  ? -19.033 2.192   4.749   0.35 21.89  ? 228 HOH A O   1 
HETATM 673 O  O   . HOH H 3 .  ? -17.788 0.892   -1.956  1.00 35.71  ? 229 HOH A O   1 
HETATM 674 O  O   . HOH H 3 .  ? -26.001 -4.233  1.336   1.00 46.57  ? 230 HOH A O   1 
HETATM 675 O  O   . HOH H 3 .  ? 24.730  16.202  -10.085 1.00 29.82  ? 231 HOH A O   1 
HETATM 676 O  O   . HOH H 3 .  ? 17.406  -1.168  -8.220  1.00 19.48  ? 232 HOH A O   1 
HETATM 677 O  O   . HOH H 3 .  ? 20.169  -1.174  -3.563  1.00 31.04  ? 233 HOH A O   1 
HETATM 678 O  O   . HOH H 3 .  ? -37.590 -22.636 5.051   1.00 26.17  ? 234 HOH A O   1 
HETATM 679 O  O   . HOH H 3 .  ? 31.090  18.367  -15.285 1.00 25.87  ? 235 HOH A O   1 
HETATM 680 O  O   . HOH H 3 .  ? 12.981  -0.043  -7.752  1.00 18.19  ? 236 HOH A O   1 
HETATM 681 O  O   . HOH H 3 .  ? 0.886   0.590   9.035   1.00 23.97  ? 237 HOH A O   1 
HETATM 682 O  O   . HOH H 3 .  ? 33.813  17.055  -3.714  1.00 20.69  ? 238 HOH A O   1 
HETATM 683 O  O   . HOH H 3 .  ? -41.869 -22.756 5.100   1.00 23.79  ? 239 HOH A O   1 
HETATM 684 O  O   . HOH H 3 .  ? 21.796  0.554   -8.827  1.00 16.94  ? 240 HOH A O   1 
HETATM 685 O  O   A HOH H 3 .  ? 21.534  3.778   -9.824  0.41 14.94  ? 241 HOH A O   1 
HETATM 686 O  O   B HOH H 3 .  ? 21.890  5.502   -11.458 0.59 22.93  ? 241 HOH A O   1 
HETATM 687 O  O   . HOH H 3 .  ? -30.006 -18.996 3.839   1.00 19.63  ? 242 HOH A O   1 
HETATM 688 O  O   . HOH H 3 .  ? 24.142  17.493  -7.965  1.00 22.51  ? 243 HOH A O   1 
HETATM 689 O  O   A HOH H 3 .  ? -24.088 -4.412  -0.824  0.77 22.37  ? 244 HOH A O   1 
HETATM 690 O  O   B HOH H 3 .  ? -26.340 -5.494  -0.560  0.23 6.31   ? 244 HOH A O   1 
HETATM 691 O  O   . HOH H 3 .  ? 4.734   -1.004  10.003  1.00 24.83  ? 245 HOH A O   1 
HETATM 692 O  O   . HOH I 3 .  ? -6.120  3.476   -5.166  1.00 25.39  ? 201 HOH B O   1 
HETATM 693 O  O   . HOH I 3 .  ? 0.173   8.633   -1.578  1.00 26.51  ? 202 HOH B O   1 
HETATM 694 O  O   . HOH I 3 .  ? 19.131  6.628   2.357   1.00 29.14  ? 203 HOH B O   1 
HETATM 695 O  O   . HOH I 3 .  ? -32.991 -12.499 16.772  1.00 36.50  ? 204 HOH B O   1 
HETATM 696 O  O   A HOH I 3 .  ? 11.957  11.348  0.584   0.63 16.41  ? 205 HOH B O   1 
HETATM 697 O  O   B HOH I 3 .  ? 12.130  11.408  -0.399  0.37 8.23   ? 205 HOH B O   1 
HETATM 698 O  O   . HOH I 3 .  ? 29.970  5.805   -8.928  1.00 33.74  ? 206 HOH B O   1 
HETATM 699 O  O   . HOH I 3 .  ? -31.645 -9.661  14.250  1.00 22.26  ? 207 HOH B O   1 
HETATM 700 O  O   . HOH I 3 .  ? 33.249  7.604   -8.530  1.00 37.03  ? 208 HOH B O   1 
HETATM 701 O  O   . HOH I 3 .  ? 23.077  3.387   -5.396  1.00 17.25  ? 209 HOH B O   1 
HETATM 702 O  O   . HOH I 3 .  ? -25.676 -12.280 2.171   1.00 28.77  ? 210 HOH B O   1 
HETATM 703 O  O   . HOH I 3 .  ? -8.596  0.896   -2.343  1.00 17.76  ? 211 HOH B O   1 
HETATM 704 O  O   . HOH I 3 .  ? -16.247 -8.061  -1.048  1.00 11.82  ? 212 HOH B O   1 
HETATM 705 O  O   . HOH I 3 .  ? -21.597 -13.269 3.237   1.00 25.45  ? 213 HOH B O   1 
HETATM 706 O  O   . HOH I 3 .  ? 0.163   4.431   -1.436  1.00 8.49   ? 214 HOH B O   1 
HETATM 707 O  O   . HOH I 3 .  ? -3.164  3.416   4.054   1.00 27.68  ? 215 HOH B O   1 
HETATM 708 O  O   . HOH I 3 .  ? 34.354  14.806  -13.643 1.00 26.51  ? 216 HOH B O   1 
HETATM 709 O  O   . HOH I 3 .  ? 16.558  6.572   1.561   1.00 18.83  ? 217 HOH B O   1 
HETATM 710 O  O   A HOH I 3 .  ? 8.375   9.620   0.988   0.53 18.44  ? 218 HOH B O   1 
HETATM 711 O  O   B HOH I 3 .  ? 8.346   7.634   1.352   0.47 13.99  ? 218 HOH B O   1 
HETATM 712 O  O   . HOH I 3 .  ? 26.856  7.860   -3.122  1.00 16.13  ? 219 HOH B O   1 
HETATM 713 O  O   . HOH I 3 .  ? -33.815 -16.594 9.110   1.00 18.14  ? 220 HOH B O   1 
HETATM 714 O  O   . HOH I 3 .  ? 6.531   3.061   3.910   1.00 21.10  ? 221 HOH B O   1 
HETATM 715 O  O   . HOH I 3 .  ? 15.299  2.313   0.361   1.00 10.10  ? 222 HOH B O   1 
HETATM 716 O  O   . HOH I 3 .  ? -12.946 -0.228  -2.057  1.00 14.99  ? 223 HOH B O   1 
HETATM 717 O  O   . HOH I 3 .  ? -11.894 1.078   1.349   1.00 12.73  ? 224 HOH B O   1 
HETATM 718 O  O   A HOH I 3 .  ? 39.005  8.014   -8.826  0.53 14.81  ? 225 HOH B O   1 
HETATM 719 O  O   B HOH I 3 .  ? 40.273  8.760   -9.980  0.47 20.86  ? 225 HOH B O   1 
HETATM 720 O  O   . HOH I 3 .  ? 41.226  16.422  -13.384 1.00 28.74  ? 226 HOH B O   1 
HETATM 721 O  O   . HOH I 3 .  ? -18.387 -5.183  -1.117  1.00 15.96  ? 227 HOH B O   1 
HETATM 722 O  O   . HOH I 3 .  ? 14.406  5.285   2.901   1.00 19.23  ? 228 HOH B O   1 
HETATM 723 O  O   . HOH I 3 .  ? -20.758 -3.492  -6.561  1.00 18.33  ? 229 HOH B O   1 
HETATM 724 O  O   . HOH I 3 .  ? -13.125 -15.324 -0.266  1.00 20.70  ? 230 HOH B O   1 
HETATM 725 O  O   . HOH I 3 .  ? -11.333 -14.666 1.820   1.00 18.95  ? 231 HOH B O   1 
HETATM 726 O  O   . HOH I 3 .  ? -23.641 -15.447 3.994   1.00 49.38  ? 232 HOH B O   1 
HETATM 727 O  O   . HOH I 3 .  ? -14.708 -13.537 3.839   1.00 21.59  ? 233 HOH B O   1 
HETATM 728 O  O   . HOH I 3 .  ? 26.034  3.555   -4.719  1.00 23.09  ? 234 HOH B O   1 
HETATM 729 O  O   . HOH I 3 .  ? -2.828  2.254   -5.750  1.00 30.91  ? 235 HOH B O   1 
HETATM 730 O  O   . HOH I 3 .  ? -10.680 2.943   -0.388  1.00 17.88  ? 236 HOH B O   1 
HETATM 731 O  O   . HOH I 3 .  ? 17.719  2.428   1.556   1.00 20.08  ? 237 HOH B O   1 
HETATM 732 O  O   A HOH I 3 .  ? -9.972  -12.413 0.594   0.63 20.41  ? 238 HOH B O   1 
HETATM 733 O  O   B HOH I 3 .  ? -10.058 -11.663 1.975   0.37 17.03  ? 238 HOH B O   1 
HETATM 734 O  O   . HOH I 3 .  ? 25.849  6.765   -0.695  1.00 22.59  ? 239 HOH B O   1 
HETATM 735 O  O   A HOH I 3 .  ? 7.730   5.758   4.726   0.74 23.30  ? 240 HOH B O   1 
HETATM 736 O  O   B HOH I 3 .  ? 8.223   4.378   4.953   0.26 10.20  ? 240 HOH B O   1 
HETATM 737 O  O   . HOH I 3 .  ? -33.701 -15.217 16.938  1.00 50.07  ? 241 HOH B O   1 
HETATM 738 O  O   . HOH I 3 .  ? -5.155  1.186   -7.498  1.00 27.45  ? 242 HOH B O   1 
HETATM 739 O  O   . HOH I 3 .  ? 14.848  11.023  1.020   1.00 16.27  ? 243 HOH B O   1 
HETATM 740 O  O   . HOH I 3 .  ? -17.885 -13.545 0.563   1.00 20.09  ? 244 HOH B O   1 
HETATM 741 O  O   . HOH I 3 .  ? 7.640   11.678  -0.004  1.00 36.51  ? 245 HOH B O   1 
HETATM 742 O  O   . HOH I 3 .  ? -19.134 -13.911 3.031   1.00 32.53  ? 246 HOH B O   1 
HETATM 743 O  O   . HOH I 3 .  ? -22.188 -6.217  -1.858  1.00 29.98  ? 247 HOH B O   1 
HETATM 744 O  O   . HOH I 3 .  ? 18.793  7.699   4.830   1.00 40.00  ? 248 HOH B O   1 
HETATM 745 O  O   . HOH J 3 .  ? 39.903  10.847  -9.288  1.00 38.33  ? 201 HOH C O   1 
HETATM 746 O  O   A HOH J 3 .  ? -8.533  -9.204  7.494   0.66 10.08  ? 202 HOH C O   1 
HETATM 747 O  O   B HOH J 3 .  ? -8.231  -9.058  6.375   0.34 7.17   ? 202 HOH C O   1 
HETATM 748 O  O   . HOH J 3 .  ? 5.308   -3.428  -1.214  1.00 14.67  ? 203 HOH C O   1 
HETATM 749 O  O   . HOH J 3 .  ? -0.405  0.923   -5.488  1.00 17.69  ? 204 HOH C O   1 
HETATM 750 O  O   . HOH J 3 .  ? 23.848  10.657  -0.435  1.00 22.25  ? 205 HOH C O   1 
HETATM 751 O  O   . HOH J 3 .  ? 30.096  18.439  -4.761  1.00 19.32  ? 206 HOH C O   1 
HETATM 752 O  O   . HOH J 3 .  ? 8.660   -0.437  -7.196  1.00 7.01   ? 207 HOH C O   1 
HETATM 753 O  O   . HOH J 3 .  ? 14.184  8.616   -10.808 1.00 33.70  ? 208 HOH C O   1 
HETATM 754 O  O   A HOH J 3 .  ? -6.605  -7.802  -1.545  0.70 18.64  ? 209 HOH C O   1 
HETATM 755 O  O   B HOH J 3 .  ? -6.451  -6.746  -2.644  0.30 7.11   ? 209 HOH C O   1 
HETATM 756 O  O   . HOH J 3 .  ? -10.958 -8.799  6.345   1.00 9.05   ? 210 HOH C O   1 
HETATM 757 O  O   . HOH J 3 .  ? 10.183  7.162   -9.486  1.00 18.96  ? 211 HOH C O   1 
HETATM 758 O  O   . HOH J 3 .  ? 5.116   6.120   -6.762  1.00 11.51  ? 212 HOH C O   1 
HETATM 759 O  O   . HOH J 3 .  ? -7.627  -1.250  9.606   1.00 16.18  ? 213 HOH C O   1 
HETATM 760 O  O   . HOH J 3 .  ? 18.204  11.538  -6.171  1.00 13.96  ? 214 HOH C O   1 
HETATM 761 O  O   . HOH J 3 .  ? -21.063 -11.102 11.134  1.00 21.37  ? 215 HOH C O   1 
HETATM 762 O  O   A HOH J 3 .  ? 8.793   5.541   -7.699  0.72 15.96  ? 216 HOH C O   1 
HETATM 763 O  O   B HOH J 3 .  ? 8.316   6.767   -7.325  0.28 8.94   ? 216 HOH C O   1 
HETATM 764 O  O   . HOH J 3 .  ? -18.433 -7.772  10.330  1.00 26.65  ? 217 HOH C O   1 
HETATM 765 O  O   . HOH J 3 .  ? 14.775  10.918  -1.518  1.00 16.25  ? 218 HOH C O   1 
HETATM 766 O  O   . HOH J 3 .  ? 24.976  14.951  -3.311  1.00 17.94  ? 219 HOH C O   1 
HETATM 767 O  O   . HOH J 3 .  ? -26.499 -4.648  12.513  1.00 26.24  ? 220 HOH C O   1 
HETATM 768 O  O   . HOH J 3 .  ? -1.855  -5.073  -0.206  1.00 9.74   ? 221 HOH C O   1 
HETATM 769 O  O   . HOH J 3 .  ? -35.956 -5.379  8.607   1.00 38.99  ? 222 HOH C O   1 
HETATM 770 O  O   A HOH J 3 .  ? -0.735  -7.820  -3.731  0.61 23.23  ? 223 HOH C O   1 
HETATM 771 O  O   B HOH J 3 .  ? 0.396   -8.419  -4.904  0.39 14.97  ? 223 HOH C O   1 
HETATM 772 O  O   . HOH J 3 .  ? 12.790  11.765  -4.655  1.00 12.98  ? 224 HOH C O   1 
HETATM 773 O  O   . HOH J 3 .  ? 35.567  15.559  -4.909  1.00 30.64  ? 225 HOH C O   1 
HETATM 774 O  O   . HOH J 3 .  ? 32.263  12.868  -1.699  1.00 26.71  ? 226 HOH C O   1 
HETATM 775 O  O   . HOH J 3 .  ? 5.811   7.807   -3.200  1.00 12.94  ? 227 HOH C O   1 
HETATM 776 O  O   A HOH J 3 .  ? 17.876  16.092  -4.454  0.57 12.76  ? 228 HOH C O   1 
HETATM 777 O  O   B HOH J 3 .  ? 18.377  16.093  -5.641  0.43 13.57  ? 228 HOH C O   1 
HETATM 778 O  O   . HOH J 3 .  ? 0.763   -8.765  -0.155  1.00 25.40  ? 229 HOH C O   1 
HETATM 779 O  O   . HOH J 3 .  ? 39.315  17.569  -8.725  1.00 31.95  ? 230 HOH C O   1 
HETATM 780 O  O   . HOH J 3 .  ? -8.700  -3.744  12.628  1.00 22.57  ? 231 HOH C O   1 
HETATM 781 O  O   . HOH J 3 .  ? 45.489  11.509  -9.781  1.00 44.00  ? 232 HOH C O   1 
HETATM 782 O  O   . HOH J 3 .  ? -19.456 -0.719  7.426   1.00 35.41  ? 233 HOH C O   1 
HETATM 783 O  O   . HOH J 3 .  ? -38.127 -13.171 8.881   1.00 33.12  ? 234 HOH C O   1 
HETATM 784 O  O   . HOH J 3 .  ? 22.962  14.214  -1.337  1.00 34.37  ? 235 HOH C O   1 
HETATM 785 O  O   . HOH J 3 .  ? 6.429   -7.841  -2.438  1.00 33.22  ? 236 HOH C O   1 
HETATM 786 O  O   . HOH J 3 .  ? 6.655   9.737   -4.883  1.00 16.72  ? 237 HOH C O   1 
HETATM 787 O  O   . HOH J 3 .  ? -16.825 -7.041  14.286  1.00 33.55  ? 238 HOH C O   1 
HETATM 788 O  O   . HOH J 3 .  ? -1.976  -7.837  0.323   1.00 32.69  ? 239 HOH C O   1 
HETATM 789 O  O   . HOH J 3 .  ? -16.032 -6.723  11.067  1.00 22.87  ? 240 HOH C O   1 
HETATM 790 O  O   A HOH J 3 .  ? -9.473  -10.928 3.309   0.68 12.14  ? 241 HOH C O   1 
HETATM 791 O  O   B HOH J 3 .  ? -9.353  -10.186 4.234   0.32 7.90   ? 241 HOH C O   1 
HETATM 792 O  O   . HOH J 3 .  ? 24.486  13.251  0.647   1.00 15.13  ? 242 HOH C O   1 
HETATM 793 O  O   . HOH J 3 .  ? 11.167  12.681  -2.597  1.00 19.44  ? 243 HOH C O   1 
# 
loop_
_atom_site_anisotrop.id 
_atom_site_anisotrop.type_symbol 
_atom_site_anisotrop.pdbx_label_atom_id 
_atom_site_anisotrop.pdbx_label_alt_id 
_atom_site_anisotrop.pdbx_label_comp_id 
_atom_site_anisotrop.pdbx_label_asym_id 
_atom_site_anisotrop.pdbx_label_seq_id 
_atom_site_anisotrop.pdbx_PDB_ins_code 
_atom_site_anisotrop.U[1][1] 
_atom_site_anisotrop.U[2][2] 
_atom_site_anisotrop.U[3][3] 
_atom_site_anisotrop.U[1][2] 
_atom_site_anisotrop.U[1][3] 
_atom_site_anisotrop.U[2][3] 
_atom_site_anisotrop.pdbx_auth_seq_id 
_atom_site_anisotrop.pdbx_auth_comp_id 
_atom_site_anisotrop.pdbx_auth_asym_id 
_atom_site_anisotrop.pdbx_auth_atom_id 
1   N N   . PRO A 1  ? 0.1190 0.3044 0.2567 -0.0661 0.0187  -0.0119 1   PRO A N   
2   C CA  . PRO A 1  ? 0.1275 0.2912 0.2306 -0.0678 0.0170  -0.0246 1   PRO A CA  
3   C C   . PRO A 1  ? 0.1228 0.2626 0.2285 -0.0562 0.0308  -0.0199 1   PRO A C   
4   O O   . PRO A 1  ? 0.1007 0.2627 0.2417 -0.0522 0.0244  -0.0357 1   PRO A O   
5   C CB  . PRO A 1  ? 0.1348 0.3031 0.2350 -0.0703 0.0023  -0.0295 1   PRO A CB  
6   C CG  . PRO A 1  ? 0.1256 0.3227 0.2775 -0.0671 0.0059  -0.0287 1   PRO A CG  
7   C CD  . PRO A 1  ? 0.1117 0.3299 0.2661 -0.0611 0.0136  -0.0177 1   PRO A CD  
8   N N   . HYP A 2  ? 0.1354 0.2443 0.2364 -0.0375 0.0270  -0.0240 2   HYP A N   
9   C CA  . HYP A 2  ? 0.1329 0.2204 0.2254 -0.0370 0.0359  -0.0003 2   HYP A CA  
10  C C   . HYP A 2  ? 0.1348 0.2126 0.2070 -0.0540 0.0402  -0.0173 2   HYP A C   
11  O O   . HYP A 2  ? 0.1460 0.2257 0.2221 -0.0602 0.0341  -0.0361 2   HYP A O   
12  C CB  . HYP A 2  ? 0.1355 0.2289 0.2435 -0.0208 0.0291  -0.0027 2   HYP A CB  
13  C CG  . HYP A 2  ? 0.1573 0.2371 0.2553 -0.0219 0.0141  -0.0039 2   HYP A CG  
14  C CD  . HYP A 2  ? 0.1482 0.2529 0.2473 -0.0220 0.0234  -0.0117 2   HYP A CD  
15  O OD1 . HYP A 2  ? 0.1975 0.2406 0.2965 -0.0151 0.0050  0.0006  2   HYP A OD1 
16  N N   . GLY A 3  ? 0.1148 0.2013 0.2002 -0.0618 0.0372  -0.0307 3   GLY A N   
17  C CA  . GLY A 3  ? 0.0968 0.1552 0.1892 -0.0560 0.0081  -0.0205 3   GLY A CA  
18  C C   . GLY A 3  ? 0.1091 0.1241 0.1960 -0.0562 -0.0004 0.0029  3   GLY A C   
19  O O   . GLY A 3  ? 0.1298 0.1020 0.2026 -0.0599 -0.0151 0.0107  3   GLY A O   
20  N N   . PRO A 4  ? 0.1035 0.1287 0.2180 -0.0344 -0.0075 0.0448  4   PRO A N   
21  C CA  . PRO A 4  ? 0.0842 0.1180 0.2366 -0.0223 -0.0253 0.0754  4   PRO A CA  
22  C C   . PRO A 4  ? 0.0870 0.1298 0.2238 -0.0336 -0.0012 0.0523  4   PRO A C   
23  O O   . PRO A 4  ? 0.0801 0.1442 0.2095 -0.0459 0.0054  0.0186  4   PRO A O   
24  C CB  . PRO A 4  ? 0.0998 0.1370 0.2680 -0.0145 -0.0204 0.0772  4   PRO A CB  
25  C CG  . PRO A 4  ? 0.1354 0.1481 0.2720 -0.0211 0.0100  0.0789  4   PRO A CG  
26  C CD  . PRO A 4  ? 0.1218 0.1307 0.2545 -0.0189 0.0055  0.0726  4   PRO A CD  
27  N N   . HYP A 5  ? 0.0832 0.1746 0.2061 -0.0283 0.0214  0.0495  5   HYP A N   
28  C CA  . HYP A 5  ? 0.0884 0.2082 0.2136 -0.0342 0.0407  0.0360  5   HYP A CA  
29  C C   . HYP A 5  ? 0.0840 0.2076 0.2395 -0.0272 0.0259  0.0493  5   HYP A C   
30  O O   . HYP A 5  ? 0.0920 0.2113 0.2631 -0.0235 0.0320  0.0582  5   HYP A O   
31  C CB  . HYP A 5  ? 0.1068 0.2468 0.2232 -0.0293 0.0605  0.0393  5   HYP A CB  
32  C CG  . HYP A 5  ? 0.1586 0.2145 0.2589 -0.0303 0.0552  0.0222  5   HYP A CG  
33  C CD  . HYP A 5  ? 0.1376 0.1856 0.2338 -0.0295 0.0421  0.0315  5   HYP A CD  
34  O OD1 . HYP A 5  ? 0.1937 0.2216 0.3229 -0.0258 0.0719  0.0198  5   HYP A OD1 
35  N N   . GLY A 6  ? 0.0792 0.2021 0.2333 -0.0447 0.0150  0.0199  6   GLY A N   
36  C CA  . GLY A 6  ? 0.0837 0.1901 0.2285 -0.0450 0.0228  0.0257  6   GLY A CA  
37  C C   . GLY A 6  ? 0.0723 0.1798 0.1941 -0.0303 0.0171  0.0411  6   GLY A C   
38  O O   . GLY A 6  ? 0.0971 0.1645 0.2211 -0.0393 0.0284  0.0506  6   GLY A O   
39  N N   . PRO A 7  ? 0.0717 0.1950 0.2190 -0.0237 0.0316  0.0208  7   PRO A N   
40  C CA  . PRO A 7  ? 0.0947 0.1835 0.2568 -0.0231 0.0318  0.0112  7   PRO A CA  
41  C C   . PRO A 7  ? 0.0704 0.1716 0.2206 -0.0347 0.0109  0.0155  7   PRO A C   
42  O O   . PRO A 7  ? 0.0688 0.1586 0.2120 -0.0343 -0.0043 0.0237  7   PRO A O   
43  C CB  . PRO A 7  ? 0.1195 0.1927 0.2756 -0.0192 0.0500  -0.0023 7   PRO A CB  
44  C CG  . PRO A 7  ? 0.1356 0.1964 0.2791 -0.0241 0.0483  0.0008  7   PRO A CG  
45  C CD  . PRO A 7  ? 0.1048 0.1851 0.2314 -0.0193 0.0387  0.0205  7   PRO A CD  
46  N N   . ARG A 8  ? 0.0803 0.1765 0.1970 -0.0562 0.0140  -0.0027 8   ARG A N   
47  C CA  . ARG A 8  ? 0.0878 0.1773 0.2283 -0.0509 0.0282  0.0079  8   ARG A CA  
48  C C   . ARG A 8  ? 0.0712 0.1613 0.1882 -0.0433 0.0232  -0.0014 8   ARG A C   
49  O O   . ARG A 8  ? 0.0601 0.1512 0.2079 -0.0252 0.0061  -0.0051 8   ARG A O   
50  C CB  . ARG A 8  ? 0.1080 0.1948 0.2163 -0.0425 0.0502  0.0431  8   ARG A CB  
51  C CG  . ARG A 8  ? 0.1048 0.2067 0.2558 -0.0336 0.0427  0.0571  8   ARG A CG  
52  C CD  . ARG A 8  ? 0.1432 0.2194 0.2790 -0.0264 0.0558  0.0658  8   ARG A CD  
53  N NE  . ARG A 8  ? 0.1523 0.2498 0.2978 -0.0111 0.0608  0.0576  8   ARG A NE  
54  C CZ  . ARG A 8  ? 0.1924 0.2725 0.3371 -0.0168 0.0774  0.0345  8   ARG A CZ  
55  N NH1 . ARG A 8  ? 0.2327 0.2861 0.3477 -0.0188 0.0776  0.0203  8   ARG A NH1 
56  N NH2 . ARG A 8  ? 0.1944 0.2829 0.3424 -0.0221 0.0965  0.0438  8   ARG A NH2 
57  N N   . GLY A 9  ? 0.0702 0.1415 0.1952 -0.0403 0.0156  -0.0004 9   GLY A N   
58  C CA  . GLY A 9  ? 0.0712 0.1376 0.1552 -0.0401 0.0317  -0.0120 9   GLY A CA  
59  C C   . GLY A 9  ? 0.0678 0.1133 0.1390 -0.0252 0.0423  -0.0102 9   GLY A C   
60  O O   . GLY A 9  ? 0.0688 0.0837 0.1766 -0.0184 0.0323  -0.0120 9   GLY A O   
61  N N   . PRO A 10 ? 0.0714 0.0806 0.1302 -0.0324 0.0333  -0.0180 10  PRO A N   
62  C CA  . PRO A 10 ? 0.0722 0.1004 0.1456 -0.0316 0.0369  -0.0562 10  PRO A CA  
63  C C   . PRO A 10 ? 0.0918 0.0826 0.1279 -0.0334 0.0219  -0.0473 10  PRO A C   
64  O O   . PRO A 10 ? 0.0844 0.0589 0.1100 -0.0109 0.0073  -0.0193 10  PRO A O   
65  C CB  . PRO A 10 ? 0.1059 0.1285 0.1831 -0.0351 0.0541  -0.0681 10  PRO A CB  
66  C CG  . PRO A 10 ? 0.1025 0.1181 0.1627 -0.0322 0.0119  -0.0556 10  PRO A CG  
67  C CD  . PRO A 10 ? 0.0963 0.1085 0.1489 -0.0336 0.0319  -0.0258 10  PRO A CD  
68  N N   . HYP A 11 ? 0.1014 0.0937 0.1884 -0.0247 0.0490  -0.0368 11  HYP A N   
69  C CA  . HYP A 11 ? 0.0903 0.0771 0.1584 -0.0232 0.0335  -0.0278 11  HYP A CA  
70  C C   . HYP A 11 ? 0.0785 0.0732 0.1420 -0.0350 0.0220  -0.0148 11  HYP A C   
71  O O   . HYP A 11 ? 0.0622 0.0886 0.1322 -0.0309 0.0232  -0.0228 11  HYP A O   
72  C CB  . HYP A 11 ? 0.1100 0.0702 0.2334 -0.0079 0.0464  -0.0049 11  HYP A CB  
73  C CG  . HYP A 11 ? 0.1218 0.0669 0.2443 -0.0081 0.0313  -0.0144 11  HYP A CG  
74  C CD  . HYP A 11 ? 0.1237 0.0888 0.2293 -0.0124 0.0513  -0.0182 11  HYP A CD  
75  O OD1 . HYP A 11 ? 0.1126 0.0972 0.3077 0.0032  -0.0121 -0.0040 11  HYP A OD1 
76  N N   . GLY A 12 ? 0.0594 0.0667 0.1230 -0.0292 0.0033  -0.0132 12  GLY A N   
77  C CA  . GLY A 12 ? 0.0589 0.0814 0.1071 -0.0358 -0.0117 -0.0114 12  GLY A CA  
78  C C   . GLY A 12 ? 0.0787 0.0930 0.1032 -0.0457 0.0228  -0.0076 12  GLY A C   
79  O O   . GLY A 12 ? 0.0958 0.1165 0.1283 -0.0476 0.0455  -0.0184 12  GLY A O   
80  N N   . PRO A 13 ? 0.0598 0.1216 0.1330 -0.0407 0.0110  0.0104  13  PRO A N   
81  C CA  . PRO A 13 ? 0.0639 0.1432 0.1377 -0.0462 0.0053  0.0009  13  PRO A CA  
82  C C   . PRO A 13 ? 0.0564 0.1278 0.1103 -0.0343 -0.0014 -0.0281 13  PRO A C   
83  O O   . PRO A 13 ? 0.0660 0.1175 0.1181 -0.0392 -0.0098 -0.0263 13  PRO A O   
84  C CB  . PRO A 13 ? 0.0944 0.1623 0.2056 -0.0465 -0.0078 0.0210  13  PRO A CB  
85  C CG  . PRO A 13 ? 0.0778 0.1519 0.2187 -0.0416 -0.0108 0.0253  13  PRO A CG  
86  C CD  . PRO A 13 ? 0.0618 0.1258 0.1507 -0.0370 -0.0099 0.0256  13  PRO A CD  
87  N N   . HYP A 14 ? 0.0954 0.1460 0.1143 -0.0552 0.0433  -0.0625 14  HYP A N   
88  C CA  . HYP A 14 ? 0.0847 0.1219 0.1267 -0.0495 0.0341  -0.0310 14  HYP A CA  
89  C C   . HYP A 14 ? 0.0722 0.1017 0.1463 -0.0402 0.0231  0.0033  14  HYP A C   
90  O O   . HYP A 14 ? 0.0769 0.1238 0.1525 -0.0458 0.0264  0.0111  14  HYP A O   
91  C CB  . HYP A 14 ? 0.1372 0.1533 0.1665 -0.0736 0.0544  -0.0622 14  HYP A CB  
92  C CG  . HYP A 14 ? 0.1537 0.1754 0.1895 -0.0823 0.0676  -0.0671 14  HYP A CG  
93  C CD  . HYP A 14 ? 0.1217 0.1653 0.1633 -0.0678 0.0513  -0.0746 14  HYP A CD  
94  O OD1 . HYP A 14 ? 0.1640 0.1787 0.1970 -0.0791 0.0630  -0.0917 14  HYP A OD1 
95  N N   . GLY A 15 ? 0.0459 0.1183 0.0987 -0.0197 0.0237  0.0047  15  GLY A N   
96  C CA  . GLY A 15 ? 0.0411 0.1061 0.1146 -0.0150 0.0159  0.0166  15  GLY A CA  
97  C C   . GLY A 15 ? 0.0593 0.0916 0.1251 -0.0220 0.0252  0.0223  15  GLY A C   
98  O O   . GLY A 15 ? 0.0508 0.1025 0.1468 -0.0239 0.0161  0.0065  15  GLY A O   
99  N N   . VAL A 16 ? 0.0535 0.0959 0.1475 -0.0213 0.0249  -0.0018 16  VAL A N   
100 C CA  . VAL A 16 ? 0.0644 0.0865 0.1617 -0.0292 0.0188  -0.0064 16  VAL A CA  
101 C C   . VAL A 16 ? 0.0415 0.0852 0.1203 -0.0222 0.0067  -0.0058 16  VAL A C   
102 O O   . VAL A 16 ? 0.0530 0.0640 0.1334 -0.0177 -0.0017 0.0110  16  VAL A O   
103 C CB  . VAL A 16 ? 0.1101 0.0646 0.1934 -0.0237 0.0195  0.0157  16  VAL A CB  
104 C CG1 . VAL A 16 ? 0.1284 0.0697 0.2226 -0.0209 0.0140  0.0249  16  VAL A CG1 
105 C CG2 . VAL A 16 ? 0.0861 0.0750 0.1847 -0.0292 0.0207  0.0054  16  VAL A CG2 
106 N N   . HYP A 17 ? 0.0591 0.0531 0.1041 -0.0267 -0.0005 0.0087  17  HYP A N   
107 C CA  . HYP A 17 ? 0.0723 0.0731 0.1313 -0.0319 0.0163  -0.0009 17  HYP A CA  
108 C C   . HYP A 17 ? 0.0605 0.0516 0.1207 -0.0231 0.0100  -0.0078 17  HYP A C   
109 O O   . HYP A 17 ? 0.0611 0.0862 0.1373 -0.0321 0.0180  -0.0147 17  HYP A O   
110 C CB  . HYP A 17 ? 0.0831 0.0842 0.1329 -0.0224 -0.0131 -0.0190 17  HYP A CB  
111 C CG  . HYP A 17 ? 0.0935 0.0831 0.1529 -0.0292 0.0050  -0.0301 17  HYP A CG  
112 C CD  . HYP A 17 ? 0.0880 0.0602 0.1297 -0.0250 0.0178  0.0041  17  HYP A CD  
113 O OD1 . HYP A 17 ? 0.1297 0.1164 0.1552 -0.0118 0.0143  -0.0105 17  HYP A OD1 
114 N N   . GLY A 18 ? 0.0675 0.0509 0.1117 -0.0269 0.0123  0.0016  18  GLY A N   
115 C CA  . GLY A 18 ? 0.0694 0.0561 0.1140 -0.0253 0.0229  0.0053  18  GLY A CA  
116 C C   . GLY A 18 ? 0.0585 0.0481 0.1333 -0.0167 0.0140  -0.0094 18  GLY A C   
117 O O   . GLY A 18 ? 0.0652 0.0623 0.1540 -0.0219 0.0187  -0.0160 18  GLY A O   
118 N N   . PRO A 19 ? 0.0609 0.0637 0.1147 -0.0281 0.0179  -0.0187 19  PRO A N   
119 C CA  . PRO A 19 ? 0.0526 0.0771 0.1197 -0.0269 0.0128  -0.0222 19  PRO A CA  
120 C C   . PRO A 19 ? 0.0351 0.0787 0.1053 -0.0160 0.0073  -0.0151 19  PRO A C   
121 O O   . PRO A 19 ? 0.0680 0.0603 0.0981 -0.0178 0.0152  -0.0038 19  PRO A O   
122 C CB  . PRO A 19 ? 0.1133 0.0878 0.1610 -0.0393 0.0378  -0.0491 19  PRO A CB  
123 C CG  . PRO A 19 ? 0.1056 0.1349 0.1696 -0.0342 0.0381  -0.0368 19  PRO A CG  
124 C CD  . PRO A 19 ? 0.1052 0.0801 0.1118 -0.0402 0.0384  -0.0301 19  PRO A CD  
125 N N   . HYP A 20 ? 0.0486 0.0602 0.0827 -0.0293 -0.0077 -0.0074 20  HYP A N   
126 C CA  . HYP A 20 ? 0.0719 0.0652 0.1132 -0.0359 0.0108  -0.0101 20  HYP A CA  
127 C C   . HYP A 20 ? 0.0686 0.0525 0.1002 -0.0236 0.0203  0.0120  20  HYP A C   
128 O O   . HYP A 20 ? 0.0620 0.0718 0.1080 -0.0204 0.0128  0.0051  20  HYP A O   
129 C CB  . HYP A 20 ? 0.0652 0.0605 0.1199 -0.0307 0.0044  0.0057  20  HYP A CB  
130 C CG  . HYP A 20 ? 0.0493 0.0800 0.1160 -0.0259 -0.0022 0.0219  20  HYP A CG  
131 C CD  . HYP A 20 ? 0.0600 0.0907 0.1389 -0.0254 -0.0090 -0.0003 20  HYP A CD  
132 O OD1 . HYP A 20 ? 0.0765 0.1134 0.1170 -0.0377 0.0179  0.0221  20  HYP A OD1 
133 N N   . GLY A 21 ? 0.0558 0.0556 0.0942 -0.0274 0.0091  0.0103  21  GLY A N   
134 C CA  . GLY A 21 ? 0.0749 0.0593 0.0978 -0.0375 0.0078  0.0025  21  GLY A CA  
135 C C   . GLY A 21 ? 0.0706 0.0821 0.0925 -0.0428 0.0126  -0.0019 21  GLY A C   
136 O O   . GLY A 21 ? 0.0726 0.0850 0.1198 -0.0425 0.0136  -0.0101 21  GLY A O   
137 N N   . PRO A 22 ? 0.0711 0.1161 0.0869 -0.0300 0.0322  0.0113  22  PRO A N   
138 C CA  A PRO A 22 ? 0.0817 0.1303 0.1149 -0.0307 0.0300  -0.0042 22  PRO A CA  
139 C CA  B PRO A 22 ? 0.0903 0.1357 0.1279 -0.0305 0.0335  -0.0036 22  PRO A CA  
140 C C   . PRO A 22 ? 0.0925 0.1061 0.1171 -0.0340 0.0493  -0.0073 22  PRO A C   
141 O O   . PRO A 22 ? 0.0664 0.1239 0.1238 -0.0262 0.0396  0.0081  22  PRO A O   
142 C CB  A PRO A 22 ? 0.0779 0.1464 0.1043 -0.0257 0.0019  -0.0122 22  PRO A CB  
143 C CB  B PRO A 22 ? 0.1079 0.1522 0.1398 -0.0247 0.0204  -0.0001 22  PRO A CB  
144 C CG  A PRO A 22 ? 0.0813 0.1346 0.0824 -0.0277 0.0062  -0.0078 22  PRO A CG  
145 C CG  B PRO A 22 ? 0.1254 0.1280 0.1334 -0.0174 0.0433  0.0355  22  PRO A CG  
146 C CD  A PRO A 22 ? 0.0960 0.1156 0.0831 -0.0265 0.0364  0.0222  22  PRO A CD  
147 C CD  B PRO A 22 ? 0.1179 0.1101 0.1087 -0.0182 0.0441  0.0404  22  PRO A CD  
148 N N   . HYP A 23 ? 0.0902 0.0879 0.1337 -0.0255 0.0185  -0.0302 23  HYP A N   
149 C CA  . HYP A 23 ? 0.0885 0.0946 0.1441 -0.0197 0.0294  -0.0042 23  HYP A CA  
150 C C   . HYP A 23 ? 0.0522 0.0968 0.1288 -0.0314 0.0076  -0.0140 23  HYP A C   
151 O O   . HYP A 23 ? 0.0673 0.0974 0.1422 -0.0354 0.0118  -0.0325 23  HYP A O   
152 C CB  . HYP A 23 ? 0.0997 0.0898 0.1699 -0.0106 0.0421  0.0087  23  HYP A CB  
153 C CG  . HYP A 23 ? 0.1173 0.0919 0.1542 -0.0214 0.0395  -0.0018 23  HYP A CG  
154 C CD  . HYP A 23 ? 0.1097 0.0963 0.1567 -0.0291 0.0321  -0.0395 23  HYP A CD  
155 O OD1 . HYP A 23 ? 0.1497 0.1181 0.1739 -0.0148 0.0168  0.0099  23  HYP A OD1 
156 N N   . GLY A 24 ? 0.0864 0.0997 0.1302 -0.0465 0.0071  -0.0328 24  GLY A N   
157 C CA  . GLY A 24 ? 0.0939 0.0916 0.1501 -0.0436 0.0340  -0.0044 24  GLY A CA  
158 C C   . GLY A 24 ? 0.0882 0.0895 0.1578 -0.0246 0.0261  -0.0085 24  GLY A C   
159 O O   . GLY A 24 ? 0.1036 0.0847 0.1867 -0.0375 0.0407  -0.0264 24  GLY A O   
172 N N   . HYP A 26 ? 0.1120 0.1508 0.1239 -0.0133 0.0021  -0.0235 26  HYP A N   
173 C CA  . HYP A 26 ? 0.1144 0.1553 0.1575 -0.0267 0.0415  -0.0126 26  HYP A CA  
174 C C   . HYP A 26 ? 0.0991 0.1337 0.1692 -0.0256 0.0341  -0.0026 26  HYP A C   
175 O O   . HYP A 26 ? 0.0852 0.1371 0.2143 -0.0295 0.0141  -0.0172 26  HYP A O   
176 C CB  . HYP A 26 ? 0.0963 0.1980 0.1564 -0.0350 0.0479  -0.0417 26  HYP A CB  
177 C CG  . HYP A 26 ? 0.1090 0.2003 0.1546 -0.0234 0.0171  -0.0521 26  HYP A CG  
178 C CD  . HYP A 26 ? 0.1242 0.1854 0.1420 -0.0193 0.0061  -0.0419 26  HYP A CD  
179 O OD1 . HYP A 26 ? 0.1525 0.1934 0.2339 -0.0200 0.0398  -0.0334 26  HYP A OD1 
180 N N   . GLY A 27 ? 0.1066 0.1435 0.1952 -0.0319 0.0414  0.0037  27  GLY A N   
181 C CA  . GLY A 27 ? 0.1111 0.1439 0.1918 -0.0356 0.0395  0.0067  27  GLY A CA  
182 C C   . GLY A 27 ? 0.0855 0.1406 0.1931 -0.0165 0.0086  0.0216  27  GLY A C   
183 O O   . GLY A 27 ? 0.0655 0.1543 0.1879 -0.0096 0.0156  0.0354  27  GLY A O   
184 N N   . PRO A 28 ? 0.0799 0.1415 0.1898 -0.0099 0.0081  0.0128  28  PRO A N   
185 C CA  . PRO A 28 ? 0.1132 0.1311 0.2211 -0.0155 0.0395  0.0137  28  PRO A CA  
186 C C   . PRO A 28 ? 0.1226 0.1160 0.1748 -0.0176 0.0230  0.0126  28  PRO A C   
187 O O   . PRO A 28 ? 0.0820 0.1168 0.1679 -0.0216 0.0036  -0.0150 28  PRO A O   
188 C CB  . PRO A 28 ? 0.1510 0.1475 0.2542 -0.0364 0.0698  -0.0017 28  PRO A CB  
189 C CG  . PRO A 28 ? 0.1869 0.1341 0.2539 -0.0402 0.0418  0.0066  28  PRO A CG  
190 C CD  . PRO A 28 ? 0.1214 0.1545 0.2319 -0.0282 0.0372  0.0031  28  PRO A CD  
191 N N   . HYP A 29 ? 0.1283 0.1172 0.1683 -0.0120 0.0139  0.0331  29  HYP A N   
192 C CA  . HYP A 29 ? 0.1685 0.1279 0.1709 -0.0134 0.0375  0.0298  29  HYP A CA  
193 C C   . HYP A 29 ? 0.1631 0.1461 0.1913 -0.0130 0.0393  0.0215  29  HYP A C   
194 O O   . HYP A 29 ? 0.1283 0.1834 0.2526 -0.0059 0.0447  0.0030  29  HYP A O   
195 C CB  . HYP A 29 ? 0.2193 0.1307 0.1640 -0.0183 0.0528  0.0472  29  HYP A CB  
196 C CG  . HYP A 29 ? 0.2181 0.1580 0.2080 -0.0226 0.0342  0.0114  29  HYP A CG  
197 C CD  . HYP A 29 ? 0.1643 0.1585 0.2189 -0.0177 0.0144  0.0108  29  HYP A CD  
198 O OD1 . HYP A 29 ? 0.2664 0.1461 0.2586 -0.0336 0.0234  -0.0091 29  HYP A OD1 
204 N N   . PRO B 1  ? 0.1437 0.1766 0.3277 -0.0717 0.0289  -0.0217 1   PRO B N   
205 C CA  . PRO B 1  ? 0.1406 0.1725 0.2838 -0.0588 0.0413  -0.0021 1   PRO B CA  
206 C C   . PRO B 1  ? 0.1343 0.1816 0.2246 -0.0518 0.0267  -0.0057 1   PRO B C   
207 O O   . PRO B 1  ? 0.1381 0.1961 0.2057 -0.0444 0.0571  -0.0001 1   PRO B O   
208 C CB  . PRO B 1  ? 0.1574 0.1521 0.3148 -0.0584 0.0308  -0.0186 1   PRO B CB  
209 C CG  . PRO B 1  ? 0.1525 0.1763 0.3336 -0.0689 0.0066  -0.0412 1   PRO B CG  
210 C CD  . PRO B 1  ? 0.1498 0.1829 0.3527 -0.0699 0.0036  -0.0414 1   PRO B CD  
211 N N   . HYP B 2  ? 0.1631 0.1628 0.1530 -0.0473 0.0135  0.0092  2   HYP B N   
212 C CA  . HYP B 2  ? 0.1670 0.1801 0.1540 -0.0536 0.0218  -0.0004 2   HYP B CA  
213 C C   . HYP B 2  ? 0.1508 0.1552 0.1786 -0.0449 0.0255  0.0087  2   HYP B C   
214 O O   . HYP B 2  ? 0.1851 0.1453 0.1804 -0.0565 0.0349  0.0039  2   HYP B O   
215 C CB  . HYP B 2  ? 0.2029 0.2064 0.2069 -0.0560 0.0382  -0.0251 2   HYP B CB  
216 C CG  . HYP B 2  ? 0.2249 0.1907 0.2242 -0.0434 0.0284  -0.0196 2   HYP B CG  
217 C CD  . HYP B 2  ? 0.1923 0.1740 0.1951 -0.0406 0.0120  -0.0072 2   HYP B CD  
218 O OD1 . HYP B 2  ? 0.2777 0.2065 0.2704 -0.0451 0.0368  -0.0534 2   HYP B OD1 
219 N N   . GLY B 3  ? 0.1277 0.1515 0.1246 -0.0360 0.0160  0.0210  3   GLY B N   
220 C CA  . GLY B 3  ? 0.0923 0.1782 0.1880 -0.0352 0.0414  0.0125  3   GLY B CA  
221 C C   . GLY B 3  ? 0.0899 0.1738 0.2036 -0.0373 0.0305  0.0113  3   GLY B C   
222 O O   . GLY B 3  ? 0.1043 0.1559 0.1963 -0.0425 0.0160  0.0321  3   GLY B O   
223 N N   . PRO B 4  ? 0.0736 0.1823 0.1693 -0.0268 0.0139  -0.0208 4   PRO B N   
224 C CA  . PRO B 4  ? 0.0766 0.1858 0.2072 -0.0136 0.0198  -0.0168 4   PRO B CA  
225 C C   . PRO B 4  ? 0.0550 0.1928 0.1958 -0.0139 0.0186  -0.0014 4   PRO B C   
226 O O   . PRO B 4  ? 0.0603 0.1843 0.1799 -0.0267 0.0246  -0.0055 4   PRO B O   
227 C CB  . PRO B 4  ? 0.1164 0.1928 0.2246 -0.0235 0.0310  -0.0350 4   PRO B CB  
228 C CG  . PRO B 4  ? 0.1028 0.1955 0.2209 -0.0114 0.0292  -0.0204 4   PRO B CG  
229 C CD  . PRO B 4  ? 0.0863 0.1868 0.1815 -0.0186 0.0207  -0.0088 4   PRO B CD  
230 N N   . HYP B 5  ? 0.0574 0.1988 0.2071 -0.0189 0.0045  -0.0088 5   HYP B N   
231 C CA  . HYP B 5  ? 0.0649 0.2027 0.2055 -0.0295 0.0186  -0.0120 5   HYP B CA  
232 C C   . HYP B 5  ? 0.0813 0.1898 0.2162 -0.0417 0.0331  -0.0270 5   HYP B C   
233 O O   . HYP B 5  ? 0.0936 0.1728 0.2198 -0.0538 0.0249  -0.0424 5   HYP B O   
234 C CB  . HYP B 5  ? 0.0843 0.2113 0.2128 -0.0146 0.0006  -0.0102 5   HYP B CB  
235 C CG  . HYP B 5  ? 0.0765 0.2300 0.2212 -0.0135 -0.0062 -0.0200 5   HYP B CG  
236 C CD  . HYP B 5  ? 0.0660 0.2166 0.2301 -0.0113 0.0047  -0.0139 5   HYP B CD  
237 O OD1 . HYP B 5  ? 0.0955 0.2529 0.2068 -0.0198 0.0235  -0.0080 5   HYP B OD1 
238 N N   . GLY B 6  ? 0.0698 0.1796 0.2148 -0.0224 0.0348  -0.0151 6   GLY B N   
239 C CA  . GLY B 6  ? 0.0723 0.1595 0.1910 -0.0307 0.0367  0.0026  6   GLY B CA  
240 C C   . GLY B 6  ? 0.0599 0.1498 0.1709 -0.0383 -0.0001 -0.0100 6   GLY B C   
241 O O   . GLY B 6  ? 0.0574 0.1465 0.1489 -0.0311 0.0268  0.0085  6   GLY B O   
242 N N   . PRO B 7  ? 0.0702 0.1495 0.1645 -0.0431 -0.0094 -0.0251 7   PRO B N   
243 C CA  . PRO B 7  ? 0.0800 0.1617 0.1320 -0.0554 0.0174  -0.0233 7   PRO B CA  
244 C C   . PRO B 7  ? 0.0793 0.1259 0.1106 -0.0533 0.0160  -0.0211 7   PRO B C   
245 O O   . PRO B 7  ? 0.0875 0.1419 0.1370 -0.0566 0.0108  -0.0345 7   PRO B O   
246 C CB  . PRO B 7  ? 0.1000 0.1862 0.1711 -0.0520 0.0163  -0.0369 7   PRO B CB  
247 C CG  . PRO B 7  ? 0.1222 0.2064 0.2000 -0.0577 0.0130  -0.0515 7   PRO B CG  
248 C CD  . PRO B 7  ? 0.0922 0.1795 0.1770 -0.0477 -0.0254 -0.0421 7   PRO B CD  
249 N N   . ARG B 8  ? 0.0577 0.1088 0.1210 -0.0414 0.0050  0.0006  8   ARG B N   
250 C CA  A ARG B 8  ? 0.0757 0.0916 0.1347 -0.0382 0.0120  0.0249  8   ARG B CA  
251 C CA  B ARG B 8  ? 0.0736 0.0955 0.1278 -0.0418 0.0118  0.0087  8   ARG B CA  
252 C C   . ARG B 8  ? 0.0618 0.0951 0.1189 -0.0406 0.0126  0.0077  8   ARG B C   
253 O O   . ARG B 8  ? 0.0509 0.1288 0.1129 -0.0281 0.0214  -0.0047 8   ARG B O   
254 C CB  A ARG B 8  ? 0.0731 0.1280 0.1474 -0.0408 0.0182  0.0239  8   ARG B CB  
255 C CB  B ARG B 8  ? 0.0847 0.1145 0.1239 -0.0383 0.0102  -0.0103 8   ARG B CB  
256 C CG  A ARG B 8  ? 0.1003 0.1426 0.1651 -0.0291 -0.0108 0.0334  8   ARG B CG  
257 C CG  B ARG B 8  ? 0.1112 0.1182 0.1220 -0.0284 -0.0158 -0.0241 8   ARG B CG  
258 C CD  A ARG B 8  ? 0.1463 0.1432 0.1908 -0.0263 -0.0042 0.0385  8   ARG B CD  
259 C CD  B ARG B 8  ? 0.1565 0.1132 0.0993 -0.0351 -0.0082 -0.0501 8   ARG B CD  
260 N NE  A ARG B 8  ? 0.1620 0.1341 0.2245 -0.0285 -0.0080 0.0461  8   ARG B NE  
261 N NE  B ARG B 8  ? 0.1732 0.1128 0.0971 -0.0357 -0.0007 -0.0493 8   ARG B NE  
262 C CZ  A ARG B 8  ? 0.1424 0.1520 0.2270 -0.0324 -0.0295 0.0419  8   ARG B CZ  
263 C CZ  B ARG B 8  ? 0.2067 0.0889 0.1288 -0.0307 0.0027  -0.0287 8   ARG B CZ  
264 N NH1 A ARG B 8  ? 0.1848 0.1731 0.2830 -0.0257 -0.0066 0.0254  8   ARG B NH1 
265 N NH1 B ARG B 8  ? 0.2082 0.0710 0.0812 -0.0238 0.0053  0.0176  8   ARG B NH1 
266 N NH2 A ARG B 8  ? 0.0966 0.1564 0.1767 -0.0455 -0.0543 0.0233  8   ARG B NH2 
267 N NH2 B ARG B 8  ? 0.2106 0.1188 0.1468 -0.0343 -0.0046 -0.0635 8   ARG B NH2 
268 N N   . GLY B 9  ? 0.0578 0.0895 0.1119 -0.0380 0.0118  0.0076  9   GLY B N   
269 C CA  . GLY B 9  ? 0.0440 0.0983 0.1180 -0.0204 0.0204  0.0005  9   GLY B CA  
270 C C   . GLY B 9  ? 0.0384 0.0725 0.1225 -0.0139 0.0034  -0.0037 9   GLY B C   
271 O O   . GLY B 9  ? 0.0699 0.0706 0.1262 -0.0200 0.0081  -0.0022 9   GLY B O   
272 N N   . PRO B 10 ? 0.0510 0.0779 0.0917 -0.0209 0.0048  -0.0057 10  PRO B N   
273 C CA  . PRO B 10 ? 0.0603 0.0796 0.1051 -0.0188 0.0262  0.0066  10  PRO B CA  
274 C C   . PRO B 10 ? 0.0687 0.0719 0.1106 -0.0294 0.0309  -0.0016 10  PRO B C   
275 O O   . PRO B 10 ? 0.0579 0.0780 0.1012 -0.0328 0.0195  -0.0162 10  PRO B O   
276 C CB  . PRO B 10 ? 0.0774 0.0802 0.1190 -0.0181 0.0194  0.0110  10  PRO B CB  
277 C CG  . PRO B 10 ? 0.1163 0.0964 0.1681 -0.0130 0.0355  0.0075  10  PRO B CG  
278 C CD  . PRO B 10 ? 0.0848 0.0860 0.1393 -0.0125 0.0035  -0.0097 10  PRO B CD  
279 N N   . HYP B 11 ? 0.0714 0.0754 0.0835 -0.0220 0.0252  -0.0046 11  HYP B N   
280 C CA  . HYP B 11 ? 0.0641 0.0851 0.1078 -0.0040 0.0215  0.0101  11  HYP B CA  
281 C C   . HYP B 11 ? 0.0497 0.0953 0.1122 -0.0186 0.0290  0.0019  11  HYP B C   
282 O O   . HYP B 11 ? 0.0625 0.0948 0.1333 -0.0305 0.0094  0.0010  11  HYP B O   
283 C CB  . HYP B 11 ? 0.0960 0.1102 0.1096 -0.0105 0.0387  0.0030  11  HYP B CB  
284 C CG  . HYP B 11 ? 0.0916 0.1323 0.1310 -0.0120 0.0217  -0.0271 11  HYP B CG  
285 C CD  . HYP B 11 ? 0.0928 0.1164 0.1232 -0.0118 0.0299  -0.0214 11  HYP B CD  
286 O OD1 . HYP B 11 ? 0.0891 0.1586 0.1725 -0.0198 0.0124  -0.0369 11  HYP B OD1 
287 N N   . GLY B 12 ? 0.0509 0.0866 0.1000 -0.0295 0.0203  0.0007  12  GLY B N   
288 C CA  . GLY B 12 ? 0.0963 0.0525 0.1319 -0.0329 0.0044  0.0051  12  GLY B CA  
289 C C   . GLY B 12 ? 0.0783 0.0768 0.1542 -0.0332 -0.0065 0.0172  12  GLY B C   
290 O O   . GLY B 12 ? 0.0705 0.1076 0.1839 -0.0278 -0.0007 0.0424  12  GLY B O   
291 N N   . PRO B 13 ? 0.1187 0.0849 0.2173 -0.0417 0.0013  -0.0139 13  PRO B N   
292 C CA  A PRO B 13 ? 0.1110 0.0953 0.2301 -0.0406 -0.0045 -0.0211 13  PRO B CA  
293 C CA  B PRO B 13 ? 0.1087 0.1105 0.2524 -0.0394 -0.0043 -0.0333 13  PRO B CA  
294 C C   . PRO B 13 ? 0.0922 0.1013 0.2093 -0.0393 -0.0087 -0.0204 13  PRO B C   
295 O O   . PRO B 13 ? 0.0716 0.0968 0.1553 -0.0349 0.0071  -0.0338 13  PRO B O   
296 C CB  A PRO B 13 ? 0.1310 0.0887 0.2411 -0.0411 0.0019  -0.0188 13  PRO B CB  
297 C CB  B PRO B 13 ? 0.1284 0.1176 0.2938 -0.0415 0.0176  -0.0453 13  PRO B CB  
298 C CG  A PRO B 13 ? 0.1367 0.0851 0.2324 -0.0426 -0.0031 -0.0152 13  PRO B CG  
299 C CG  B PRO B 13 ? 0.1264 0.1114 0.2906 -0.0405 0.0111  -0.0334 13  PRO B CG  
300 C CD  A PRO B 13 ? 0.1305 0.0894 0.2194 -0.0458 -0.0010 -0.0230 13  PRO B CD  
301 C CD  B PRO B 13 ? 0.1330 0.1048 0.2319 -0.0489 0.0063  -0.0398 13  PRO B CD  
302 N N   . HYP B 14 ? 0.0782 0.0918 0.2144 -0.0257 -0.0164 0.0341  14  HYP B N   
303 C CA  . HYP B 14 ? 0.0810 0.0981 0.1855 -0.0365 -0.0133 0.0312  14  HYP B CA  
304 C C   . HYP B 14 ? 0.0877 0.0889 0.1480 -0.0478 -0.0041 -0.0126 14  HYP B C   
305 O O   . HYP B 14 ? 0.0939 0.0926 0.2033 -0.0385 0.0084  -0.0233 14  HYP B O   
306 C CB  . HYP B 14 ? 0.1161 0.1217 0.2293 -0.0389 -0.0024 0.0644  14  HYP B CB  
307 C CG  . HYP B 14 ? 0.1527 0.1568 0.3376 -0.0414 -0.0091 0.0596  14  HYP B CG  
308 C CD  . HYP B 14 ? 0.0960 0.1244 0.3131 -0.0194 -0.0122 0.0608  14  HYP B CD  
309 O OD1 . HYP B 14 ? 0.2266 0.2132 0.3737 -0.0542 -0.0329 0.0290  14  HYP B OD1 
310 N N   . GLY B 15 ? 0.0641 0.0718 0.1190 -0.0340 -0.0113 -0.0078 15  GLY B N   
311 C CA  . GLY B 15 ? 0.0867 0.0819 0.1158 -0.0452 0.0120  -0.0217 15  GLY B CA  
312 C C   . GLY B 15 ? 0.0699 0.0812 0.1395 -0.0265 0.0375  -0.0078 15  GLY B C   
313 O O   . GLY B 15 ? 0.0590 0.0694 0.1674 -0.0173 0.0235  -0.0147 15  GLY B O   
314 N N   . VAL B 16 ? 0.0618 0.1163 0.1494 -0.0290 0.0298  -0.0291 16  VAL B N   
315 C CA  . VAL B 16 ? 0.0996 0.1313 0.1347 -0.0538 0.0450  -0.0259 16  VAL B CA  
316 C C   . VAL B 16 ? 0.0813 0.0776 0.1368 -0.0378 0.0260  -0.0063 16  VAL B C   
317 O O   . VAL B 16 ? 0.0853 0.0721 0.1282 -0.0335 0.0186  -0.0351 16  VAL B O   
318 C CB  . VAL B 16 ? 0.1716 0.1705 0.1391 -0.0942 0.0544  -0.0434 16  VAL B CB  
319 C CG1 . VAL B 16 ? 0.1955 0.1717 0.2506 -0.0817 0.0596  -0.0261 16  VAL B CG1 
320 C CG2 . VAL B 16 ? 0.1740 0.2114 0.1143 -0.1049 0.0484  -0.0457 16  VAL B CG2 
321 N N   . HYP B 17 ? 0.0824 0.0770 0.1372 -0.0264 0.0022  -0.0151 17  HYP B N   
322 C CA  . HYP B 17 ? 0.1122 0.0549 0.1292 -0.0362 0.0135  0.0039  17  HYP B CA  
323 C C   . HYP B 17 ? 0.0978 0.0814 0.1308 -0.0465 0.0232  -0.0198 17  HYP B C   
324 O O   . HYP B 17 ? 0.0836 0.1291 0.1468 -0.0398 0.0330  -0.0251 17  HYP B O   
325 C CB  . HYP B 17 ? 0.1357 0.0540 0.1615 -0.0320 -0.0021 0.0102  17  HYP B CB  
326 C CG  . HYP B 17 ? 0.1517 0.0816 0.2025 -0.0287 -0.0173 -0.0199 17  HYP B CG  
327 C CD  . HYP B 17 ? 0.1154 0.0769 0.1921 -0.0259 -0.0173 -0.0364 17  HYP B CD  
328 O OD1 . HYP B 17 ? 0.1475 0.1255 0.2044 -0.0075 -0.0346 0.0091  17  HYP B OD1 
329 N N   . GLY B 18 ? 0.0761 0.1068 0.1383 -0.0429 0.0188  -0.0348 18  GLY B N   
330 C CA  . GLY B 18 ? 0.0638 0.1199 0.1353 -0.0343 0.0285  -0.0305 18  GLY B CA  
331 C C   . GLY B 18 ? 0.0804 0.1113 0.1244 -0.0414 0.0400  -0.0252 18  GLY B C   
332 O O   . GLY B 18 ? 0.0913 0.0954 0.1672 -0.0458 0.0210  -0.0191 18  GLY B O   
333 N N   . PRO B 19 ? 0.0689 0.1148 0.1047 -0.0457 0.0161  -0.0224 19  PRO B N   
334 C CA  . PRO B 19 ? 0.0951 0.1197 0.1183 -0.0546 0.0205  -0.0214 19  PRO B CA  
335 C C   . PRO B 19 ? 0.0600 0.0862 0.0898 -0.0288 -0.0236 -0.0173 19  PRO B C   
336 O O   . PRO B 19 ? 0.0598 0.0922 0.1121 -0.0198 -0.0030 -0.0152 19  PRO B O   
337 C CB  . PRO B 19 ? 0.1055 0.1509 0.1847 -0.0528 0.0233  -0.0092 19  PRO B CB  
338 C CG  . PRO B 19 ? 0.1057 0.1338 0.2273 -0.0484 0.0089  -0.0137 19  PRO B CG  
339 C CD  . PRO B 19 ? 0.0836 0.1107 0.1982 -0.0386 0.0065  0.0027  19  PRO B CD  
340 N N   . HYP B 20 ? 0.0546 0.0897 0.0852 -0.0293 0.0032  -0.0329 20  HYP B N   
341 C CA  . HYP B 20 ? 0.0591 0.0651 0.1092 -0.0311 0.0062  -0.0129 20  HYP B CA  
342 C C   . HYP B 20 ? 0.0535 0.1009 0.1227 -0.0333 0.0114  -0.0152 20  HYP B C   
343 O O   . HYP B 20 ? 0.0611 0.1096 0.1170 -0.0388 0.0204  -0.0096 20  HYP B O   
344 C CB  . HYP B 20 ? 0.0881 0.0602 0.1087 -0.0308 -0.0050 -0.0264 20  HYP B CB  
345 C CG  . HYP B 20 ? 0.0976 0.0758 0.1507 -0.0295 0.0363  -0.0249 20  HYP B CG  
346 C CD  . HYP B 20 ? 0.1001 0.0726 0.1401 -0.0361 0.0242  -0.0333 20  HYP B CD  
347 O OD1 . HYP B 20 ? 0.1031 0.1310 0.1996 -0.0261 0.0025  -0.0817 20  HYP B OD1 
348 N N   . GLY B 21 ? 0.0501 0.1071 0.0925 -0.0310 0.0175  -0.0179 21  GLY B N   
349 C CA  . GLY B 21 ? 0.0494 0.0974 0.1341 -0.0227 0.0169  -0.0035 21  GLY B CA  
350 C C   . GLY B 21 ? 0.0516 0.0959 0.1315 -0.0263 0.0208  -0.0101 21  GLY B C   
351 O O   . GLY B 21 ? 0.0568 0.1158 0.1259 -0.0328 0.0243  0.0091  21  GLY B O   
352 N N   . PRO B 22 ? 0.0566 0.1027 0.1633 -0.0187 0.0248  -0.0111 22  PRO B N   
353 C CA  . PRO B 22 ? 0.0589 0.1228 0.1695 -0.0200 0.0189  -0.0197 22  PRO B CA  
354 C C   . PRO B 22 ? 0.0554 0.1428 0.1669 -0.0227 0.0171  -0.0277 22  PRO B C   
355 O O   . PRO B 22 ? 0.0864 0.0803 0.1433 -0.0219 0.0236  -0.0087 22  PRO B O   
356 C CB  . PRO B 22 ? 0.0811 0.1167 0.2239 -0.0113 0.0338  -0.0150 22  PRO B CB  
357 C CG  . PRO B 22 ? 0.0972 0.1016 0.2314 -0.0137 0.0277  -0.0197 22  PRO B CG  
358 C CD  . PRO B 22 ? 0.0682 0.0968 0.1900 -0.0092 0.0322  -0.0106 22  PRO B CD  
359 N N   . HYP B 23 ? 0.0818 0.1854 0.1324 -0.0413 0.0259  -0.0281 23  HYP B N   
360 C CA  . HYP B 23 ? 0.0912 0.1864 0.1632 -0.0511 0.0430  -0.0264 23  HYP B CA  
361 C C   . HYP B 23 ? 0.0921 0.1715 0.2031 -0.0519 0.0391  -0.0281 23  HYP B C   
362 O O   . HYP B 23 ? 0.1094 0.1528 0.2229 -0.0583 0.0431  -0.0292 23  HYP B O   
363 C CB  . HYP B 23 ? 0.1091 0.2001 0.1552 -0.0518 0.0244  -0.0490 23  HYP B CB  
364 C CG  . HYP B 23 ? 0.1270 0.2095 0.1841 -0.0427 0.0209  -0.0564 23  HYP B CG  
365 C CD  . HYP B 23 ? 0.1061 0.2020 0.1849 -0.0329 -0.0008 -0.0465 23  HYP B CD  
366 O OD1 . HYP B 23 ? 0.1637 0.2083 0.1764 -0.0313 0.0360  -0.0736 23  HYP B OD1 
367 N N   . GLY B 24 ? 0.0979 0.1656 0.1832 -0.0457 0.0530  0.0063  24  GLY B N   
368 C CA  . GLY B 24 ? 0.1127 0.1529 0.1834 -0.0398 0.0426  0.0074  24  GLY B CA  
369 C C   . GLY B 24 ? 0.1519 0.1112 0.1618 -0.0259 0.0515  0.0372  24  GLY B C   
370 O O   . GLY B 24 ? 0.1196 0.1539 0.2000 -0.0286 0.0634  0.0075  24  GLY B O   
383 N N   . HYP B 26 ? 0.1525 0.1363 0.2038 -0.0020 0.0288  0.0544  26  HYP B N   
384 C CA  . HYP B 26 ? 0.1074 0.1542 0.2052 -0.0112 0.0195  0.0384  26  HYP B CA  
385 C C   . HYP B 26 ? 0.0797 0.1586 0.1835 -0.0203 0.0244  0.0162  26  HYP B C   
386 O O   . HYP B 26 ? 0.0839 0.1334 0.1820 -0.0281 0.0321  0.0196  26  HYP B O   
387 C CB  . HYP B 26 ? 0.1299 0.1765 0.2417 -0.0093 0.0337  0.0535  26  HYP B CB  
388 C CG  . HYP B 26 ? 0.1514 0.1870 0.2166 0.0039  0.0260  0.0584  26  HYP B CG  
389 C CD  . HYP B 26 ? 0.1606 0.1671 0.1994 0.0058  0.0116  0.0601  26  HYP B CD  
390 O OD1 . HYP B 26 ? 0.1975 0.2113 0.1894 0.0009  0.0337  0.0288  26  HYP B OD1 
391 N N   . GLY B 27 ? 0.0786 0.1498 0.1490 -0.0253 0.0126  0.0040  27  GLY B N   
392 C CA  . GLY B 27 ? 0.0796 0.1388 0.1609 -0.0395 0.0327  0.0104  27  GLY B CA  
393 C C   . GLY B 27 ? 0.0964 0.1454 0.1640 -0.0283 0.0215  -0.0036 27  GLY B C   
394 O O   . GLY B 27 ? 0.1159 0.1511 0.1913 -0.0212 0.0622  0.0058  27  GLY B O   
395 N N   . PRO B 28 ? 0.1041 0.1736 0.1618 -0.0281 0.0263  -0.0052 28  PRO B N   
396 C CA  . PRO B 28 ? 0.1284 0.1958 0.1433 -0.0306 0.0452  -0.0204 28  PRO B CA  
397 C C   . PRO B 28 ? 0.1199 0.2008 0.1686 -0.0239 0.0406  -0.0260 28  PRO B C   
398 O O   . PRO B 28 ? 0.0872 0.1720 0.1929 -0.0227 0.0301  -0.0126 28  PRO B O   
399 C CB  . PRO B 28 ? 0.1696 0.2227 0.1571 -0.0279 0.0444  -0.0160 28  PRO B CB  
400 C CG  . PRO B 28 ? 0.1806 0.2142 0.1515 -0.0253 0.0496  -0.0008 28  PRO B CG  
401 C CD  . PRO B 28 ? 0.1457 0.1879 0.1621 -0.0291 0.0363  0.0092  28  PRO B CD  
402 N N   . HYP B 29 ? 0.1138 0.2211 0.2137 -0.0073 0.0233  -0.0348 29  HYP B N   
403 C CA  . HYP B 29 ? 0.1334 0.2216 0.2335 -0.0004 0.0185  -0.0114 29  HYP B CA  
404 C C   . HYP B 29 ? 0.1518 0.2334 0.1988 -0.0114 0.0302  0.0091  29  HYP B C   
405 O O   . HYP B 29 ? 0.1513 0.2235 0.2353 -0.0204 0.0157  0.0173  29  HYP B O   
406 C CB  . HYP B 29 ? 0.1487 0.2195 0.2533 0.0099  0.0292  -0.0151 29  HYP B CB  
407 C CG  . HYP B 29 ? 0.1697 0.2169 0.2768 0.0151  0.0290  -0.0155 29  HYP B CG  
408 C CD  . HYP B 29 ? 0.1470 0.2216 0.2608 0.0033  0.0289  -0.0386 29  HYP B CD  
409 O OD1 . HYP B 29 ? 0.1976 0.2386 0.3374 0.0236  0.0294  -0.0192 29  HYP B OD1 
415 N N   . PRO C 1  ? 0.2194 0.3919 0.2587 -0.0314 0.1033  0.0054  1   PRO C N   
416 C CA  . PRO C 1  ? 0.2123 0.3594 0.2602 -0.0183 0.0745  0.0001  1   PRO C CA  
417 C C   . PRO C 1  ? 0.1717 0.3020 0.2754 -0.0072 0.0525  0.0128  1   PRO C C   
418 O O   . PRO C 1  ? 0.1224 0.2975 0.2019 0.0063  0.0534  0.0242  1   PRO C O   
419 C CB  . PRO C 1  ? 0.2322 0.3724 0.2548 -0.0216 0.0833  -0.0005 1   PRO C CB  
420 C CG  . PRO C 1  ? 0.2299 0.3824 0.2809 -0.0237 0.0894  -0.0045 1   PRO C CG  
421 C CD  . PRO C 1  ? 0.2336 0.3919 0.2768 -0.0281 0.0996  0.0019  1   PRO C CD  
422 N N   . HYP C 2  ? 0.1810 0.2479 0.3307 -0.0020 0.0322  0.0236  2   HYP C N   
423 C CA  . HYP C 2  ? 0.1741 0.2188 0.3328 -0.0131 0.0304  0.0330  2   HYP C CA  
424 C C   . HYP C 2  ? 0.1570 0.1714 0.3114 -0.0213 0.0505  0.0377  2   HYP C C   
425 O O   . HYP C 2  ? 0.1413 0.1919 0.3383 -0.0161 0.0743  0.0244  2   HYP C O   
426 C CB  . HYP C 2  ? 0.2116 0.2368 0.3738 -0.0186 0.0209  0.0187  2   HYP C CB  
427 C CG  . HYP C 2  ? 0.2417 0.2412 0.3975 -0.0098 0.0136  0.0212  2   HYP C CG  
428 C CD  . HYP C 2  ? 0.2216 0.2374 0.3794 -0.0044 0.0228  0.0232  2   HYP C CD  
429 O OD1 . HYP C 2  ? 0.2833 0.2501 0.4268 -0.0104 0.0117  0.0213  2   HYP C OD1 
430 N N   . GLY C 3  ? 0.1462 0.1183 0.2825 -0.0287 0.0392  0.0412  3   GLY C N   
431 C CA  . GLY C 3  ? 0.1419 0.1395 0.2514 -0.0383 0.0303  0.0124  3   GLY C CA  
432 C C   . GLY C 3  ? 0.1335 0.1710 0.2353 -0.0323 0.0342  0.0050  3   GLY C C   
433 O O   . GLY C 3  ? 0.1451 0.1808 0.2410 -0.0260 0.0442  0.0038  3   GLY C O   
434 N N   . PRO C 4  ? 0.1149 0.1889 0.2227 -0.0354 0.0386  0.0035  4   PRO C N   
435 C CA  . PRO C 4  ? 0.0972 0.2163 0.2302 -0.0374 0.0377  -0.0177 4   PRO C CA  
436 C C   . PRO C 4  ? 0.0788 0.2190 0.2388 -0.0314 0.0190  -0.0448 4   PRO C C   
437 O O   . PRO C 4  ? 0.0829 0.2267 0.1966 -0.0398 0.0155  -0.0634 4   PRO C O   
438 C CB  . PRO C 4  ? 0.1387 0.2086 0.2487 -0.0429 0.0477  0.0020  4   PRO C CB  
439 C CG  . PRO C 4  ? 0.1187 0.2031 0.2668 -0.0331 0.0172  -0.0072 4   PRO C CG  
440 C CD  . PRO C 4  ? 0.0920 0.1853 0.2364 -0.0317 0.0258  0.0076  4   PRO C CD  
441 N N   . HYP C 5  ? 0.0863 0.2165 0.2472 -0.0332 0.0299  -0.0579 5   HYP C N   
442 C CA  . HYP C 5  ? 0.0894 0.2039 0.2475 -0.0424 0.0309  -0.0488 5   HYP C CA  
443 C C   . HYP C 5  ? 0.0783 0.1855 0.1959 -0.0459 0.0296  -0.0144 5   HYP C C   
444 O O   . HYP C 5  ? 0.1019 0.1840 0.2158 -0.0535 0.0504  -0.0027 5   HYP C O   
445 C CB  . HYP C 5  ? 0.1158 0.2082 0.3030 -0.0504 0.0195  -0.0853 5   HYP C CB  
446 C CG  . HYP C 5  ? 0.1329 0.2143 0.3212 -0.0433 0.0143  -0.1096 5   HYP C CG  
447 C CD  . HYP C 5  ? 0.1105 0.2184 0.2796 -0.0464 0.0170  -0.0967 5   HYP C CD  
448 O OD1 . HYP C 5  ? 0.1518 0.2148 0.3849 -0.0298 -0.0044 -0.1176 5   HYP C OD1 
449 N N   . GLY C 6  ? 0.0565 0.1736 0.1758 -0.0322 0.0124  -0.0004 6   GLY C N   
450 C CA  . GLY C 6  ? 0.0456 0.1567 0.1622 -0.0161 -0.0119 -0.0010 6   GLY C CA  
451 C C   . GLY C 6  ? 0.0535 0.1306 0.1253 -0.0259 0.0065  0.0184  6   GLY C C   
452 O O   . GLY C 6  ? 0.0505 0.1524 0.1557 -0.0270 0.0167  0.0047  6   GLY C O   
453 N N   . PRO C 7  ? 0.0476 0.1094 0.1460 -0.0263 -0.0030 0.0003  7   PRO C N   
454 C CA  . PRO C 7  ? 0.0555 0.0689 0.1615 -0.0162 0.0078  0.0169  7   PRO C CA  
455 C C   . PRO C 7  ? 0.0546 0.0829 0.1363 -0.0235 0.0203  0.0082  7   PRO C C   
456 O O   . PRO C 7  ? 0.0645 0.0802 0.1244 -0.0388 0.0044  0.0023  7   PRO C O   
457 C CB  . PRO C 7  ? 0.0746 0.0914 0.2034 -0.0259 0.0078  -0.0114 7   PRO C CB  
458 C CG  . PRO C 7  ? 0.0922 0.1245 0.2380 -0.0277 -0.0020 -0.0201 7   PRO C CG  
459 C CD  . PRO C 7  ? 0.0899 0.0851 0.1930 -0.0331 -0.0036 -0.0193 7   PRO C CD  
460 N N   . ARG C 8  ? 0.0540 0.0808 0.1101 -0.0321 0.0151  0.0013  8   ARG C N   
461 C CA  A ARG C 8  ? 0.0556 0.0724 0.1163 -0.0311 0.0101  0.0000  8   ARG C CA  
462 C CA  B ARG C 8  ? 0.0506 0.0847 0.1171 -0.0306 0.0116  -0.0020 8   ARG C CA  
463 C C   . ARG C 8  ? 0.0484 0.0650 0.1198 -0.0232 0.0073  -0.0076 8   ARG C C   
464 O O   . ARG C 8  ? 0.0567 0.0567 0.1341 -0.0160 0.0272  -0.0031 8   ARG C O   
465 C CB  A ARG C 8  ? 0.0655 0.0621 0.1324 -0.0269 -0.0108 -0.0087 8   ARG C CB  
466 C CB  B ARG C 8  ? 0.0484 0.1048 0.1322 -0.0286 0.0031  -0.0138 8   ARG C CB  
467 C CG  A ARG C 8  ? 0.0729 0.0559 0.1552 -0.0185 -0.0151 -0.0123 8   ARG C CG  
468 C CG  B ARG C 8  ? 0.0556 0.1165 0.1487 -0.0292 0.0177  -0.0210 8   ARG C CG  
469 C CD  A ARG C 8  ? 0.0900 0.0723 0.1493 -0.0167 -0.0347 -0.0296 8   ARG C CD  
470 C CD  B ARG C 8  ? 0.0781 0.1261 0.1637 -0.0307 0.0066  -0.0379 8   ARG C CD  
471 N NE  A ARG C 8  ? 0.0743 0.1014 0.1383 -0.0218 -0.0330 -0.0221 8   ARG C NE  
472 N NE  B ARG C 8  ? 0.0612 0.1405 0.1733 -0.0308 -0.0009 -0.0302 8   ARG C NE  
473 C CZ  A ARG C 8  ? 0.0837 0.1148 0.1416 -0.0263 -0.0349 -0.0369 8   ARG C CZ  
474 C CZ  B ARG C 8  ? 0.0724 0.1407 0.1707 -0.0376 0.0080  -0.0473 8   ARG C CZ  
475 N NH1 A ARG C 8  ? 0.0659 0.0812 0.1682 -0.0173 -0.0280 -0.0180 8   ARG C NH1 
476 N NH1 B ARG C 8  ? 0.0687 0.1468 0.1347 -0.0357 0.0216  -0.0608 8   ARG C NH1 
477 N NH2 A ARG C 8  ? 0.1188 0.1409 0.1641 -0.0401 -0.0268 -0.0536 8   ARG C NH2 
478 N NH2 B ARG C 8  ? 0.1004 0.1439 0.1997 -0.0394 0.0020  -0.0671 8   ARG C NH2 
479 N N   . GLY C 9  ? 0.0419 0.0801 0.0962 -0.0262 0.0125  0.0010  9   GLY C N   
480 C CA  . GLY C 9  ? 0.0496 0.0884 0.1200 -0.0272 0.0084  -0.0227 9   GLY C CA  
481 C C   . GLY C 9  ? 0.0739 0.0745 0.0974 -0.0323 0.0214  -0.0088 9   GLY C C   
482 O O   . GLY C 9  ? 0.0611 0.0728 0.1031 -0.0296 0.0254  -0.0003 9   GLY C O   
483 N N   . PRO C 10 ? 0.0577 0.0759 0.0824 -0.0310 0.0096  -0.0151 10  PRO C N   
484 C CA  A PRO C 10 ? 0.0521 0.0901 0.0902 -0.0272 -0.0004 -0.0315 10  PRO C CA  
485 C CA  B PRO C 10 ? 0.0494 0.0929 0.0847 -0.0256 -0.0023 -0.0304 10  PRO C CA  
486 C C   . PRO C 10 ? 0.0455 0.0777 0.0849 -0.0180 -0.0151 -0.0230 10  PRO C C   
487 O O   . PRO C 10 ? 0.0570 0.0565 0.1040 -0.0104 0.0347  0.0008  10  PRO C O   
488 C CB  A PRO C 10 ? 0.0750 0.0945 0.1128 -0.0358 0.0114  -0.0414 10  PRO C CB  
489 C CB  B PRO C 10 ? 0.0664 0.1014 0.0874 -0.0314 0.0004  -0.0383 10  PRO C CB  
490 C CG  A PRO C 10 ? 0.0796 0.0792 0.1345 -0.0309 0.0209  -0.0223 10  PRO C CG  
491 C CG  B PRO C 10 ? 0.0636 0.0821 0.0828 -0.0225 0.0045  -0.0025 10  PRO C CG  
492 C CD  A PRO C 10 ? 0.0841 0.0697 0.1045 -0.0313 0.0157  -0.0199 10  PRO C CD  
493 C CD  B PRO C 10 ? 0.0805 0.0661 0.0836 -0.0272 0.0068  -0.0099 10  PRO C CD  
494 N N   . HYP C 11 ? 0.0577 0.0620 0.1647 -0.0172 -0.0010 0.0039  11  HYP C N   
495 C CA  . HYP C 11 ? 0.0555 0.1031 0.1548 -0.0298 0.0077  -0.0111 11  HYP C CA  
496 C C   . HYP C 11 ? 0.0528 0.0975 0.1336 -0.0308 0.0049  -0.0158 11  HYP C C   
497 O O   . HYP C 11 ? 0.0833 0.1152 0.1702 -0.0480 0.0212  -0.0157 11  HYP C O   
498 C CB  . HYP C 11 ? 0.0596 0.1320 0.2005 -0.0237 -0.0063 -0.0114 11  HYP C CB  
499 C CG  . HYP C 11 ? 0.0688 0.1203 0.2393 -0.0138 -0.0242 -0.0043 11  HYP C CG  
500 C CD  . HYP C 11 ? 0.0715 0.0904 0.2392 -0.0141 -0.0139 -0.0119 11  HYP C CD  
501 O OD1 . HYP C 11 ? 0.0956 0.1103 0.2526 -0.0219 -0.0185 0.0080  11  HYP C OD1 
502 N N   . GLY C 12 ? 0.0613 0.0826 0.1414 -0.0295 0.0212  -0.0094 12  GLY C N   
503 C CA  . GLY C 12 ? 0.0768 0.0924 0.1344 -0.0426 0.0229  -0.0082 12  GLY C CA  
504 C C   . GLY C 12 ? 0.0722 0.0965 0.1358 -0.0431 0.0143  -0.0138 12  GLY C C   
505 O O   . GLY C 12 ? 0.0613 0.1123 0.1410 -0.0315 0.0280  -0.0211 12  GLY C O   
506 N N   . PRO C 13 ? 0.0628 0.1074 0.1261 -0.0440 0.0049  -0.0039 13  PRO C N   
507 C CA  . PRO C 13 ? 0.0831 0.1280 0.1231 -0.0541 0.0225  -0.0176 13  PRO C CA  
508 C C   . PRO C 13 ? 0.0809 0.1038 0.0774 -0.0485 0.0242  -0.0144 13  PRO C C   
509 O O   . PRO C 13 ? 0.0682 0.0951 0.1001 -0.0396 0.0005  -0.0272 13  PRO C O   
510 C CB  . PRO C 13 ? 0.1140 0.1424 0.1595 -0.0510 0.0181  -0.0122 13  PRO C CB  
511 C CG  . PRO C 13 ? 0.1583 0.1241 0.1672 -0.0644 0.0286  -0.0121 13  PRO C CG  
512 C CD  . PRO C 13 ? 0.0953 0.1177 0.1842 -0.0559 0.0075  0.0090  13  PRO C CD  
513 N N   . HYP C 14 ? 0.0766 0.1217 0.1367 -0.0437 0.0328  -0.0284 14  HYP C N   
514 C CA  . HYP C 14 ? 0.0731 0.1230 0.1375 -0.0335 0.0414  -0.0127 14  HYP C CA  
515 C C   . HYP C 14 ? 0.0624 0.1009 0.1234 -0.0317 0.0299  0.0006  14  HYP C C   
516 O O   . HYP C 14 ? 0.0665 0.1227 0.1372 -0.0435 0.0198  -0.0012 14  HYP C O   
517 C CB  . HYP C 14 ? 0.0899 0.1320 0.1475 -0.0302 0.0576  -0.0234 14  HYP C CB  
518 C CG  . HYP C 14 ? 0.1134 0.1435 0.1511 -0.0342 0.0492  -0.0232 14  HYP C CG  
519 C CD  . HYP C 14 ? 0.1022 0.1424 0.1739 -0.0381 0.0405  -0.0338 14  HYP C CD  
520 O OD1 . HYP C 14 ? 0.1545 0.1526 0.1393 -0.0234 0.0547  -0.0061 14  HYP C OD1 
521 N N   . GLY C 15 ? 0.0560 0.0905 0.1012 -0.0326 0.0206  -0.0261 15  GLY C N   
522 C CA  . GLY C 15 ? 0.0680 0.0888 0.1267 -0.0307 0.0362  -0.0176 15  GLY C CA  
523 C C   . GLY C 15 ? 0.0388 0.0569 0.0760 -0.0206 0.0069  0.0072  15  GLY C C   
524 O O   . GLY C 15 ? 0.0558 0.0895 0.1559 -0.0220 0.0235  -0.0095 15  GLY C O   
525 N N   . VAL C 16 ? 0.0663 0.0539 0.0837 -0.0232 0.0194  0.0165  16  VAL C N   
526 C CA  . VAL C 16 ? 0.0587 0.0538 0.0967 -0.0205 0.0133  0.0143  16  VAL C CA  
527 C C   . VAL C 16 ? 0.0647 0.0492 0.0929 -0.0268 0.0160  0.0026  16  VAL C C   
528 O O   . VAL C 16 ? 0.0554 0.0623 0.1099 -0.0272 0.0140  -0.0123 16  VAL C O   
529 C CB  . VAL C 16 ? 0.0925 0.0695 0.1411 -0.0248 0.0161  0.0101  16  VAL C CB  
530 C CG1 . VAL C 16 ? 0.0813 0.1099 0.1894 -0.0237 0.0165  0.0141  16  VAL C CG1 
531 C CG2 . VAL C 16 ? 0.0937 0.0647 0.1640 -0.0008 0.0078  0.0169  16  VAL C CG2 
532 N N   . HYP C 17 ? 0.0627 0.0591 0.0873 -0.0345 0.0074  0.0014  17  HYP C N   
533 C CA  . HYP C 17 ? 0.0600 0.0875 0.1204 -0.0251 0.0043  -0.0171 17  HYP C CA  
534 C C   . HYP C 17 ? 0.0578 0.0873 0.0953 -0.0268 -0.0060 -0.0009 17  HYP C C   
535 O O   . HYP C 17 ? 0.0614 0.0781 0.1178 -0.0323 0.0055  -0.0115 17  HYP C O   
536 C CB  . HYP C 17 ? 0.0892 0.0834 0.1150 -0.0273 0.0248  -0.0128 17  HYP C CB  
537 C CG  . HYP C 17 ? 0.0842 0.1058 0.0921 -0.0427 0.0192  -0.0177 17  HYP C CG  
538 C CD  . HYP C 17 ? 0.0696 0.0834 0.1052 -0.0420 -0.0082 -0.0117 17  HYP C CD  
539 O OD1 . HYP C 17 ? 0.1002 0.0922 0.1174 -0.0450 0.0338  0.0078  17  HYP C OD1 
540 N N   . GLY C 18 ? 0.0651 0.0955 0.0842 -0.0442 0.0036  0.0037  18  GLY C N   
541 C CA  . GLY C 18 ? 0.0791 0.0795 0.0857 -0.0427 0.0092  0.0041  18  GLY C CA  
542 C C   . GLY C 18 ? 0.0600 0.0678 0.1067 -0.0213 0.0034  0.0167  18  GLY C C   
543 O O   . GLY C 18 ? 0.0746 0.0792 0.1068 -0.0309 0.0128  0.0305  18  GLY C O   
544 N N   . PRO C 19 ? 0.0833 0.0616 0.1650 -0.0179 0.0120  0.0061  19  PRO C N   
545 C CA  . PRO C 19 ? 0.0941 0.0764 0.1648 -0.0170 0.0299  0.0232  19  PRO C CA  
546 C C   . PRO C 19 ? 0.1023 0.0784 0.1351 -0.0337 0.0298  0.0248  19  PRO C C   
547 O O   . PRO C 19 ? 0.0736 0.0743 0.1264 -0.0319 0.0114  0.0235  19  PRO C O   
548 C CB  . PRO C 19 ? 0.0795 0.0753 0.2189 -0.0109 0.0434  0.0033  19  PRO C CB  
549 C CG  . PRO C 19 ? 0.0948 0.0881 0.2277 -0.0120 0.0156  -0.0117 19  PRO C CG  
550 C CD  . PRO C 19 ? 0.0809 0.0964 0.1630 -0.0112 0.0051  -0.0083 19  PRO C CD  
551 N N   . HYP C 20 ? 0.0778 0.0768 0.1580 -0.0327 -0.0043 0.0237  20  HYP C N   
552 C CA  . HYP C 20 ? 0.1019 0.0642 0.1746 -0.0199 -0.0015 0.0347  20  HYP C CA  
553 C C   . HYP C 20 ? 0.0855 0.0580 0.1885 -0.0166 0.0016  0.0145  20  HYP C C   
554 O O   . HYP C 20 ? 0.0783 0.0714 0.1929 -0.0177 0.0226  -0.0019 20  HYP C O   
555 C CB  . HYP C 20 ? 0.1306 0.0923 0.1931 -0.0409 0.0159  0.0404  20  HYP C CB  
556 C CG  . HYP C 20 ? 0.1577 0.0885 0.1960 -0.0425 0.0123  0.0436  20  HYP C CG  
557 C CD  . HYP C 20 ? 0.1140 0.0852 0.2026 -0.0286 0.0055  0.0446  20  HYP C CD  
558 O OD1 . HYP C 20 ? 0.1961 0.0975 0.2106 -0.0488 0.0017  0.0392  20  HYP C OD1 
559 N N   . GLY C 21 ? 0.0658 0.0573 0.1777 -0.0131 0.0012  0.0157  21  GLY C N   
560 C CA  . GLY C 21 ? 0.0774 0.0692 0.1958 -0.0200 0.0096  0.0143  21  GLY C CA  
561 C C   . GLY C 21 ? 0.0718 0.0878 0.1618 -0.0315 0.0284  -0.0099 21  GLY C C   
562 O O   . GLY C 21 ? 0.0861 0.0914 0.1665 -0.0366 0.0387  -0.0345 21  GLY C O   
563 N N   . PRO C 22 ? 0.0958 0.1059 0.1341 -0.0546 0.0251  -0.0092 22  PRO C N   
564 C CA  . PRO C 22 ? 0.1197 0.1165 0.1099 -0.0653 0.0348  -0.0283 22  PRO C CA  
565 C C   . PRO C 22 ? 0.1070 0.1180 0.1212 -0.0617 0.0273  -0.0307 22  PRO C C   
566 O O   . PRO C 22 ? 0.0973 0.1240 0.1597 -0.0529 0.0339  -0.0453 22  PRO C O   
567 C CB  . PRO C 22 ? 0.1537 0.1392 0.1137 -0.0725 0.0374  -0.0303 22  PRO C CB  
568 C CG  . PRO C 22 ? 0.1546 0.1454 0.1725 -0.0714 0.0352  -0.0148 22  PRO C CG  
569 C CD  . PRO C 22 ? 0.1344 0.1406 0.1466 -0.0686 0.0190  -0.0104 22  PRO C CD  
570 N N   . HYP C 23 ? 0.1244 0.1309 0.1469 -0.0680 0.0399  -0.0184 23  HYP C N   
571 C CA  . HYP C 23 ? 0.1287 0.1627 0.1456 -0.0777 0.0418  -0.0404 23  HYP C CA  
572 C C   . HYP C 23 ? 0.1226 0.1633 0.1433 -0.0750 0.0413  -0.0393 23  HYP C C   
573 O O   . HYP C 23 ? 0.1217 0.2014 0.1589 -0.0790 0.0407  -0.0464 23  HYP C O   
574 C CB  . HYP C 23 ? 0.1586 0.1639 0.2083 -0.0745 0.0458  -0.0245 23  HYP C CB  
575 C CG  . HYP C 23 ? 0.1711 0.1798 0.2280 -0.0713 0.0505  -0.0160 23  HYP C CG  
576 C CD  . HYP C 23 ? 0.1502 0.1557 0.1860 -0.0783 0.0535  -0.0233 23  HYP C CD  
577 O OD1 . HYP C 23 ? 0.1929 0.2070 0.2424 -0.0854 0.0334  -0.0335 23  HYP C OD1 
578 N N   . GLY C 24 ? 0.1147 0.1650 0.1397 -0.0701 0.0423  -0.0349 24  GLY C N   
579 C CA  . GLY C 24 ? 0.0984 0.1600 0.2046 -0.0581 0.0317  -0.0332 24  GLY C CA  
580 C C   . GLY C 24 ? 0.0993 0.1548 0.1553 -0.0302 0.0475  0.0079  24  GLY C C   
581 O O   . GLY C 24 ? 0.1074 0.1591 0.1719 -0.0289 0.0280  -0.0028 24  GLY C O   
594 N N   . HYP C 26 ? 0.0964 0.1425 0.1369 -0.0143 0.0234  -0.0127 26  HYP C N   
595 C CA  . HYP C 26 ? 0.1049 0.1418 0.1458 -0.0150 0.0149  -0.0197 26  HYP C CA  
596 C C   . HYP C 26 ? 0.0872 0.1613 0.1484 -0.0089 0.0099  -0.0038 26  HYP C C   
597 O O   . HYP C 26 ? 0.0994 0.1647 0.1599 -0.0008 0.0087  0.0026  26  HYP C O   
598 C CB  . HYP C 26 ? 0.1283 0.1499 0.1429 -0.0263 0.0142  -0.0502 26  HYP C CB  
599 C CG  . HYP C 26 ? 0.1316 0.1350 0.1807 -0.0100 0.0390  -0.0065 26  HYP C CG  
600 C CD  . HYP C 26 ? 0.1253 0.1264 0.1332 -0.0239 0.0378  -0.0143 26  HYP C CD  
601 O OD1 . HYP C 26 ? 0.1395 0.1509 0.2170 0.0077  0.0250  -0.0300 26  HYP C OD1 
602 N N   . GLY C 27 ? 0.0645 0.2088 0.1325 -0.0079 0.0283  -0.0104 27  GLY C N   
603 C CA  . GLY C 27 ? 0.0647 0.2286 0.1673 0.0170  0.0079  -0.0030 27  GLY C CA  
604 C C   . GLY C 27 ? 0.0892 0.2463 0.1936 0.0137  0.0284  0.0065  27  GLY C C   
605 O O   . GLY C 27 ? 0.1048 0.2736 0.1949 0.0061  0.0210  -0.0138 27  GLY C O   
606 N N   . PRO C 28 ? 0.0846 0.2635 0.2457 0.0223  0.0360  0.0324  28  PRO C N   
607 C CA  . PRO C 28 ? 0.0777 0.2632 0.2675 0.0175  0.0104  0.0308  28  PRO C CA  
608 C C   . PRO C 28 ? 0.0768 0.2617 0.2602 0.0262  -0.0200 0.0159  28  PRO C C   
609 O O   . PRO C 28 ? 0.0793 0.2630 0.2806 0.0276  0.0019  0.0208  28  PRO C O   
610 C CB  . PRO C 28 ? 0.1048 0.2412 0.3066 0.0156  0.0150  0.0370  28  PRO C CB  
611 C CG  . PRO C 28 ? 0.1238 0.2515 0.2939 0.0226  0.0355  0.0478  28  PRO C CG  
612 C CD  . PRO C 28 ? 0.1033 0.2591 0.2469 0.0136  0.0509  0.0424  28  PRO C CD  
626 C C1  . EDO D .  ? 0.2217 0.5453 0.6208 0.0719  -0.0115 0.1973  101 EDO A C1  
627 O O1  . EDO D .  ? 0.2138 0.5589 0.6323 0.0646  -0.0115 0.1807  101 EDO A O1  
628 C C2  . EDO D .  ? 0.2263 0.5398 0.6262 0.0745  -0.0067 0.2073  101 EDO A C2  
629 O O2  . EDO D .  ? 0.2241 0.5373 0.6085 0.0723  -0.0042 0.2136  101 EDO A O2  
# 
